data_5HUZ
#
_entry.id   5HUZ
#
_entity_poly.entity_id   1
_entity_poly.type   'polypeptide(L)'
_entity_poly.pdbx_seq_one_letter_code
;DFKKLYEQILAENEKLKAQLHDTNMELTDLKLQLEKATQRQERFADRS
;
_entity_poly.pdbx_strand_id   A,B
#
# COMPACT_ATOMS: atom_id res chain seq x y z
N ASP A 1 -10.56 -25.84 14.79
CA ASP A 1 -10.24 -24.41 15.01
C ASP A 1 -9.91 -23.69 13.70
N PHE A 2 -9.61 -24.45 12.63
CA PHE A 2 -9.12 -23.90 11.34
C PHE A 2 -10.02 -22.82 10.67
N LYS A 3 -11.28 -22.65 11.15
CA LYS A 3 -12.19 -21.62 10.58
C LYS A 3 -11.65 -20.21 10.91
N LYS A 4 -11.04 -20.06 12.11
CA LYS A 4 -10.39 -18.80 12.50
C LYS A 4 -9.10 -18.61 11.71
N LEU A 5 -8.36 -19.73 11.42
CA LEU A 5 -7.07 -19.69 10.69
C LEU A 5 -7.21 -18.88 9.40
N TYR A 6 -8.28 -19.22 8.65
CA TYR A 6 -8.70 -18.53 7.43
C TYR A 6 -8.96 -17.04 7.73
N GLU A 7 -9.84 -16.78 8.70
CA GLU A 7 -10.33 -15.44 9.02
C GLU A 7 -9.23 -14.50 9.53
N GLN A 8 -8.20 -15.04 10.20
CA GLN A 8 -7.12 -14.22 10.81
C GLN A 8 -6.27 -13.60 9.71
N ILE A 9 -5.65 -14.44 8.84
CA ILE A 9 -4.87 -13.91 7.70
C ILE A 9 -5.77 -13.11 6.72
N LEU A 10 -6.99 -13.62 6.44
CA LEU A 10 -7.92 -13.01 5.43
C LEU A 10 -8.42 -11.62 5.91
N ALA A 11 -8.61 -11.43 7.23
CA ALA A 11 -9.02 -10.13 7.80
C ALA A 11 -7.89 -9.11 7.63
N GLU A 12 -6.63 -9.59 7.79
CA GLU A 12 -5.44 -8.77 7.58
C GLU A 12 -5.27 -8.47 6.07
N ASN A 13 -5.61 -9.47 5.25
CA ASN A 13 -5.56 -9.43 3.76
C ASN A 13 -6.57 -8.39 3.23
N GLU A 14 -7.72 -8.32 3.95
CA GLU A 14 -8.80 -7.35 3.73
C GLU A 14 -8.31 -5.93 4.03
N LYS A 15 -7.71 -5.77 5.23
CA LYS A 15 -7.18 -4.49 5.69
C LYS A 15 -6.18 -3.95 4.65
N LEU A 16 -5.26 -4.86 4.24
CA LEU A 16 -4.21 -4.60 3.24
C LEU A 16 -4.81 -4.23 1.87
N LYS A 17 -5.94 -4.84 1.52
CA LYS A 17 -6.66 -4.56 0.27
C LYS A 17 -7.21 -3.12 0.27
N ALA A 18 -7.72 -2.70 1.44
CA ALA A 18 -8.37 -1.40 1.61
C ALA A 18 -7.34 -0.27 1.55
N GLN A 19 -6.35 -0.33 2.45
CA GLN A 19 -5.29 0.68 2.58
C GLN A 19 -4.45 0.83 1.31
N LEU A 20 -4.23 -0.29 0.56
CA LEU A 20 -3.49 -0.22 -0.71
C LEU A 20 -4.29 0.59 -1.72
N HIS A 21 -5.62 0.32 -1.78
CA HIS A 21 -6.54 1.01 -2.71
C HIS A 21 -6.52 2.51 -2.44
N ASP A 22 -6.54 2.89 -1.15
CA ASP A 22 -6.46 4.29 -0.72
C ASP A 22 -5.12 4.92 -1.13
N THR A 23 -4.01 4.15 -1.00
CA THR A 23 -2.68 4.62 -1.38
C THR A 23 -2.55 4.73 -2.92
N ASN A 24 -3.32 3.90 -3.67
CA ASN A 24 -3.34 3.92 -5.14
C ASN A 24 -4.04 5.21 -5.64
N MET A 25 -5.26 5.46 -5.12
CA MET A 25 -6.06 6.66 -5.47
C MET A 25 -5.38 7.96 -5.05
N GLU A 26 -4.73 7.98 -3.87
CA GLU A 26 -4.06 9.19 -3.36
C GLU A 26 -2.69 9.37 -4.05
N LEU A 27 -2.10 8.27 -4.57
CA LEU A 27 -0.89 8.34 -5.40
C LEU A 27 -1.25 8.94 -6.76
N THR A 28 -2.40 8.53 -7.32
CA THR A 28 -2.92 9.04 -8.59
C THR A 28 -3.32 10.53 -8.44
N ASP A 29 -3.81 10.90 -7.23
CA ASP A 29 -4.05 12.31 -6.85
C ASP A 29 -2.73 13.07 -6.87
N LEU A 30 -1.78 12.62 -6.00
CA LEU A 30 -0.46 13.24 -5.80
C LEU A 30 0.28 13.45 -7.11
N LYS A 31 0.25 12.43 -7.98
CA LYS A 31 0.92 12.41 -9.29
C LYS A 31 0.32 13.49 -10.20
N LEU A 32 -1.02 13.48 -10.31
CA LEU A 32 -1.80 14.36 -11.19
C LEU A 32 -1.48 15.83 -10.88
N GLN A 33 -1.83 16.25 -9.66
CA GLN A 33 -1.65 17.63 -9.18
C GLN A 33 -0.18 18.07 -9.19
N LEU A 34 0.74 17.14 -8.81
CA LEU A 34 2.19 17.45 -8.66
C LEU A 34 2.72 18.08 -9.93
N GLU A 35 2.62 17.30 -11.03
CA GLU A 35 3.14 17.70 -12.35
C GLU A 35 2.33 18.85 -12.96
N LYS A 36 1.03 18.98 -12.57
CA LYS A 36 0.20 20.18 -12.87
C LYS A 36 0.76 21.43 -12.16
N ALA A 37 1.68 21.18 -11.19
CA ALA A 37 2.44 22.20 -10.45
C ALA A 37 1.59 22.72 -9.32
N THR A 38 1.23 21.77 -8.45
CA THR A 38 0.28 22.02 -7.32
C THR A 38 0.88 22.89 -6.20
N GLN A 39 0.02 23.24 -5.22
CA GLN A 39 0.43 23.91 -3.97
C GLN A 39 0.11 23.01 -2.74
N ARG A 40 -1.14 22.51 -2.68
CA ARG A 40 -1.68 21.77 -1.51
C ARG A 40 -2.61 20.62 -1.99
N GLN A 41 -2.72 19.58 -1.14
CA GLN A 41 -3.67 18.44 -1.35
C GLN A 41 -4.35 18.09 -0.03
N GLU A 42 -5.41 17.29 -0.11
CA GLU A 42 -6.18 16.81 1.05
C GLU A 42 -5.88 15.33 1.32
N ARG A 43 -5.62 14.55 0.23
CA ARG A 43 -5.32 13.09 0.25
C ARG A 43 -6.50 12.27 0.87
N PHE A 44 -6.56 12.27 2.22
CA PHE A 44 -7.62 11.62 3.01
C PHE A 44 -8.71 12.64 3.32
N ASP B 1 -4.88 -30.33 4.60
CA ASP B 1 -5.92 -29.83 3.69
C ASP B 1 -6.24 -28.35 4.00
N PHE B 2 -5.89 -27.93 5.22
CA PHE B 2 -6.05 -26.54 5.69
C PHE B 2 -4.68 -25.82 5.73
N LYS B 3 -3.61 -26.63 5.73
CA LYS B 3 -2.22 -26.13 5.73
C LYS B 3 -1.98 -25.22 4.51
N LYS B 4 -2.70 -25.56 3.43
CA LYS B 4 -2.62 -24.87 2.15
C LYS B 4 -3.35 -23.53 2.23
N LEU B 5 -4.51 -23.45 2.97
CA LEU B 5 -5.28 -22.20 3.09
C LEU B 5 -4.38 -21.15 3.75
N TYR B 6 -3.62 -21.61 4.79
CA TYR B 6 -2.61 -20.81 5.48
C TYR B 6 -1.60 -20.26 4.46
N GLU B 7 -1.05 -21.18 3.63
CA GLU B 7 -0.02 -20.87 2.62
C GLU B 7 -0.51 -19.90 1.53
N GLN B 8 -1.77 -20.06 1.07
CA GLN B 8 -2.32 -19.25 -0.06
C GLN B 8 -2.50 -17.79 0.36
N ILE B 9 -3.29 -17.59 1.45
CA ILE B 9 -3.63 -16.24 1.93
C ILE B 9 -2.38 -15.52 2.47
N LEU B 10 -1.47 -16.26 3.16
CA LEU B 10 -0.23 -15.69 3.76
C LEU B 10 0.76 -15.28 2.66
N ALA B 11 0.84 -16.07 1.58
CA ALA B 11 1.70 -15.75 0.41
C ALA B 11 1.23 -14.43 -0.24
N GLU B 12 -0.10 -14.30 -0.36
CA GLU B 12 -0.77 -13.10 -0.87
C GLU B 12 -0.60 -11.91 0.10
N ASN B 13 -0.68 -12.22 1.42
CA ASN B 13 -0.62 -11.23 2.52
C ASN B 13 0.77 -10.57 2.59
N GLU B 14 1.81 -11.41 2.41
CA GLU B 14 3.21 -10.98 2.27
C GLU B 14 3.36 -10.04 1.07
N LYS B 15 2.83 -10.50 -0.08
CA LYS B 15 2.84 -9.74 -1.33
C LYS B 15 2.13 -8.38 -1.14
N LEU B 16 1.03 -8.38 -0.36
CA LEU B 16 0.22 -7.17 -0.10
C LEU B 16 0.99 -6.17 0.76
N LYS B 17 1.84 -6.68 1.64
CA LYS B 17 2.74 -5.89 2.47
C LYS B 17 3.80 -5.20 1.58
N ALA B 18 4.29 -5.95 0.57
CA ALA B 18 5.35 -5.50 -0.34
C ALA B 18 4.83 -4.49 -1.37
N GLN B 19 3.65 -4.76 -1.94
CA GLN B 19 3.05 -3.94 -3.01
C GLN B 19 2.56 -2.60 -2.44
N LEU B 20 2.05 -2.62 -1.18
CA LEU B 20 1.63 -1.38 -0.50
C LEU B 20 2.85 -0.51 -0.29
N HIS B 21 3.96 -1.15 0.18
CA HIS B 21 5.23 -0.46 0.44
C HIS B 21 5.78 0.16 -0.86
N ASP B 22 5.61 -0.55 -1.98
CA ASP B 22 6.05 -0.12 -3.31
C ASP B 22 5.26 1.14 -3.75
N THR B 23 3.94 1.09 -3.55
CA THR B 23 3.00 2.19 -3.85
C THR B 23 3.23 3.38 -2.87
N ASN B 24 3.71 3.07 -1.65
CA ASN B 24 4.08 4.07 -0.62
C ASN B 24 5.36 4.79 -1.01
N MET B 25 6.34 4.06 -1.58
CA MET B 25 7.62 4.64 -2.05
C MET B 25 7.40 5.64 -3.18
N GLU B 26 6.44 5.32 -4.08
CA GLU B 26 6.01 6.25 -5.14
C GLU B 26 5.37 7.50 -4.50
N LEU B 27 4.47 7.26 -3.54
CA LEU B 27 3.76 8.33 -2.79
C LEU B 27 4.75 9.23 -2.01
N THR B 28 5.88 8.63 -1.57
CA THR B 28 6.94 9.33 -0.81
C THR B 28 7.83 10.14 -1.79
N ASP B 29 8.02 9.61 -3.01
CA ASP B 29 8.67 10.32 -4.12
C ASP B 29 7.84 11.55 -4.50
N LEU B 30 6.51 11.38 -4.49
CA LEU B 30 5.54 12.40 -4.90
C LEU B 30 5.40 13.53 -3.86
N LYS B 31 5.51 13.21 -2.54
CA LYS B 31 5.47 14.25 -1.48
C LYS B 31 6.80 15.03 -1.45
N LEU B 32 7.90 14.35 -1.86
CA LEU B 32 9.23 14.97 -1.99
C LEU B 32 9.22 15.97 -3.16
N GLN B 33 8.76 15.52 -4.35
CA GLN B 33 8.61 16.38 -5.53
C GLN B 33 7.67 17.55 -5.24
N LEU B 34 6.67 17.30 -4.35
CA LEU B 34 5.65 18.28 -3.95
C LEU B 34 6.32 19.51 -3.32
N GLU B 35 7.05 19.25 -2.22
CA GLU B 35 7.74 20.29 -1.44
C GLU B 35 8.91 20.92 -2.24
N LYS B 36 9.32 20.28 -3.34
CA LYS B 36 10.29 20.87 -4.30
C LYS B 36 9.58 21.75 -5.37
N ALA B 37 8.38 21.32 -5.81
CA ALA B 37 7.59 22.01 -6.85
C ALA B 37 6.98 23.31 -6.30
N THR B 38 6.71 23.29 -5.00
CA THR B 38 6.00 24.36 -4.29
C THR B 38 6.45 24.39 -2.82
N GLN B 39 5.77 25.20 -2.00
CA GLN B 39 6.03 25.29 -0.55
C GLN B 39 5.49 24.03 0.17
N ARG B 40 4.39 23.47 -0.39
CA ARG B 40 3.65 22.30 0.15
C ARG B 40 2.91 22.68 1.46
N GLN B 41 1.93 21.84 1.86
CA GLN B 41 1.29 21.96 3.17
C GLN B 41 2.30 21.52 4.26
N GLU B 42 2.39 22.29 5.35
CA GLU B 42 3.41 22.08 6.41
C GLU B 42 2.75 21.50 7.68
N ARG B 43 2.20 20.28 7.52
CA ARG B 43 1.62 19.51 8.65
C ARG B 43 2.74 18.91 9.51
N PHE B 44 3.84 18.53 8.84
CA PHE B 44 5.10 18.13 9.47
C PHE B 44 6.26 18.53 8.53
N ASP A 1 -10.66 -26.77 14.20
CA ASP A 1 -9.58 -25.92 14.74
C ASP A 1 -8.90 -25.13 13.63
N PHE A 2 -8.56 -25.81 12.51
CA PHE A 2 -7.81 -25.22 11.38
C PHE A 2 -8.62 -24.21 10.54
N LYS A 3 -9.91 -24.02 10.90
CA LYS A 3 -10.79 -23.06 10.23
C LYS A 3 -10.28 -21.62 10.47
N LYS A 4 -9.73 -21.39 11.67
CA LYS A 4 -9.19 -20.08 12.08
C LYS A 4 -7.79 -19.87 11.53
N LEU A 5 -7.05 -20.98 11.26
CA LEU A 5 -5.70 -20.90 10.64
C LEU A 5 -5.80 -20.13 9.32
N TYR A 6 -6.81 -20.55 8.53
CA TYR A 6 -7.22 -19.92 7.27
C TYR A 6 -7.50 -18.42 7.51
N GLU A 7 -8.43 -18.16 8.44
CA GLU A 7 -8.98 -16.83 8.70
C GLU A 7 -7.97 -15.82 9.24
N GLN A 8 -6.97 -16.28 10.02
CA GLN A 8 -5.95 -15.40 10.62
C GLN A 8 -5.04 -14.77 9.57
N ILE A 9 -4.46 -15.61 8.68
CA ILE A 9 -3.68 -15.08 7.54
C ILE A 9 -4.61 -14.31 6.56
N LEU A 10 -5.82 -14.86 6.32
CA LEU A 10 -6.82 -14.29 5.38
C LEU A 10 -7.34 -12.92 5.89
N ALA A 11 -7.29 -12.70 7.22
CA ALA A 11 -7.66 -11.42 7.83
C ALA A 11 -6.63 -10.34 7.47
N GLU A 12 -5.35 -10.67 7.68
CA GLU A 12 -4.22 -9.82 7.28
C GLU A 12 -4.20 -9.65 5.74
N ASN A 13 -4.61 -10.71 5.02
CA ASN A 13 -4.64 -10.78 3.54
C ASN A 13 -5.67 -9.79 2.95
N GLU A 14 -6.88 -9.77 3.57
CA GLU A 14 -7.97 -8.82 3.22
C GLU A 14 -7.49 -7.38 3.48
N LYS A 15 -6.93 -7.18 4.68
CA LYS A 15 -6.40 -5.89 5.12
C LYS A 15 -5.36 -5.37 4.12
N LEU A 16 -4.44 -6.28 3.71
CA LEU A 16 -3.33 -5.96 2.78
C LEU A 16 -3.85 -5.71 1.37
N LYS A 17 -4.97 -6.36 1.02
CA LYS A 17 -5.65 -6.15 -0.27
C LYS A 17 -6.25 -4.72 -0.34
N ALA A 18 -6.74 -4.25 0.83
CA ALA A 18 -7.44 -2.97 0.97
C ALA A 18 -6.45 -1.80 0.93
N GLN A 19 -5.43 -1.86 1.80
CA GLN A 19 -4.41 -0.81 1.93
C GLN A 19 -3.54 -0.71 0.67
N LEU A 20 -3.31 -1.84 -0.05
CA LEU A 20 -2.57 -1.79 -1.34
C LEU A 20 -3.42 -1.06 -2.37
N HIS A 21 -4.72 -1.41 -2.44
CA HIS A 21 -5.70 -0.80 -3.36
C HIS A 21 -5.72 0.71 -3.14
N ASP A 22 -5.78 1.08 -1.85
CA ASP A 22 -5.82 2.45 -1.37
C ASP A 22 -4.52 3.20 -1.73
N THR A 23 -3.36 2.56 -1.46
CA THR A 23 -2.04 3.16 -1.70
C THR A 23 -1.73 3.27 -3.20
N ASN A 24 -2.34 2.38 -4.02
CA ASN A 24 -2.18 2.41 -5.50
C ASN A 24 -2.97 3.60 -6.09
N MET A 25 -4.18 3.83 -5.57
CA MET A 25 -5.06 4.93 -6.04
C MET A 25 -4.48 6.31 -5.66
N GLU A 26 -3.91 6.42 -4.44
CA GLU A 26 -3.31 7.68 -3.95
C GLU A 26 -1.90 7.87 -4.55
N LEU A 27 -1.26 6.77 -5.00
CA LEU A 27 -0.01 6.81 -5.79
C LEU A 27 -0.30 7.48 -7.14
N THR A 28 -1.30 6.92 -7.86
CA THR A 28 -1.73 7.43 -9.18
C THR A 28 -2.16 8.90 -9.08
N ASP A 29 -2.83 9.24 -7.96
CA ASP A 29 -3.25 10.60 -7.62
C ASP A 29 -2.02 11.50 -7.44
N LEU A 30 -1.08 11.06 -6.56
CA LEU A 30 0.09 11.87 -6.13
C LEU A 30 1.00 12.24 -7.30
N LYS A 31 1.14 11.30 -8.28
CA LYS A 31 2.00 11.52 -9.47
C LYS A 31 1.28 12.41 -10.51
N LEU A 32 -0.06 12.29 -10.60
CA LEU A 32 -0.89 13.10 -11.51
C LEU A 32 -0.76 14.58 -11.12
N GLN A 33 -1.11 14.88 -9.85
CA GLN A 33 -1.03 16.24 -9.30
C GLN A 33 0.42 16.75 -9.28
N LEU A 34 1.40 15.82 -9.05
CA LEU A 34 2.85 16.11 -9.03
C LEU A 34 3.25 16.93 -10.25
N GLU A 35 3.00 16.31 -11.44
CA GLU A 35 3.35 16.89 -12.76
C GLU A 35 2.46 18.09 -13.12
N LYS A 36 1.23 18.15 -12.54
CA LYS A 36 0.38 19.39 -12.58
C LYS A 36 1.01 20.52 -11.73
N ALA A 37 2.06 20.16 -10.97
CA ALA A 37 2.95 21.05 -10.19
C ALA A 37 2.28 21.40 -8.87
N THR A 38 1.97 20.32 -8.12
CA THR A 38 1.14 20.42 -6.90
C THR A 38 1.94 20.80 -5.65
N GLN A 39 1.19 21.03 -4.58
CA GLN A 39 1.69 21.27 -3.23
C GLN A 39 1.12 20.19 -2.28
N ARG A 40 -0.22 20.18 -2.15
CA ARG A 40 -0.94 19.32 -1.19
C ARG A 40 -1.54 18.09 -1.91
N GLN A 41 -1.83 17.02 -1.13
CA GLN A 41 -2.59 15.86 -1.61
C GLN A 41 -4.04 15.93 -1.05
N GLU A 42 -4.33 15.17 0.03
CA GLU A 42 -5.71 15.02 0.57
C GLU A 42 -5.69 14.23 1.87
N ARG A 43 -4.95 13.08 1.85
CA ARG A 43 -4.95 12.07 2.95
C ARG A 43 -4.55 12.70 4.31
N PHE A 44 -3.57 13.60 4.24
CA PHE A 44 -3.17 14.45 5.37
C PHE A 44 -2.84 15.86 4.86
N ASP B 1 -3.31 -31.99 5.64
CA ASP B 1 -3.91 -31.42 4.41
C ASP B 1 -4.18 -29.92 4.58
N PHE B 2 -3.98 -29.42 5.79
CA PHE B 2 -4.14 -28.00 6.13
C PHE B 2 -2.79 -27.25 6.08
N LYS B 3 -1.68 -28.02 5.96
CA LYS B 3 -0.33 -27.46 5.79
C LYS B 3 -0.29 -26.54 4.55
N LYS B 4 -1.01 -26.97 3.50
CA LYS B 4 -1.08 -26.25 2.23
C LYS B 4 -1.85 -24.94 2.41
N LEU B 5 -2.98 -24.95 3.18
CA LEU B 5 -3.82 -23.74 3.33
C LEU B 5 -2.97 -22.60 3.91
N TYR B 6 -2.16 -22.96 4.94
CA TYR B 6 -1.24 -22.03 5.59
C TYR B 6 -0.27 -21.43 4.55
N GLU B 7 0.38 -22.31 3.77
CA GLU B 7 1.40 -21.91 2.77
C GLU B 7 0.82 -21.08 1.62
N GLN B 8 -0.40 -21.42 1.17
CA GLN B 8 -1.04 -20.75 0.00
C GLN B 8 -1.37 -19.30 0.32
N ILE B 9 -2.14 -19.07 1.41
CA ILE B 9 -2.53 -17.71 1.83
C ILE B 9 -1.29 -16.89 2.25
N LEU B 10 -0.33 -17.55 2.94
CA LEU B 10 0.92 -16.90 3.42
C LEU B 10 1.82 -16.55 2.22
N ALA B 11 1.77 -17.34 1.13
CA ALA B 11 2.54 -17.04 -0.11
C ALA B 11 2.02 -15.73 -0.75
N GLU B 12 0.68 -15.61 -0.85
CA GLU B 12 0.01 -14.39 -1.33
C GLU B 12 0.32 -13.22 -0.38
N ASN B 13 0.21 -13.47 0.93
CA ASN B 13 0.36 -12.47 2.01
C ASN B 13 1.80 -11.93 2.06
N GLU B 14 2.76 -12.83 1.81
CA GLU B 14 4.20 -12.53 1.70
C GLU B 14 4.42 -11.55 0.55
N LYS B 15 3.82 -11.88 -0.61
CA LYS B 15 3.83 -11.03 -1.79
C LYS B 15 3.21 -9.67 -1.44
N LEU B 16 2.07 -9.70 -0.71
CA LEU B 16 1.27 -8.51 -0.37
C LEU B 16 2.10 -7.52 0.48
N LYS B 17 3.00 -8.05 1.30
CA LYS B 17 3.88 -7.24 2.14
C LYS B 17 5.01 -6.61 1.30
N ALA B 18 5.54 -7.38 0.33
CA ALA B 18 6.64 -6.93 -0.54
C ALA B 18 6.16 -5.87 -1.56
N GLN B 19 4.95 -6.09 -2.12
CA GLN B 19 4.37 -5.23 -3.16
C GLN B 19 3.85 -3.93 -2.55
N LEU B 20 3.27 -4.01 -1.32
CA LEU B 20 2.80 -2.80 -0.60
C LEU B 20 3.99 -1.92 -0.25
N HIS B 21 5.08 -2.58 0.23
CA HIS B 21 6.29 -1.88 0.65
C HIS B 21 6.90 -1.11 -0.53
N ASP B 22 6.85 -1.75 -1.72
CA ASP B 22 7.31 -1.15 -2.98
C ASP B 22 6.42 0.07 -3.35
N THR B 23 5.09 -0.13 -3.28
CA THR B 23 4.06 0.89 -3.59
C THR B 23 4.14 2.09 -2.61
N ASN B 24 4.51 1.80 -1.36
CA ASN B 24 4.61 2.80 -0.28
C ASN B 24 5.89 3.60 -0.44
N MET B 25 6.97 2.96 -0.94
CA MET B 25 8.22 3.64 -1.32
C MET B 25 8.00 4.61 -2.49
N GLU B 26 7.13 4.21 -3.45
CA GLU B 26 6.74 5.07 -4.58
C GLU B 26 5.97 6.29 -4.04
N LEU B 27 5.00 6.02 -3.14
CA LEU B 27 4.17 7.05 -2.48
C LEU B 27 5.03 8.06 -1.68
N THR B 28 6.02 7.51 -0.94
CA THR B 28 6.97 8.32 -0.13
C THR B 28 7.84 9.20 -1.05
N ASP B 29 8.22 8.61 -2.20
CA ASP B 29 9.01 9.28 -3.24
C ASP B 29 8.20 10.40 -3.91
N LEU B 30 6.89 10.15 -4.07
CA LEU B 30 5.96 11.08 -4.73
C LEU B 30 5.74 12.32 -3.87
N LYS B 31 5.47 12.13 -2.55
CA LYS B 31 5.27 13.26 -1.60
C LYS B 31 6.56 14.10 -1.56
N LEU B 32 7.71 13.38 -1.57
CA LEU B 32 9.07 13.95 -1.59
C LEU B 32 9.28 14.82 -2.85
N GLN B 33 8.74 14.36 -3.99
CA GLN B 33 8.79 15.09 -5.26
C GLN B 33 7.83 16.30 -5.25
N LEU B 34 6.74 16.26 -4.42
CA LEU B 34 5.80 17.42 -4.26
C LEU B 34 6.53 18.57 -3.55
N GLU B 35 7.42 18.17 -2.61
CA GLU B 35 8.27 19.10 -1.83
C GLU B 35 9.28 19.77 -2.76
N LYS B 36 9.78 18.98 -3.71
CA LYS B 36 10.65 19.46 -4.79
C LYS B 36 9.88 20.33 -5.81
N ALA B 37 8.60 19.97 -6.08
CA ALA B 37 7.77 20.60 -7.14
C ALA B 37 7.50 22.08 -6.81
N THR B 38 6.99 22.32 -5.60
CA THR B 38 6.72 23.67 -5.08
C THR B 38 7.45 23.84 -3.74
N GLN B 39 6.95 23.11 -2.73
CA GLN B 39 7.44 23.12 -1.34
C GLN B 39 6.62 22.11 -0.49
N ARG B 40 5.36 21.86 -0.90
CA ARG B 40 4.39 20.94 -0.22
C ARG B 40 3.98 21.48 1.17
N GLN B 41 2.83 20.97 1.67
CA GLN B 41 2.35 21.22 3.06
C GLN B 41 3.41 20.81 4.11
N GLU B 42 4.18 19.72 3.80
CA GLU B 42 5.32 19.18 4.60
C GLU B 42 5.00 19.05 6.11
N ARG B 43 3.71 18.87 6.43
CA ARG B 43 3.21 18.72 7.81
C ARG B 43 3.62 17.33 8.32
N PHE B 44 3.10 16.31 7.63
CA PHE B 44 3.57 14.93 7.72
C PHE B 44 3.50 14.35 6.29
N ASP A 1 -9.57 -26.17 15.38
CA ASP A 1 -8.39 -25.28 15.30
C ASP A 1 -8.16 -24.76 13.87
N PHE A 2 -8.41 -25.62 12.86
CA PHE A 2 -8.08 -25.30 11.46
C PHE A 2 -9.10 -24.38 10.78
N LYS A 3 -10.33 -24.27 11.33
CA LYS A 3 -11.34 -23.33 10.81
C LYS A 3 -10.86 -21.88 11.06
N LYS A 4 -10.30 -21.65 12.28
CA LYS A 4 -9.82 -20.33 12.68
C LYS A 4 -8.42 -20.09 12.13
N LEU A 5 -7.65 -21.19 11.87
CA LEU A 5 -6.31 -21.09 11.22
C LEU A 5 -6.41 -20.29 9.90
N TYR A 6 -7.44 -20.64 9.12
CA TYR A 6 -7.83 -19.94 7.89
C TYR A 6 -8.10 -18.46 8.21
N GLU A 7 -9.00 -18.23 9.18
CA GLU A 7 -9.44 -16.89 9.63
C GLU A 7 -8.27 -16.00 10.09
N GLN A 8 -7.22 -16.60 10.66
CA GLN A 8 -6.04 -15.86 11.16
C GLN A 8 -5.29 -15.18 10.01
N ILE A 9 -4.62 -15.99 9.16
CA ILE A 9 -3.83 -15.44 8.04
C ILE A 9 -4.73 -14.62 7.09
N LEU A 10 -5.98 -15.08 6.88
CA LEU A 10 -6.96 -14.43 5.99
C LEU A 10 -7.38 -13.06 6.56
N ALA A 11 -7.42 -12.91 7.90
CA ALA A 11 -7.75 -11.62 8.55
C ALA A 11 -6.72 -10.56 8.13
N GLU A 12 -5.42 -10.93 8.21
CA GLU A 12 -4.31 -10.05 7.84
C GLU A 12 -4.21 -9.93 6.30
N ASN A 13 -4.56 -11.00 5.58
CA ASN A 13 -4.47 -11.06 4.10
C ASN A 13 -5.47 -10.07 3.46
N GLU A 14 -6.73 -10.15 3.93
CA GLU A 14 -7.81 -9.20 3.61
C GLU A 14 -7.37 -7.77 3.92
N LYS A 15 -6.80 -7.59 5.14
CA LYS A 15 -6.34 -6.28 5.62
C LYS A 15 -5.24 -5.72 4.70
N LEU A 16 -4.31 -6.60 4.26
CA LEU A 16 -3.18 -6.22 3.39
C LEU A 16 -3.67 -5.83 1.99
N LYS A 17 -4.80 -6.42 1.58
CA LYS A 17 -5.48 -6.09 0.34
C LYS A 17 -6.24 -4.73 0.49
N ALA A 18 -6.70 -4.45 1.71
CA ALA A 18 -7.48 -3.23 2.03
C ALA A 18 -6.54 -2.00 2.07
N GLN A 19 -5.38 -2.16 2.74
CA GLN A 19 -4.39 -1.08 2.92
C GLN A 19 -3.58 -0.86 1.64
N LEU A 20 -3.39 -1.92 0.81
CA LEU A 20 -2.77 -1.74 -0.52
C LEU A 20 -3.69 -0.88 -1.38
N HIS A 21 -5.01 -1.15 -1.28
CA HIS A 21 -6.04 -0.36 -1.98
C HIS A 21 -5.88 1.12 -1.65
N ASP A 22 -5.77 1.45 -0.33
CA ASP A 22 -5.54 2.82 0.14
C ASP A 22 -4.33 3.45 -0.55
N THR A 23 -3.18 2.78 -0.43
CA THR A 23 -1.89 3.30 -0.91
C THR A 23 -1.80 3.33 -2.46
N ASN A 24 -2.54 2.44 -3.14
CA ASN A 24 -2.58 2.40 -4.63
C ASN A 24 -3.34 3.61 -5.16
N MET A 25 -4.50 3.89 -4.54
CA MET A 25 -5.35 5.01 -4.92
C MET A 25 -4.66 6.34 -4.62
N GLU A 26 -4.18 6.52 -3.37
CA GLU A 26 -3.53 7.78 -2.93
C GLU A 26 -2.16 7.97 -3.61
N LEU A 27 -1.58 6.88 -4.16
CA LEU A 27 -0.38 6.98 -5.03
C LEU A 27 -0.78 7.67 -6.33
N THR A 28 -1.90 7.22 -6.94
CA THR A 28 -2.43 7.76 -8.20
C THR A 28 -2.75 9.27 -8.04
N ASP A 29 -3.32 9.61 -6.87
CA ASP A 29 -3.50 11.00 -6.44
C ASP A 29 -2.15 11.73 -6.38
N LEU A 30 -1.22 11.20 -5.57
CA LEU A 30 0.07 11.85 -5.26
C LEU A 30 0.94 12.07 -6.50
N LYS A 31 0.85 11.19 -7.51
CA LYS A 31 1.66 11.34 -8.74
C LYS A 31 0.98 12.31 -9.71
N LEU A 32 -0.37 12.31 -9.70
CA LEU A 32 -1.17 13.20 -10.55
C LEU A 32 -0.94 14.66 -10.15
N GLN A 33 -1.10 14.94 -8.85
CA GLN A 33 -0.91 16.27 -8.29
C GLN A 33 0.57 16.68 -8.30
N LEU A 34 1.48 15.67 -8.15
CA LEU A 34 2.94 15.90 -8.21
C LEU A 34 3.29 16.69 -9.47
N GLU A 35 2.96 16.04 -10.62
CA GLU A 35 3.30 16.48 -11.98
C GLU A 35 2.45 17.69 -12.44
N LYS A 36 1.31 17.95 -11.75
CA LYS A 36 0.60 19.26 -11.84
C LYS A 36 1.49 20.38 -11.27
N ALA A 37 2.49 19.93 -10.49
CA ALA A 37 3.59 20.75 -9.94
C ALA A 37 3.08 21.44 -8.69
N THR A 38 2.36 20.64 -7.87
CA THR A 38 1.50 21.23 -6.79
C THR A 38 2.21 21.29 -5.42
N GLN A 39 1.47 21.83 -4.44
CA GLN A 39 1.87 21.91 -3.02
C GLN A 39 1.16 20.83 -2.18
N ARG A 40 -0.16 20.67 -2.39
CA ARG A 40 -1.03 19.84 -1.52
C ARG A 40 -1.99 18.98 -2.34
N GLN A 41 -2.36 17.82 -1.76
CA GLN A 41 -3.39 16.90 -2.28
C GLN A 41 -4.63 16.94 -1.36
N GLU A 42 -5.74 16.33 -1.83
CA GLU A 42 -6.99 16.20 -1.06
C GLU A 42 -6.89 15.07 -0.01
N ARG A 43 -5.81 14.25 -0.13
CA ARG A 43 -5.40 13.20 0.84
C ARG A 43 -6.39 12.02 0.84
N PHE A 44 -7.59 12.24 1.38
CA PHE A 44 -8.66 11.22 1.42
C PHE A 44 -10.01 11.89 1.16
N ASP B 1 -3.73 -32.08 5.74
CA ASP B 1 -4.57 -31.62 4.62
C ASP B 1 -4.96 -30.14 4.78
N PHE B 2 -4.71 -29.59 5.97
CA PHE B 2 -4.94 -28.16 6.28
C PHE B 2 -3.60 -27.38 6.33
N LYS B 3 -2.49 -28.13 6.40
CA LYS B 3 -1.13 -27.55 6.38
C LYS B 3 -0.92 -26.70 5.11
N LYS B 4 -1.61 -27.13 4.04
CA LYS B 4 -1.60 -26.47 2.75
C LYS B 4 -2.36 -25.14 2.82
N LEU B 5 -3.52 -25.08 3.56
CA LEU B 5 -4.33 -23.84 3.66
C LEU B 5 -3.46 -22.74 4.25
N TYR B 6 -2.68 -23.14 5.28
CA TYR B 6 -1.71 -22.25 5.94
C TYR B 6 -0.75 -21.67 4.90
N GLU B 7 -0.16 -22.56 4.08
CA GLU B 7 0.83 -22.19 3.05
C GLU B 7 0.22 -21.32 1.93
N GLN B 8 -1.04 -21.59 1.54
CA GLN B 8 -1.70 -20.88 0.41
C GLN B 8 -1.92 -19.40 0.73
N ILE B 9 -2.67 -19.15 1.82
CA ILE B 9 -3.02 -17.79 2.25
C ILE B 9 -1.74 -17.01 2.64
N LEU B 10 -0.78 -17.72 3.27
CA LEU B 10 0.50 -17.14 3.72
C LEU B 10 1.39 -16.77 2.51
N ALA B 11 1.34 -17.58 1.44
CA ALA B 11 2.09 -17.30 0.19
C ALA B 11 1.61 -15.98 -0.44
N GLU B 12 0.28 -15.79 -0.45
CA GLU B 12 -0.35 -14.56 -0.93
C GLU B 12 -0.01 -13.39 0.01
N ASN B 13 -0.12 -13.66 1.32
CA ASN B 13 0.11 -12.67 2.41
C ASN B 13 1.57 -12.15 2.37
N GLU B 14 2.48 -13.06 2.00
CA GLU B 14 3.92 -12.79 1.84
C GLU B 14 4.14 -11.81 0.69
N LYS B 15 3.53 -12.13 -0.47
CA LYS B 15 3.52 -11.27 -1.65
C LYS B 15 2.98 -9.88 -1.27
N LEU B 16 1.91 -9.88 -0.45
CA LEU B 16 1.18 -8.67 -0.05
C LEU B 16 2.06 -7.74 0.83
N LYS B 17 2.96 -8.33 1.64
CA LYS B 17 3.94 -7.56 2.44
C LYS B 17 4.93 -6.82 1.51
N ALA B 18 5.42 -7.56 0.50
CA ALA B 18 6.44 -7.06 -0.42
C ALA B 18 5.88 -5.94 -1.32
N GLN B 19 4.70 -6.21 -1.91
CA GLN B 19 4.07 -5.30 -2.87
C GLN B 19 3.62 -4.01 -2.19
N LEU B 20 3.13 -4.10 -0.93
CA LEU B 20 2.70 -2.92 -0.17
C LEU B 20 3.90 -2.01 0.08
N HIS B 21 5.05 -2.64 0.45
CA HIS B 21 6.28 -1.90 0.71
C HIS B 21 6.72 -1.14 -0.55
N ASP B 22 6.61 -1.81 -1.70
CA ASP B 22 6.94 -1.25 -3.02
C ASP B 22 6.05 -0.03 -3.34
N THR B 23 4.73 -0.19 -3.16
CA THR B 23 3.72 0.87 -3.40
C THR B 23 3.94 2.05 -2.43
N ASN B 24 4.44 1.73 -1.21
CA ASN B 24 4.75 2.73 -0.18
C ASN B 24 6.01 3.52 -0.57
N MET B 25 6.99 2.84 -1.21
CA MET B 25 8.23 3.48 -1.70
C MET B 25 7.95 4.52 -2.79
N GLU B 26 6.99 4.21 -3.68
CA GLU B 26 6.58 5.15 -4.73
C GLU B 26 5.91 6.37 -4.08
N LEU B 27 4.99 6.10 -3.14
CA LEU B 27 4.24 7.13 -2.38
C LEU B 27 5.21 8.05 -1.58
N THR B 28 6.28 7.43 -1.02
CA THR B 28 7.36 8.12 -0.29
C THR B 28 8.16 9.02 -1.24
N ASP B 29 8.42 8.51 -2.44
CA ASP B 29 9.16 9.21 -3.50
C ASP B 29 8.35 10.41 -4.00
N LEU B 30 7.01 10.28 -4.00
CA LEU B 30 6.09 11.31 -4.50
C LEU B 30 6.02 12.52 -3.56
N LYS B 31 5.88 12.27 -2.23
CA LYS B 31 5.82 13.36 -1.22
C LYS B 31 7.19 14.06 -1.11
N LEU B 32 8.27 13.28 -1.31
CA LEU B 32 9.63 13.81 -1.31
C LEU B 32 9.87 14.69 -2.56
N GLN B 33 9.37 14.23 -3.71
CA GLN B 33 9.42 15.01 -4.96
C GLN B 33 8.48 16.23 -4.89
N LEU B 34 7.50 16.19 -3.98
CA LEU B 34 6.50 17.27 -3.80
C LEU B 34 7.14 18.46 -3.07
N GLU B 35 8.01 18.16 -2.09
CA GLU B 35 8.81 19.18 -1.41
C GLU B 35 10.03 19.61 -2.25
N LYS B 36 10.42 18.77 -3.22
CA LYS B 36 11.41 19.15 -4.26
C LYS B 36 10.75 20.05 -5.33
N ALA B 37 9.45 19.84 -5.56
CA ALA B 37 8.68 20.61 -6.56
C ALA B 37 8.44 22.04 -6.07
N THR B 38 8.14 22.18 -4.77
CA THR B 38 7.94 23.48 -4.13
C THR B 38 8.41 23.45 -2.66
N GLN B 39 7.68 22.71 -1.81
CA GLN B 39 7.87 22.70 -0.34
C GLN B 39 6.90 21.72 0.34
N ARG B 40 5.76 21.41 -0.33
CA ARG B 40 4.75 20.41 0.12
C ARG B 40 3.98 20.86 1.40
N GLN B 41 2.74 20.34 1.57
CA GLN B 41 1.93 20.54 2.78
C GLN B 41 2.56 19.84 4.00
N GLU B 42 2.35 20.43 5.20
CA GLU B 42 2.93 19.93 6.46
C GLU B 42 2.05 18.84 7.09
N ARG B 43 2.19 17.62 6.56
CA ARG B 43 1.68 16.39 7.20
C ARG B 43 2.79 15.84 8.09
N PHE B 44 3.89 15.41 7.44
CA PHE B 44 5.11 14.97 8.11
C PHE B 44 6.30 15.58 7.33
N ASP A 1 -9.15 -26.23 14.35
CA ASP A 1 -8.35 -24.98 14.42
C ASP A 1 -7.99 -24.47 13.03
N PHE A 2 -7.89 -25.40 12.07
CA PHE A 2 -7.52 -25.10 10.67
C PHE A 2 -8.59 -24.27 9.93
N LYS A 3 -9.87 -24.32 10.35
CA LYS A 3 -10.92 -23.52 9.72
C LYS A 3 -10.67 -22.03 10.01
N LYS A 4 -10.36 -21.72 11.28
CA LYS A 4 -10.14 -20.33 11.70
C LYS A 4 -8.74 -19.88 11.26
N LEU A 5 -7.81 -20.86 11.02
CA LEU A 5 -6.48 -20.60 10.44
C LEU A 5 -6.62 -19.84 9.11
N TYR A 6 -7.62 -20.29 8.32
CA TYR A 6 -8.06 -19.61 7.09
C TYR A 6 -8.42 -18.17 7.41
N GLU A 7 -9.36 -17.98 8.37
CA GLU A 7 -9.82 -16.65 8.81
C GLU A 7 -8.67 -15.75 9.31
N GLN A 8 -7.62 -16.34 9.91
CA GLN A 8 -6.48 -15.59 10.46
C GLN A 8 -5.72 -14.84 9.35
N ILE A 9 -5.02 -15.59 8.47
CA ILE A 9 -4.27 -14.98 7.35
C ILE A 9 -5.20 -14.17 6.43
N LEU A 10 -6.41 -14.72 6.16
CA LEU A 10 -7.40 -14.11 5.24
C LEU A 10 -7.93 -12.76 5.81
N ALA A 11 -7.92 -12.61 7.14
CA ALA A 11 -8.28 -11.33 7.81
C ALA A 11 -7.27 -10.23 7.43
N GLU A 12 -5.97 -10.56 7.58
CA GLU A 12 -4.89 -9.62 7.21
C GLU A 12 -4.81 -9.46 5.68
N ASN A 13 -5.16 -10.53 4.94
CA ASN A 13 -5.14 -10.55 3.46
C ASN A 13 -6.19 -9.55 2.91
N GLU A 14 -7.37 -9.55 3.57
CA GLU A 14 -8.48 -8.59 3.33
C GLU A 14 -7.98 -7.15 3.52
N LYS A 15 -7.34 -6.93 4.68
CA LYS A 15 -6.76 -5.63 5.04
C LYS A 15 -5.75 -5.19 3.98
N LEU A 16 -4.87 -6.13 3.57
CA LEU A 16 -3.75 -5.86 2.65
C LEU A 16 -4.26 -5.44 1.26
N LYS A 17 -5.41 -5.99 0.85
CA LYS A 17 -6.08 -5.60 -0.41
C LYS A 17 -6.62 -4.16 -0.29
N ALA A 18 -7.16 -3.83 0.90
CA ALA A 18 -7.78 -2.53 1.17
C ALA A 18 -6.73 -1.40 1.15
N GLN A 19 -5.67 -1.57 1.97
CA GLN A 19 -4.59 -0.58 2.15
C GLN A 19 -3.72 -0.42 0.90
N LEU A 20 -3.53 -1.51 0.12
CA LEU A 20 -2.81 -1.42 -1.16
C LEU A 20 -3.62 -0.57 -2.12
N HIS A 21 -4.96 -0.80 -2.14
CA HIS A 21 -5.88 -0.10 -3.03
C HIS A 21 -5.88 1.40 -2.70
N ASP A 22 -5.77 1.73 -1.40
CA ASP A 22 -5.60 3.12 -0.94
C ASP A 22 -4.31 3.72 -1.52
N THR A 23 -3.19 2.99 -1.34
CA THR A 23 -1.87 3.47 -1.78
C THR A 23 -1.74 3.55 -3.32
N ASN A 24 -2.52 2.73 -4.04
CA ASN A 24 -2.55 2.73 -5.52
C ASN A 24 -3.35 3.94 -6.02
N MET A 25 -4.49 4.20 -5.36
CA MET A 25 -5.37 5.33 -5.70
C MET A 25 -4.71 6.67 -5.39
N GLU A 26 -3.97 6.74 -4.27
CA GLU A 26 -3.25 7.97 -3.87
C GLU A 26 -1.94 8.10 -4.64
N LEU A 27 -1.44 6.98 -5.22
CA LEU A 27 -0.30 6.99 -6.14
C LEU A 27 -0.71 7.64 -7.47
N THR A 28 -1.84 7.16 -8.03
CA THR A 28 -2.41 7.66 -9.29
C THR A 28 -2.83 9.12 -9.14
N ASP A 29 -3.43 9.41 -7.98
CA ASP A 29 -3.81 10.76 -7.55
C ASP A 29 -2.57 11.65 -7.51
N LEU A 30 -1.52 11.19 -6.79
CA LEU A 30 -0.29 11.98 -6.56
C LEU A 30 0.37 12.39 -7.87
N LYS A 31 0.57 11.43 -8.81
CA LYS A 31 1.27 11.70 -10.09
C LYS A 31 0.43 12.61 -11.02
N LEU A 32 -0.90 12.48 -10.94
CA LEU A 32 -1.87 13.28 -11.72
C LEU A 32 -1.71 14.78 -11.39
N GLN A 33 -1.93 15.11 -10.12
CA GLN A 33 -1.83 16.49 -9.62
C GLN A 33 -0.36 17.01 -9.68
N LEU A 34 0.59 16.08 -9.39
CA LEU A 34 2.04 16.37 -9.41
C LEU A 34 2.43 17.05 -10.70
N GLU A 35 2.15 16.35 -11.83
CA GLU A 35 2.54 16.80 -13.18
C GLU A 35 1.77 18.06 -13.60
N LYS A 36 0.52 18.24 -13.10
CA LYS A 36 -0.22 19.53 -13.23
C LYS A 36 0.55 20.68 -12.50
N ALA A 37 1.50 20.27 -11.65
CA ALA A 37 2.48 21.14 -10.95
C ALA A 37 1.85 21.67 -9.68
N THR A 38 1.37 20.73 -8.85
CA THR A 38 0.63 21.07 -7.60
C THR A 38 1.57 21.08 -6.39
N GLN A 39 1.04 21.59 -5.26
CA GLN A 39 1.77 21.64 -3.97
C GLN A 39 1.06 20.78 -2.91
N ARG A 40 -0.24 21.05 -2.69
CA ARG A 40 -1.03 20.39 -1.65
C ARG A 40 -1.52 19.01 -2.10
N GLN A 41 -1.47 18.05 -1.15
CA GLN A 41 -1.98 16.69 -1.35
C GLN A 41 -3.00 16.38 -0.23
N GLU A 42 -4.00 15.58 -0.56
CA GLU A 42 -5.01 15.06 0.38
C GLU A 42 -4.89 13.52 0.47
N ARG A 43 -4.27 12.93 -0.58
CA ARG A 43 -3.95 11.48 -0.70
C ARG A 43 -5.24 10.64 -0.88
N PHE A 44 -6.02 10.49 0.20
CA PHE A 44 -7.27 9.71 0.20
C PHE A 44 -8.36 10.39 -0.65
N ASP B 1 -4.39 -31.54 5.14
CA ASP B 1 -5.30 -31.12 4.07
C ASP B 1 -5.46 -29.60 4.04
N PHE B 2 -5.16 -28.95 5.16
CA PHE B 2 -5.28 -27.50 5.32
C PHE B 2 -3.89 -26.81 5.38
N LYS B 3 -2.81 -27.62 5.37
CA LYS B 3 -1.44 -27.08 5.30
C LYS B 3 -1.29 -26.24 4.02
N LYS B 4 -2.00 -26.71 2.96
CA LYS B 4 -2.05 -26.01 1.69
C LYS B 4 -2.69 -24.64 1.84
N LEU B 5 -3.80 -24.51 2.65
CA LEU B 5 -4.53 -23.21 2.82
C LEU B 5 -3.56 -22.20 3.43
N TYR B 6 -2.77 -22.67 4.42
CA TYR B 6 -1.75 -21.85 5.09
C TYR B 6 -0.77 -21.31 4.05
N GLU B 7 -0.31 -22.19 3.15
CA GLU B 7 0.63 -21.88 2.08
C GLU B 7 0.02 -20.93 1.02
N GLN B 8 -1.27 -21.14 0.66
CA GLN B 8 -1.95 -20.38 -0.42
C GLN B 8 -2.14 -18.90 -0.03
N ILE B 9 -2.85 -18.69 1.10
CA ILE B 9 -3.22 -17.34 1.56
C ILE B 9 -1.97 -16.57 2.04
N LEU B 10 -1.02 -17.28 2.70
CA LEU B 10 0.22 -16.66 3.21
C LEU B 10 1.21 -16.35 2.06
N ALA B 11 1.14 -17.13 0.96
CA ALA B 11 1.89 -16.82 -0.26
C ALA B 11 1.43 -15.48 -0.84
N GLU B 12 0.09 -15.32 -0.89
CA GLU B 12 -0.55 -14.08 -1.34
C GLU B 12 -0.20 -12.94 -0.38
N ASN B 13 -0.31 -13.23 0.94
CA ASN B 13 -0.08 -12.27 2.04
C ASN B 13 1.36 -11.72 2.00
N GLU B 14 2.31 -12.63 1.70
CA GLU B 14 3.73 -12.30 1.51
C GLU B 14 3.89 -11.29 0.37
N LYS B 15 3.32 -11.65 -0.80
CA LYS B 15 3.34 -10.79 -1.99
C LYS B 15 2.73 -9.43 -1.67
N LEU B 16 1.62 -9.45 -0.90
CA LEU B 16 0.85 -8.25 -0.56
C LEU B 16 1.67 -7.29 0.31
N LYS B 17 2.58 -7.82 1.12
CA LYS B 17 3.51 -7.02 1.93
C LYS B 17 4.63 -6.42 1.05
N ALA B 18 5.06 -7.20 0.04
CA ALA B 18 6.14 -6.81 -0.89
C ALA B 18 5.66 -5.70 -1.85
N GLN B 19 4.42 -5.85 -2.36
CA GLN B 19 3.84 -4.96 -3.37
C GLN B 19 3.40 -3.64 -2.75
N LEU B 20 2.87 -3.69 -1.49
CA LEU B 20 2.49 -2.47 -0.76
C LEU B 20 3.75 -1.63 -0.51
N HIS B 21 4.86 -2.32 -0.09
CA HIS B 21 6.15 -1.68 0.18
C HIS B 21 6.65 -0.92 -1.07
N ASP B 22 6.57 -1.60 -2.23
CA ASP B 22 7.01 -1.06 -3.53
C ASP B 22 6.15 0.16 -3.92
N THR B 23 4.83 0.05 -3.76
CA THR B 23 3.88 1.12 -4.09
C THR B 23 4.00 2.31 -3.11
N ASN B 24 4.48 2.02 -1.87
CA ASN B 24 4.80 3.07 -0.88
C ASN B 24 6.07 3.82 -1.32
N MET B 25 7.02 3.09 -1.93
CA MET B 25 8.27 3.68 -2.46
C MET B 25 7.97 4.58 -3.69
N GLU B 26 7.02 4.13 -4.55
CA GLU B 26 6.54 4.92 -5.70
C GLU B 26 5.91 6.24 -5.21
N LEU B 27 5.08 6.11 -4.16
CA LEU B 27 4.40 7.23 -3.49
C LEU B 27 5.43 8.21 -2.86
N THR B 28 6.49 7.64 -2.26
CA THR B 28 7.61 8.40 -1.66
C THR B 28 8.37 9.19 -2.74
N ASP B 29 8.47 8.59 -3.93
CA ASP B 29 9.12 9.19 -5.10
C ASP B 29 8.33 10.43 -5.57
N LEU B 30 6.98 10.28 -5.67
CA LEU B 30 6.08 11.35 -6.13
C LEU B 30 5.98 12.50 -5.11
N LYS B 31 6.05 12.14 -3.80
CA LYS B 31 5.95 13.12 -2.70
C LYS B 31 7.26 13.95 -2.65
N LEU B 32 8.38 13.30 -3.01
CA LEU B 32 9.69 13.95 -3.17
C LEU B 32 9.62 14.95 -4.33
N GLN B 33 9.07 14.48 -5.46
CA GLN B 33 8.89 15.30 -6.66
C GLN B 33 7.91 16.47 -6.40
N LEU B 34 6.97 16.27 -5.47
CA LEU B 34 5.93 17.25 -5.11
C LEU B 34 6.59 18.49 -4.44
N GLU B 35 7.41 18.20 -3.43
CA GLU B 35 8.16 19.22 -2.68
C GLU B 35 9.34 19.78 -3.51
N LYS B 36 9.71 19.08 -4.59
CA LYS B 36 10.71 19.57 -5.58
C LYS B 36 10.03 20.29 -6.76
N ALA B 37 8.71 20.09 -6.94
CA ALA B 37 7.93 20.77 -8.00
C ALA B 37 7.69 22.22 -7.60
N THR B 38 7.42 22.40 -6.30
CA THR B 38 7.14 23.71 -5.71
C THR B 38 7.77 23.79 -4.31
N GLN B 39 7.12 23.14 -3.32
CA GLN B 39 7.57 23.11 -1.92
C GLN B 39 6.71 22.14 -1.09
N ARG B 40 5.42 21.96 -1.51
CA ARG B 40 4.45 21.04 -0.84
C ARG B 40 4.06 21.58 0.57
N GLN B 41 2.92 21.12 1.15
CA GLN B 41 2.55 21.47 2.54
C GLN B 41 3.61 20.93 3.53
N GLU B 42 3.73 21.61 4.68
CA GLU B 42 4.79 21.33 5.67
C GLU B 42 4.54 20.01 6.45
N ARG B 43 3.27 19.54 6.42
CA ARG B 43 2.84 18.26 7.04
C ARG B 43 3.00 18.27 8.58
N PHE B 44 4.23 18.05 9.05
CA PHE B 44 4.57 18.09 10.47
C PHE B 44 5.07 19.51 10.83
N ASP A 1 -9.40 -25.74 15.06
CA ASP A 1 -8.16 -24.93 14.94
C ASP A 1 -8.16 -24.17 13.60
N PHE A 2 -8.28 -24.92 12.50
CA PHE A 2 -7.98 -24.40 11.15
C PHE A 2 -8.98 -23.35 10.63
N LYS A 3 -10.14 -23.21 11.30
CA LYS A 3 -11.12 -22.16 10.96
C LYS A 3 -10.53 -20.78 11.33
N LYS A 4 -9.93 -20.68 12.55
CA LYS A 4 -9.31 -19.43 13.03
C LYS A 4 -7.97 -19.22 12.34
N LEU A 5 -7.29 -20.33 11.95
CA LEU A 5 -6.01 -20.25 11.19
C LEU A 5 -6.23 -19.46 9.89
N TYR A 6 -7.31 -19.83 9.16
CA TYR A 6 -7.72 -19.13 7.94
C TYR A 6 -7.92 -17.64 8.23
N GLU A 7 -8.72 -17.36 9.26
CA GLU A 7 -9.14 -16.02 9.63
C GLU A 7 -8.00 -15.11 10.10
N GLN A 8 -6.98 -15.67 10.79
CA GLN A 8 -5.85 -14.87 11.33
C GLN A 8 -4.96 -14.36 10.20
N ILE A 9 -4.46 -15.29 9.32
CA ILE A 9 -3.65 -14.88 8.16
C ILE A 9 -4.46 -13.92 7.25
N LEU A 10 -5.73 -14.33 6.98
CA LEU A 10 -6.64 -13.63 6.04
C LEU A 10 -7.00 -12.22 6.57
N ALA A 11 -7.05 -12.05 7.90
CA ALA A 11 -7.29 -10.73 8.52
C ALA A 11 -6.08 -9.81 8.31
N GLU A 12 -4.88 -10.39 8.41
CA GLU A 12 -3.60 -9.70 8.17
C GLU A 12 -3.41 -9.47 6.65
N ASN A 13 -3.93 -10.40 5.85
CA ASN A 13 -3.78 -10.44 4.37
C ASN A 13 -4.69 -9.36 3.76
N GLU A 14 -5.92 -9.29 4.27
CA GLU A 14 -6.90 -8.26 3.92
C GLU A 14 -6.42 -6.89 4.39
N LYS A 15 -5.88 -6.84 5.62
CA LYS A 15 -5.26 -5.62 6.16
C LYS A 15 -4.20 -5.07 5.19
N LEU A 16 -3.31 -5.98 4.73
CA LEU A 16 -2.22 -5.64 3.77
C LEU A 16 -2.79 -5.25 2.40
N LYS A 17 -3.96 -5.79 2.04
CA LYS A 17 -4.70 -5.43 0.82
C LYS A 17 -5.33 -4.02 0.96
N ALA A 18 -5.74 -3.68 2.19
CA ALA A 18 -6.43 -2.41 2.49
C ALA A 18 -5.42 -1.24 2.45
N GLN A 19 -4.30 -1.40 3.17
CA GLN A 19 -3.23 -0.39 3.24
C GLN A 19 -2.54 -0.22 1.90
N LEU A 20 -2.38 -1.33 1.12
CA LEU A 20 -1.80 -1.24 -0.24
C LEU A 20 -2.71 -0.40 -1.13
N HIS A 21 -4.05 -0.62 -1.00
CA HIS A 21 -5.05 0.08 -1.80
C HIS A 21 -4.94 1.60 -1.58
N ASP A 22 -4.92 2.02 -0.30
CA ASP A 22 -4.73 3.44 0.09
C ASP A 22 -3.41 4.00 -0.45
N THR A 23 -2.33 3.18 -0.34
CA THR A 23 -0.98 3.56 -0.81
C THR A 23 -0.94 3.73 -2.35
N ASN A 24 -1.77 2.95 -3.07
CA ASN A 24 -1.88 3.02 -4.54
C ASN A 24 -2.67 4.27 -4.96
N MET A 25 -3.73 4.61 -4.19
CA MET A 25 -4.56 5.80 -4.43
C MET A 25 -3.75 7.09 -4.21
N GLU A 26 -2.97 7.14 -3.11
CA GLU A 26 -2.13 8.30 -2.79
C GLU A 26 -0.87 8.33 -3.66
N LEU A 27 -0.45 7.16 -4.19
CA LEU A 27 0.60 7.10 -5.22
C LEU A 27 0.07 7.81 -6.47
N THR A 28 -1.21 7.54 -6.83
CA THR A 28 -1.87 8.16 -8.00
C THR A 28 -2.03 9.69 -7.82
N ASP A 29 -2.36 10.11 -6.57
CA ASP A 29 -2.54 11.52 -6.22
C ASP A 29 -1.23 12.27 -6.42
N LEU A 30 -0.19 11.81 -5.70
CA LEU A 30 1.15 12.38 -5.72
C LEU A 30 1.65 12.47 -7.17
N LYS A 31 1.62 11.33 -7.87
CA LYS A 31 2.01 11.18 -9.29
C LYS A 31 1.39 12.27 -10.18
N LEU A 32 0.05 12.38 -10.11
CA LEU A 32 -0.75 13.23 -11.00
C LEU A 32 -0.38 14.72 -10.82
N GLN A 33 -0.68 15.27 -9.63
CA GLN A 33 -0.48 16.72 -9.37
C GLN A 33 1.01 17.09 -9.27
N LEU A 34 1.89 16.10 -8.99
CA LEU A 34 3.37 16.29 -9.04
C LEU A 34 3.78 16.80 -10.41
N GLU A 35 3.47 16.00 -11.46
CA GLU A 35 3.86 16.32 -12.85
C GLU A 35 3.03 17.47 -13.44
N LYS A 36 1.87 17.78 -12.83
CA LYS A 36 1.11 19.03 -13.09
C LYS A 36 1.77 20.22 -12.37
N ALA A 37 2.79 19.91 -11.56
CA ALA A 37 3.73 20.85 -10.92
C ALA A 37 3.11 21.38 -9.66
N THR A 38 2.96 20.43 -8.74
CA THR A 38 2.29 20.56 -7.43
C THR A 38 2.52 21.87 -6.64
N GLN A 39 1.61 22.06 -5.68
CA GLN A 39 1.65 23.11 -4.67
C GLN A 39 1.27 22.53 -3.27
N ARG A 40 0.71 21.30 -3.26
CA ARG A 40 0.09 20.64 -2.07
C ARG A 40 -0.30 19.18 -2.46
N GLN A 41 -0.51 18.30 -1.45
CA GLN A 41 -1.02 16.92 -1.68
C GLN A 41 -2.29 16.69 -0.81
N GLU A 42 -3.16 15.77 -1.20
CA GLU A 42 -4.38 15.41 -0.40
C GLU A 42 -4.28 13.96 0.11
N ARG A 43 -3.53 13.13 -0.67
CA ARG A 43 -3.24 11.71 -0.39
C ARG A 43 -4.50 10.80 -0.52
N PHE A 44 -5.44 10.95 0.43
CA PHE A 44 -6.71 10.19 0.44
C PHE A 44 -7.57 10.51 -0.79
N ASP B 1 -3.87 -31.28 5.00
CA ASP B 1 -5.04 -30.97 4.18
C ASP B 1 -5.37 -29.48 4.26
N PHE B 2 -5.11 -28.89 5.44
CA PHE B 2 -5.30 -27.45 5.72
C PHE B 2 -3.93 -26.74 5.80
N LYS B 3 -2.84 -27.54 5.68
CA LYS B 3 -1.47 -27.00 5.60
C LYS B 3 -1.36 -26.07 4.38
N LYS B 4 -2.15 -26.41 3.35
CA LYS B 4 -2.21 -25.69 2.08
C LYS B 4 -2.95 -24.36 2.24
N LEU B 5 -3.96 -24.28 3.17
CA LEU B 5 -4.65 -22.99 3.44
C LEU B 5 -3.63 -22.01 3.99
N TYR B 6 -2.76 -22.55 4.89
CA TYR B 6 -1.65 -21.79 5.48
C TYR B 6 -0.69 -21.34 4.37
N GLU B 7 -0.42 -22.24 3.40
CA GLU B 7 0.46 -21.95 2.25
C GLU B 7 -0.12 -20.84 1.35
N GLN B 8 -1.41 -20.93 1.00
CA GLN B 8 -2.06 -20.03 0.01
C GLN B 8 -2.05 -18.59 0.51
N ILE B 9 -2.65 -18.38 1.69
CA ILE B 9 -2.87 -17.03 2.23
C ILE B 9 -1.53 -16.41 2.67
N LEU B 10 -0.63 -17.21 3.28
CA LEU B 10 0.68 -16.73 3.79
C LEU B 10 1.66 -16.43 2.61
N ALA B 11 1.56 -17.20 1.50
CA ALA B 11 2.38 -16.95 0.29
C ALA B 11 1.96 -15.63 -0.37
N GLU B 12 0.63 -15.39 -0.38
CA GLU B 12 0.05 -14.12 -0.85
C GLU B 12 0.47 -12.97 0.09
N ASN B 13 0.44 -13.27 1.41
CA ASN B 13 0.78 -12.31 2.50
C ASN B 13 2.26 -11.88 2.42
N GLU B 14 3.12 -12.85 2.02
CA GLU B 14 4.54 -12.63 1.72
C GLU B 14 4.68 -11.64 0.56
N LYS B 15 3.97 -11.95 -0.54
CA LYS B 15 3.93 -11.10 -1.73
C LYS B 15 3.40 -9.70 -1.36
N LEU B 16 2.44 -9.65 -0.41
CA LEU B 16 1.81 -8.40 0.04
C LEU B 16 2.81 -7.49 0.77
N LYS B 17 3.76 -8.09 1.49
CA LYS B 17 4.85 -7.34 2.13
C LYS B 17 5.82 -6.79 1.07
N ALA B 18 6.07 -7.60 0.04
CA ALA B 18 7.01 -7.28 -1.05
C ALA B 18 6.48 -6.14 -1.95
N GLN B 19 5.18 -6.23 -2.29
CA GLN B 19 4.51 -5.29 -3.19
C GLN B 19 4.26 -3.95 -2.48
N LEU B 20 3.89 -4.01 -1.17
CA LEU B 20 3.60 -2.80 -0.39
C LEU B 20 4.89 -2.01 -0.22
N HIS B 21 6.02 -2.74 -0.02
CA HIS B 21 7.35 -2.12 0.06
C HIS B 21 7.59 -1.29 -1.20
N ASP B 22 7.43 -1.95 -2.37
CA ASP B 22 7.59 -1.33 -3.69
C ASP B 22 6.71 -0.07 -3.86
N THR B 23 5.42 -0.20 -3.50
CA THR B 23 4.42 0.87 -3.64
C THR B 23 4.72 2.04 -2.68
N ASN B 24 5.28 1.70 -1.48
CA ASN B 24 5.67 2.69 -0.45
C ASN B 24 6.96 3.41 -0.86
N MET B 25 7.85 2.74 -1.61
CA MET B 25 9.08 3.35 -2.14
C MET B 25 8.74 4.40 -3.21
N GLU B 26 7.78 4.05 -4.10
CA GLU B 26 7.31 4.98 -5.14
C GLU B 26 6.57 6.16 -4.50
N LEU B 27 5.80 5.86 -3.44
CA LEU B 27 5.06 6.85 -2.66
C LEU B 27 6.02 7.89 -2.02
N THR B 28 7.09 7.37 -1.40
CA THR B 28 8.14 8.19 -0.76
C THR B 28 8.97 8.97 -1.82
N ASP B 29 9.10 8.36 -3.02
CA ASP B 29 9.81 8.97 -4.16
C ASP B 29 9.01 10.18 -4.67
N LEU B 30 7.70 9.97 -4.90
CA LEU B 30 6.78 10.99 -5.44
C LEU B 30 6.62 12.14 -4.44
N LYS B 31 6.61 11.84 -3.12
CA LYS B 31 6.50 12.88 -2.09
C LYS B 31 7.80 13.70 -2.00
N LEU B 32 8.94 13.05 -2.35
CA LEU B 32 10.25 13.72 -2.39
C LEU B 32 10.25 14.82 -3.46
N GLN B 33 9.85 14.46 -4.70
CA GLN B 33 9.73 15.44 -5.80
C GLN B 33 8.52 16.38 -5.57
N LEU B 34 7.54 15.95 -4.75
CA LEU B 34 6.41 16.80 -4.31
C LEU B 34 7.00 17.98 -3.48
N GLU B 35 7.87 17.64 -2.50
CA GLU B 35 8.49 18.62 -1.58
C GLU B 35 9.74 19.31 -2.19
N LYS B 36 10.10 18.92 -3.44
CA LYS B 36 11.07 19.69 -4.28
C LYS B 36 10.33 20.75 -5.15
N ALA B 37 9.32 20.28 -5.91
CA ALA B 37 8.55 21.10 -6.87
C ALA B 37 7.79 22.23 -6.17
N THR B 38 7.28 21.94 -4.97
CA THR B 38 6.68 22.94 -4.07
C THR B 38 7.38 22.86 -2.71
N GLN B 39 6.93 23.70 -1.76
CA GLN B 39 7.41 23.68 -0.37
C GLN B 39 6.81 22.47 0.36
N ARG B 40 5.58 22.11 -0.04
CA ARG B 40 4.74 21.06 0.61
C ARG B 40 4.36 21.46 2.06
N GLN B 41 3.07 21.34 2.40
CA GLN B 41 2.54 21.58 3.77
C GLN B 41 3.32 20.76 4.83
N GLU B 42 3.51 21.34 6.02
CA GLU B 42 4.45 20.81 7.04
C GLU B 42 3.69 20.14 8.20
N ARG B 43 2.63 19.41 7.84
CA ARG B 43 1.77 18.69 8.79
C ARG B 43 2.56 17.56 9.48
N PHE B 44 3.16 16.68 8.66
CA PHE B 44 4.04 15.60 9.14
C PHE B 44 5.49 16.16 9.30
N ASP A 1 -9.57 -27.37 14.04
CA ASP A 1 -8.75 -26.18 14.37
C ASP A 1 -8.34 -25.44 13.10
N PHE A 2 -8.11 -26.20 12.02
CA PHE A 2 -7.64 -25.65 10.74
C PHE A 2 -8.65 -24.72 10.03
N LYS A 3 -9.93 -24.76 10.47
CA LYS A 3 -10.98 -23.91 9.87
C LYS A 3 -10.72 -22.43 10.23
N LYS A 4 -10.21 -22.22 11.46
CA LYS A 4 -9.87 -20.89 11.96
C LYS A 4 -8.48 -20.49 11.45
N LEU A 5 -7.60 -21.49 11.17
CA LEU A 5 -6.27 -21.24 10.55
C LEU A 5 -6.45 -20.47 9.23
N TYR A 6 -7.44 -20.95 8.43
CA TYR A 6 -7.88 -20.29 7.20
C TYR A 6 -8.27 -18.85 7.51
N GLU A 7 -9.16 -18.69 8.51
CA GLU A 7 -9.71 -17.40 8.93
C GLU A 7 -8.64 -16.41 9.40
N GLN A 8 -7.56 -16.92 10.06
CA GLN A 8 -6.48 -16.08 10.62
C GLN A 8 -5.72 -15.34 9.51
N ILE A 9 -5.03 -16.10 8.62
CA ILE A 9 -4.30 -15.49 7.49
C ILE A 9 -5.25 -14.71 6.56
N LEU A 10 -6.46 -15.27 6.31
CA LEU A 10 -7.46 -14.69 5.38
C LEU A 10 -8.01 -13.35 5.93
N ALA A 11 -8.07 -13.20 7.28
CA ALA A 11 -8.48 -11.94 7.92
C ALA A 11 -7.46 -10.83 7.59
N GLU A 12 -6.17 -11.20 7.68
CA GLU A 12 -5.05 -10.31 7.34
C GLU A 12 -5.00 -10.09 5.82
N ASN A 13 -5.33 -11.15 5.04
CA ASN A 13 -5.24 -11.17 3.56
C ASN A 13 -6.26 -10.19 2.94
N GLU A 14 -7.51 -10.26 3.47
CA GLU A 14 -8.61 -9.34 3.16
C GLU A 14 -8.21 -7.90 3.50
N LYS A 15 -7.66 -7.74 4.73
CA LYS A 15 -7.18 -6.44 5.21
C LYS A 15 -6.09 -5.86 4.29
N LEU A 16 -5.18 -6.74 3.81
CA LEU A 16 -4.05 -6.35 2.95
C LEU A 16 -4.54 -5.91 1.57
N LYS A 17 -5.67 -6.49 1.13
CA LYS A 17 -6.35 -6.10 -0.10
C LYS A 17 -7.04 -4.73 0.09
N ALA A 18 -7.51 -4.46 1.32
CA ALA A 18 -8.18 -3.20 1.68
C ALA A 18 -7.18 -2.04 1.65
N GLN A 19 -6.13 -2.16 2.47
CA GLN A 19 -5.10 -1.12 2.64
C GLN A 19 -4.29 -0.90 1.35
N LEU A 20 -4.15 -1.93 0.49
CA LEU A 20 -3.54 -1.74 -0.84
C LEU A 20 -4.45 -0.86 -1.70
N HIS A 21 -5.78 -1.15 -1.67
CA HIS A 21 -6.80 -0.40 -2.44
C HIS A 21 -6.73 1.10 -2.11
N ASP A 22 -6.44 1.41 -0.83
CA ASP A 22 -6.15 2.77 -0.34
C ASP A 22 -4.85 3.32 -0.98
N THR A 23 -3.73 2.59 -0.82
CA THR A 23 -2.40 3.07 -1.25
C THR A 23 -2.31 3.15 -2.80
N ASN A 24 -3.13 2.36 -3.50
CA ASN A 24 -3.15 2.29 -4.98
C ASN A 24 -3.94 3.46 -5.56
N MET A 25 -5.09 3.81 -4.92
CA MET A 25 -5.91 4.94 -5.38
C MET A 25 -5.15 6.26 -5.16
N GLU A 26 -4.54 6.44 -3.96
CA GLU A 26 -3.83 7.67 -3.60
C GLU A 26 -2.52 7.79 -4.38
N LEU A 27 -1.95 6.63 -4.81
CA LEU A 27 -0.79 6.60 -5.72
C LEU A 27 -1.17 7.29 -7.05
N THR A 28 -2.31 6.84 -7.62
CA THR A 28 -2.80 7.32 -8.93
C THR A 28 -3.16 8.82 -8.86
N ASP A 29 -3.85 9.21 -7.76
CA ASP A 29 -4.21 10.61 -7.49
C ASP A 29 -2.95 11.48 -7.40
N LEU A 30 -2.03 11.09 -6.47
CA LEU A 30 -0.74 11.77 -6.22
C LEU A 30 0.03 12.01 -7.52
N LYS A 31 0.12 10.97 -8.36
CA LYS A 31 0.83 10.98 -9.66
C LYS A 31 0.23 12.07 -10.59
N LEU A 32 -1.11 12.09 -10.67
CA LEU A 32 -1.86 12.95 -11.59
C LEU A 32 -1.63 14.43 -11.25
N GLN A 33 -2.05 14.80 -10.03
CA GLN A 33 -1.91 16.16 -9.50
C GLN A 33 -0.43 16.60 -9.48
N LEU A 34 0.48 15.66 -9.11
CA LEU A 34 1.93 15.90 -9.01
C LEU A 34 2.44 16.65 -10.22
N GLU A 35 2.32 15.98 -11.40
CA GLU A 35 2.86 16.48 -12.67
C GLU A 35 1.97 17.58 -13.30
N LYS A 36 0.73 17.76 -12.78
CA LYS A 36 -0.07 18.98 -13.03
C LYS A 36 0.47 20.15 -12.16
N ALA A 37 1.44 19.82 -11.30
CA ALA A 37 2.28 20.78 -10.55
C ALA A 37 1.55 21.27 -9.31
N THR A 38 1.26 20.32 -8.41
CA THR A 38 0.48 20.64 -7.17
C THR A 38 1.37 20.71 -5.91
N GLN A 39 0.72 21.00 -4.76
CA GLN A 39 1.37 21.23 -3.46
C GLN A 39 0.62 20.59 -2.30
N ARG A 40 -0.48 19.90 -2.58
CA ARG A 40 -1.28 19.20 -1.54
C ARG A 40 -1.61 17.79 -1.99
N GLN A 41 -1.77 16.89 -1.02
CA GLN A 41 -2.15 15.49 -1.25
C GLN A 41 -3.25 15.08 -0.26
N GLU A 42 -3.94 13.98 -0.56
CA GLU A 42 -4.99 13.42 0.31
C GLU A 42 -4.73 11.91 0.44
N ARG A 43 -3.83 11.58 1.39
CA ARG A 43 -3.47 10.20 1.73
C ARG A 43 -4.70 9.39 2.20
N PHE A 44 -5.42 9.92 3.22
CA PHE A 44 -6.69 9.33 3.71
C PHE A 44 -7.77 10.41 3.78
N ASP B 1 -4.15 -32.40 5.04
CA ASP B 1 -4.91 -31.76 3.96
C ASP B 1 -4.69 -30.25 3.99
N PHE B 2 -4.91 -29.69 5.17
CA PHE B 2 -5.00 -28.23 5.37
C PHE B 2 -3.65 -27.51 5.38
N LYS B 3 -2.54 -28.28 5.26
CA LYS B 3 -1.19 -27.70 5.11
C LYS B 3 -1.15 -26.80 3.88
N LYS B 4 -1.88 -27.21 2.81
CA LYS B 4 -1.96 -26.45 1.57
C LYS B 4 -2.69 -25.11 1.81
N LEU B 5 -3.76 -25.09 2.67
CA LEU B 5 -4.54 -23.85 2.90
C LEU B 5 -3.61 -22.78 3.47
N TYR B 6 -2.77 -23.22 4.45
CA TYR B 6 -1.79 -22.33 5.10
C TYR B 6 -0.86 -21.72 4.04
N GLU B 7 -0.34 -22.60 3.16
CA GLU B 7 0.63 -22.23 2.12
C GLU B 7 0.02 -21.29 1.04
N GLN B 8 -1.24 -21.55 0.64
CA GLN B 8 -1.91 -20.79 -0.45
C GLN B 8 -2.15 -19.33 -0.01
N ILE B 9 -2.81 -19.17 1.16
CA ILE B 9 -3.19 -17.84 1.66
C ILE B 9 -1.95 -17.05 2.10
N LEU B 10 -0.97 -17.75 2.74
CA LEU B 10 0.29 -17.13 3.23
C LEU B 10 1.18 -16.72 2.03
N ALA B 11 1.10 -17.48 0.91
CA ALA B 11 1.80 -17.13 -0.34
C ALA B 11 1.23 -15.81 -0.92
N GLU B 12 -0.12 -15.73 -0.94
CA GLU B 12 -0.82 -14.53 -1.39
C GLU B 12 -0.63 -13.37 -0.39
N ASN B 13 -0.52 -13.70 0.91
CA ASN B 13 -0.33 -12.74 2.02
C ASN B 13 1.07 -12.12 1.94
N GLU B 14 2.05 -12.97 1.56
CA GLU B 14 3.43 -12.56 1.25
C GLU B 14 3.42 -11.60 0.07
N LYS B 15 2.72 -11.99 -1.01
CA LYS B 15 2.58 -11.19 -2.21
C LYS B 15 1.98 -9.82 -1.87
N LEU B 16 0.96 -9.83 -0.99
CA LEU B 16 0.24 -8.62 -0.56
C LEU B 16 1.14 -7.72 0.30
N LYS B 17 2.01 -8.34 1.11
CA LYS B 17 3.00 -7.63 1.93
C LYS B 17 4.07 -6.96 1.03
N ALA B 18 4.44 -7.67 -0.04
CA ALA B 18 5.49 -7.26 -0.97
C ALA B 18 5.01 -6.16 -1.93
N GLN B 19 3.76 -6.29 -2.41
CA GLN B 19 3.17 -5.34 -3.36
C GLN B 19 2.88 -4.02 -2.66
N LEU B 20 2.39 -4.09 -1.38
CA LEU B 20 2.10 -2.89 -0.59
C LEU B 20 3.40 -2.14 -0.30
N HIS B 21 4.48 -2.89 -0.02
CA HIS B 21 5.84 -2.34 0.12
C HIS B 21 6.22 -1.46 -1.10
N ASP B 22 6.14 -2.07 -2.30
CA ASP B 22 6.46 -1.38 -3.57
C ASP B 22 5.55 -0.17 -3.80
N THR B 23 4.24 -0.35 -3.54
CA THR B 23 3.22 0.69 -3.72
C THR B 23 3.43 1.88 -2.74
N ASN B 24 4.01 1.59 -1.56
CA ASN B 24 4.37 2.59 -0.55
C ASN B 24 5.66 3.33 -0.92
N MET B 25 6.61 2.61 -1.57
CA MET B 25 7.83 3.21 -2.13
C MET B 25 7.47 4.17 -3.27
N GLU B 26 6.41 3.82 -4.03
CA GLU B 26 5.87 4.67 -5.09
C GLU B 26 5.17 5.88 -4.48
N LEU B 27 4.30 5.65 -3.47
CA LEU B 27 3.63 6.75 -2.72
C LEU B 27 4.67 7.76 -2.18
N THR B 28 5.77 7.23 -1.61
CA THR B 28 6.91 8.02 -1.11
C THR B 28 7.58 8.78 -2.29
N ASP B 29 7.65 8.14 -3.45
CA ASP B 29 8.23 8.71 -4.68
C ASP B 29 7.41 9.90 -5.20
N LEU B 30 6.07 9.76 -5.30
CA LEU B 30 5.17 10.82 -5.80
C LEU B 30 5.19 12.06 -4.86
N LYS B 31 5.07 11.81 -3.55
CA LYS B 31 5.03 12.90 -2.53
C LYS B 31 6.41 13.59 -2.44
N LEU B 32 7.49 12.81 -2.71
CA LEU B 32 8.87 13.33 -2.71
C LEU B 32 9.06 14.34 -3.85
N GLN B 33 8.47 14.03 -5.00
CA GLN B 33 8.52 14.92 -6.16
C GLN B 33 7.56 16.12 -5.97
N LEU B 34 6.56 15.96 -5.07
CA LEU B 34 5.57 17.02 -4.74
C LEU B 34 6.25 18.17 -3.98
N GLU B 35 7.03 17.79 -2.94
CA GLU B 35 7.84 18.75 -2.15
C GLU B 35 8.99 19.32 -3.01
N LYS B 36 9.46 18.53 -4.00
CA LYS B 36 10.43 19.00 -5.02
C LYS B 36 9.75 19.87 -6.11
N ALA B 37 8.42 19.67 -6.31
CA ALA B 37 7.64 20.40 -7.34
C ALA B 37 7.53 21.88 -6.99
N THR B 38 7.27 22.14 -5.70
CA THR B 38 7.13 23.51 -5.19
C THR B 38 7.59 23.62 -3.71
N GLN B 39 6.93 22.87 -2.80
CA GLN B 39 7.28 22.83 -1.37
C GLN B 39 6.35 21.85 -0.63
N ARG B 40 5.12 21.68 -1.17
CA ARG B 40 4.05 20.81 -0.59
C ARG B 40 3.57 21.30 0.82
N GLN B 41 2.46 20.71 1.34
CA GLN B 41 1.83 21.13 2.62
C GLN B 41 2.80 21.02 3.82
N GLU B 42 2.44 21.74 4.91
CA GLU B 42 3.25 21.83 6.14
C GLU B 42 2.57 21.11 7.30
N ARG B 43 1.44 20.45 7.00
CA ARG B 43 0.68 19.63 7.96
C ARG B 43 1.51 18.41 8.38
N PHE B 44 1.87 17.58 7.39
CA PHE B 44 2.76 16.43 7.55
C PHE B 44 3.73 16.40 6.35
N ASP A 1 -10.09 -27.38 14.28
CA ASP A 1 -9.85 -25.95 14.61
C ASP A 1 -9.28 -25.19 13.42
N PHE A 2 -8.75 -25.90 12.40
CA PHE A 2 -8.07 -25.31 11.21
C PHE A 2 -8.95 -24.34 10.37
N LYS A 3 -10.26 -24.25 10.68
CA LYS A 3 -11.14 -23.25 10.03
C LYS A 3 -10.65 -21.83 10.36
N LYS A 4 -10.12 -21.66 11.61
CA LYS A 4 -9.60 -20.39 12.10
C LYS A 4 -8.24 -20.07 11.47
N LEU A 5 -7.47 -21.11 11.06
CA LEU A 5 -6.16 -20.94 10.39
C LEU A 5 -6.33 -20.11 9.11
N TYR A 6 -7.41 -20.46 8.39
CA TYR A 6 -7.88 -19.72 7.22
C TYR A 6 -8.12 -18.25 7.60
N GLU A 7 -8.93 -18.04 8.64
CA GLU A 7 -9.35 -16.71 9.11
C GLU A 7 -8.16 -15.82 9.50
N GLN A 8 -7.11 -16.43 10.08
CA GLN A 8 -5.94 -15.68 10.58
C GLN A 8 -5.19 -14.98 9.44
N ILE A 9 -4.65 -15.79 8.49
CA ILE A 9 -3.92 -15.25 7.32
C ILE A 9 -4.86 -14.37 6.45
N LEU A 10 -6.07 -14.90 6.15
CA LEU A 10 -7.07 -14.26 5.26
C LEU A 10 -7.57 -12.92 5.84
N ALA A 11 -7.52 -12.77 7.19
CA ALA A 11 -7.83 -11.48 7.84
C ALA A 11 -6.81 -10.42 7.42
N GLU A 12 -5.52 -10.77 7.49
CA GLU A 12 -4.43 -9.87 7.07
C GLU A 12 -4.41 -9.75 5.53
N ASN A 13 -4.78 -10.84 4.83
CA ASN A 13 -4.70 -10.94 3.36
C ASN A 13 -5.77 -10.04 2.68
N GLU A 14 -7.00 -10.09 3.23
CA GLU A 14 -8.11 -9.22 2.81
C GLU A 14 -7.76 -7.76 3.16
N LYS A 15 -7.19 -7.56 4.37
CA LYS A 15 -6.70 -6.25 4.81
C LYS A 15 -5.66 -5.71 3.82
N LEU A 16 -4.75 -6.60 3.37
CA LEU A 16 -3.66 -6.25 2.45
C LEU A 16 -4.21 -5.86 1.07
N LYS A 17 -5.31 -6.51 0.68
CA LYS A 17 -6.04 -6.18 -0.55
C LYS A 17 -6.69 -4.78 -0.42
N ALA A 18 -7.16 -4.47 0.80
CA ALA A 18 -7.88 -3.22 1.08
C ALA A 18 -6.90 -2.04 1.07
N GLN A 19 -5.86 -2.13 1.91
CA GLN A 19 -4.87 -1.07 2.12
C GLN A 19 -4.01 -0.82 0.89
N LEU A 20 -3.78 -1.88 0.07
CA LEU A 20 -3.06 -1.72 -1.21
C LEU A 20 -3.94 -0.91 -2.15
N HIS A 21 -5.26 -1.24 -2.17
CA HIS A 21 -6.25 -0.57 -3.01
C HIS A 21 -6.26 0.92 -2.66
N ASP A 22 -6.26 1.24 -1.34
CA ASP A 22 -6.16 2.63 -0.87
C ASP A 22 -4.87 3.28 -1.37
N THR A 23 -3.73 2.59 -1.14
CA THR A 23 -2.38 3.09 -1.48
C THR A 23 -2.23 3.35 -3.00
N ASN A 24 -2.95 2.56 -3.81
CA ASN A 24 -2.98 2.68 -5.28
C ASN A 24 -3.87 3.86 -5.72
N MET A 25 -5.04 4.01 -5.07
CA MET A 25 -5.98 5.11 -5.35
C MET A 25 -5.35 6.47 -4.98
N GLU A 26 -4.60 6.50 -3.86
CA GLU A 26 -3.96 7.72 -3.35
C GLU A 26 -2.59 7.94 -4.02
N LEU A 27 -2.00 6.87 -4.60
CA LEU A 27 -0.83 6.99 -5.48
C LEU A 27 -1.23 7.73 -6.75
N THR A 28 -2.37 7.31 -7.35
CA THR A 28 -2.88 7.86 -8.62
C THR A 28 -3.49 9.26 -8.40
N ASP A 29 -4.03 9.48 -7.19
CA ASP A 29 -4.51 10.78 -6.72
C ASP A 29 -3.34 11.78 -6.68
N LEU A 30 -2.32 11.44 -5.88
CA LEU A 30 -1.09 12.24 -5.73
C LEU A 30 -0.40 12.45 -7.09
N LYS A 31 -0.36 11.40 -7.94
CA LYS A 31 0.23 11.44 -9.32
C LYS A 31 -0.39 12.58 -10.16
N LEU A 32 -1.73 12.58 -10.21
CA LEU A 32 -2.53 13.48 -11.04
C LEU A 32 -2.26 14.94 -10.66
N GLN A 33 -2.50 15.25 -9.39
CA GLN A 33 -2.32 16.61 -8.84
C GLN A 33 -0.83 17.04 -8.85
N LEU A 34 0.09 16.06 -8.65
CA LEU A 34 1.55 16.32 -8.53
C LEU A 34 2.01 17.13 -9.71
N GLU A 35 1.84 16.50 -10.91
CA GLU A 35 2.26 17.08 -12.19
C GLU A 35 1.37 18.27 -12.63
N LYS A 36 0.12 18.38 -12.10
CA LYS A 36 -0.68 19.64 -12.19
C LYS A 36 -0.03 20.79 -11.38
N ALA A 37 0.96 20.43 -10.54
CA ALA A 37 1.82 21.34 -9.75
C ALA A 37 1.11 21.74 -8.47
N THR A 38 0.77 20.71 -7.68
CA THR A 38 -0.01 20.87 -6.44
C THR A 38 0.89 20.76 -5.18
N GLN A 39 0.38 21.18 -3.99
CA GLN A 39 1.12 21.16 -2.72
C GLN A 39 0.40 20.30 -1.65
N ARG A 40 -0.93 20.37 -1.55
CA ARG A 40 -1.69 19.60 -0.55
C ARG A 40 -2.41 18.43 -1.22
N GLN A 41 -2.45 17.30 -0.52
CA GLN A 41 -3.09 16.06 -0.99
C GLN A 41 -4.36 15.80 -0.16
N GLU A 42 -5.25 14.98 -0.73
CA GLU A 42 -6.50 14.57 -0.09
C GLU A 42 -6.68 13.07 -0.36
N ARG A 43 -5.94 12.27 0.40
CA ARG A 43 -6.06 10.81 0.38
C ARG A 43 -7.24 10.39 1.27
N PHE A 44 -7.19 10.85 2.54
CA PHE A 44 -8.25 10.61 3.55
C PHE A 44 -9.36 11.66 3.41
N ASP B 1 -3.16 -31.96 5.61
CA ASP B 1 -4.21 -31.54 4.69
C ASP B 1 -4.22 -30.03 4.59
N PHE B 2 -4.53 -29.41 5.72
CA PHE B 2 -4.71 -27.95 5.85
C PHE B 2 -3.39 -27.15 5.76
N LYS B 3 -2.24 -27.86 5.71
CA LYS B 3 -0.93 -27.20 5.56
C LYS B 3 -0.89 -26.41 4.23
N LYS B 4 -1.56 -26.94 3.18
CA LYS B 4 -1.66 -26.25 1.89
C LYS B 4 -2.44 -24.94 2.03
N LEU B 5 -3.54 -24.92 2.85
CA LEU B 5 -4.38 -23.70 3.01
C LEU B 5 -3.50 -22.59 3.53
N TYR B 6 -2.65 -22.94 4.53
CA TYR B 6 -1.70 -22.02 5.13
C TYR B 6 -0.79 -21.44 4.03
N GLU B 7 -0.13 -22.33 3.29
CA GLU B 7 0.89 -21.98 2.29
C GLU B 7 0.34 -21.14 1.12
N GLN B 8 -0.90 -21.44 0.67
CA GLN B 8 -1.50 -20.73 -0.48
C GLN B 8 -1.86 -19.28 -0.14
N ILE B 9 -2.67 -19.10 0.93
CA ILE B 9 -3.07 -17.75 1.39
C ILE B 9 -1.82 -16.93 1.79
N LEU B 10 -0.85 -17.62 2.44
CA LEU B 10 0.40 -17.00 2.94
C LEU B 10 1.34 -16.65 1.78
N ALA B 11 1.29 -17.43 0.68
CA ALA B 11 2.05 -17.12 -0.54
C ALA B 11 1.57 -15.77 -1.13
N GLU B 12 0.23 -15.61 -1.21
CA GLU B 12 -0.41 -14.37 -1.68
C GLU B 12 -0.14 -13.22 -0.68
N ASN B 13 -0.25 -13.54 0.63
CA ASN B 13 -0.14 -12.58 1.75
C ASN B 13 1.29 -11.96 1.83
N GLU B 14 2.30 -12.84 1.69
CA GLU B 14 3.72 -12.48 1.53
C GLU B 14 3.89 -11.52 0.34
N LYS B 15 3.31 -11.91 -0.80
CA LYS B 15 3.36 -11.14 -2.04
C LYS B 15 2.69 -9.76 -1.85
N LEU B 16 1.59 -9.75 -1.06
CA LEU B 16 0.80 -8.54 -0.81
C LEU B 16 1.55 -7.54 0.09
N LYS B 17 2.48 -8.05 0.90
CA LYS B 17 3.38 -7.19 1.71
C LYS B 17 4.57 -6.68 0.88
N ALA B 18 4.98 -7.47 -0.13
CA ALA B 18 6.06 -7.09 -1.06
C ALA B 18 5.60 -5.98 -2.02
N GLN B 19 4.39 -6.17 -2.57
CA GLN B 19 3.80 -5.25 -3.54
C GLN B 19 3.34 -3.95 -2.87
N LEU B 20 2.79 -4.05 -1.62
CA LEU B 20 2.36 -2.84 -0.87
C LEU B 20 3.59 -1.98 -0.59
N HIS B 21 4.72 -2.65 -0.23
CA HIS B 21 6.01 -1.98 0.03
C HIS B 21 6.44 -1.18 -1.20
N ASP B 22 6.34 -1.81 -2.38
CA ASP B 22 6.66 -1.21 -3.68
C ASP B 22 5.78 0.04 -3.95
N THR B 23 4.45 -0.13 -3.73
CA THR B 23 3.43 0.92 -3.96
C THR B 23 3.61 2.08 -2.94
N ASN B 24 4.13 1.75 -1.74
CA ASN B 24 4.41 2.74 -0.68
C ASN B 24 5.66 3.57 -1.04
N MET B 25 6.66 2.93 -1.69
CA MET B 25 7.85 3.63 -2.19
C MET B 25 7.47 4.64 -3.29
N GLU B 26 6.49 4.25 -4.14
CA GLU B 26 5.94 5.13 -5.18
C GLU B 26 5.18 6.31 -4.54
N LEU B 27 4.36 6.01 -3.52
CA LEU B 27 3.61 7.03 -2.75
C LEU B 27 4.57 8.05 -2.08
N THR B 28 5.70 7.52 -1.57
CA THR B 28 6.80 8.31 -0.98
C THR B 28 7.43 9.24 -2.04
N ASP B 29 7.55 8.72 -3.28
CA ASP B 29 8.07 9.47 -4.43
C ASP B 29 7.17 10.67 -4.76
N LEU B 30 5.83 10.45 -4.79
CA LEU B 30 4.87 11.51 -5.14
C LEU B 30 4.89 12.67 -4.14
N LYS B 31 4.88 12.34 -2.82
CA LYS B 31 4.91 13.36 -1.75
C LYS B 31 6.27 14.11 -1.75
N LEU B 32 7.35 13.38 -2.15
CA LEU B 32 8.71 13.94 -2.23
C LEU B 32 8.82 14.91 -3.41
N GLN B 33 8.16 14.58 -4.53
CA GLN B 33 8.11 15.46 -5.70
C GLN B 33 7.15 16.63 -5.44
N LEU B 34 6.21 16.45 -4.48
CA LEU B 34 5.18 17.46 -4.11
C LEU B 34 5.87 18.66 -3.42
N GLU B 35 6.80 18.32 -2.51
CA GLU B 35 7.65 19.30 -1.79
C GLU B 35 8.76 19.85 -2.70
N LYS B 36 9.23 19.05 -3.66
CA LYS B 36 10.21 19.49 -4.68
C LYS B 36 9.53 20.28 -5.82
N ALA B 37 8.18 20.16 -5.93
CA ALA B 37 7.38 20.95 -6.89
C ALA B 37 7.25 22.38 -6.40
N THR B 38 6.93 22.52 -5.09
CA THR B 38 6.78 23.83 -4.45
C THR B 38 7.31 23.79 -2.98
N GLN B 39 6.61 23.07 -2.08
CA GLN B 39 6.98 22.96 -0.64
C GLN B 39 6.08 21.94 0.09
N ARG B 40 4.87 21.67 -0.50
CA ARG B 40 3.88 20.68 -0.02
C ARG B 40 3.22 21.11 1.32
N GLN B 41 2.09 20.46 1.71
CA GLN B 41 1.35 20.89 2.91
C GLN B 41 2.18 20.66 4.19
N GLU B 42 1.96 21.54 5.17
CA GLU B 42 2.76 21.62 6.42
C GLU B 42 1.99 20.98 7.56
N ARG B 43 0.99 20.16 7.19
CA ARG B 43 0.20 19.32 8.11
C ARG B 43 1.13 18.46 9.00
N PHE B 44 1.99 17.69 8.33
CA PHE B 44 3.08 16.93 8.96
C PHE B 44 4.28 16.95 7.99
N ASP A 1 -9.52 -27.47 13.18
CA ASP A 1 -9.06 -26.16 13.69
C ASP A 1 -8.33 -25.38 12.59
N PHE A 2 -8.03 -26.05 11.46
CA PHE A 2 -7.38 -25.40 10.29
C PHE A 2 -8.24 -24.31 9.60
N LYS A 3 -9.51 -24.16 10.03
CA LYS A 3 -10.40 -23.10 9.50
C LYS A 3 -9.89 -21.71 9.94
N LYS A 4 -9.32 -21.63 11.16
CA LYS A 4 -8.74 -20.39 11.68
C LYS A 4 -7.35 -20.16 11.08
N LEU A 5 -6.66 -21.25 10.65
CA LEU A 5 -5.35 -21.14 9.95
C LEU A 5 -5.53 -20.28 8.68
N TYR A 6 -6.61 -20.62 7.94
CA TYR A 6 -7.06 -19.86 6.77
C TYR A 6 -7.32 -18.41 7.17
N GLU A 7 -8.15 -18.21 8.22
CA GLU A 7 -8.57 -16.88 8.70
C GLU A 7 -7.41 -15.99 9.11
N GLN A 8 -6.35 -16.57 9.70
CA GLN A 8 -5.19 -15.81 10.19
C GLN A 8 -4.44 -15.12 9.04
N ILE A 9 -3.83 -15.93 8.14
CA ILE A 9 -3.09 -15.35 6.99
C ILE A 9 -4.01 -14.49 6.10
N LEU A 10 -5.26 -14.99 5.86
CA LEU A 10 -6.25 -14.34 4.96
C LEU A 10 -6.75 -12.99 5.55
N ALA A 11 -6.71 -12.86 6.89
CA ALA A 11 -7.08 -11.58 7.56
C ALA A 11 -6.05 -10.48 7.24
N GLU A 12 -4.75 -10.83 7.36
CA GLU A 12 -3.65 -9.92 7.03
C GLU A 12 -3.57 -9.72 5.51
N ASN A 13 -3.87 -10.79 4.75
CA ASN A 13 -3.84 -10.82 3.28
C ASN A 13 -4.90 -9.85 2.71
N GLU A 14 -6.09 -9.85 3.35
CA GLU A 14 -7.18 -8.92 3.06
C GLU A 14 -6.71 -7.48 3.32
N LYS A 15 -6.09 -7.29 4.49
CA LYS A 15 -5.58 -5.99 4.91
C LYS A 15 -4.52 -5.48 3.93
N LEU A 16 -3.63 -6.39 3.48
CA LEU A 16 -2.52 -6.07 2.56
C LEU A 16 -3.07 -5.67 1.18
N LYS A 17 -4.19 -6.29 0.81
CA LYS A 17 -4.95 -5.97 -0.41
C LYS A 17 -5.59 -4.57 -0.29
N ALA A 18 -5.98 -4.21 0.94
CA ALA A 18 -6.65 -2.93 1.23
C ALA A 18 -5.65 -1.77 1.21
N GLN A 19 -4.59 -1.88 2.03
CA GLN A 19 -3.55 -0.85 2.15
C GLN A 19 -2.78 -0.67 0.84
N LEU A 20 -2.63 -1.75 0.03
CA LEU A 20 -2.03 -1.63 -1.32
C LEU A 20 -2.95 -0.77 -2.20
N HIS A 21 -4.29 -1.03 -2.14
CA HIS A 21 -5.29 -0.28 -2.93
C HIS A 21 -5.15 1.22 -2.62
N ASP A 22 -5.05 1.54 -1.32
CA ASP A 22 -4.86 2.91 -0.83
C ASP A 22 -3.55 3.51 -1.39
N THR A 23 -2.46 2.72 -1.31
CA THR A 23 -1.11 3.18 -1.71
C THR A 23 -1.01 3.33 -3.25
N ASN A 24 -1.83 2.57 -4.00
CA ASN A 24 -1.90 2.66 -5.47
C ASN A 24 -2.72 3.89 -5.89
N MET A 25 -3.82 4.17 -5.16
CA MET A 25 -4.68 5.33 -5.39
C MET A 25 -3.94 6.64 -5.08
N GLU A 26 -3.22 6.66 -3.95
CA GLU A 26 -2.44 7.84 -3.54
C GLU A 26 -1.16 7.95 -4.37
N LEU A 27 -0.69 6.82 -4.97
CA LEU A 27 0.41 6.85 -5.97
C LEU A 27 -0.09 7.55 -7.25
N THR A 28 -1.28 7.13 -7.71
CA THR A 28 -1.95 7.69 -8.90
C THR A 28 -2.19 9.20 -8.72
N ASP A 29 -2.61 9.57 -7.50
CA ASP A 29 -2.85 10.95 -7.12
C ASP A 29 -1.53 11.71 -6.99
N LEU A 30 -0.52 11.06 -6.38
CA LEU A 30 0.80 11.68 -6.08
C LEU A 30 1.51 12.08 -7.38
N LYS A 31 1.48 11.19 -8.39
CA LYS A 31 2.14 11.44 -9.68
C LYS A 31 1.37 12.48 -10.50
N LEU A 32 0.02 12.39 -10.46
CA LEU A 32 -0.87 13.28 -11.21
C LEU A 32 -0.70 14.73 -10.71
N GLN A 33 -0.86 14.91 -9.39
CA GLN A 33 -0.75 16.23 -8.76
C GLN A 33 0.66 16.82 -8.97
N LEU A 34 1.67 15.94 -8.75
CA LEU A 34 3.11 16.26 -8.90
C LEU A 34 3.36 17.11 -10.14
N GLU A 35 3.14 16.47 -11.31
CA GLU A 35 3.44 17.01 -12.64
C GLU A 35 2.52 18.19 -13.02
N LYS A 36 1.30 18.23 -12.44
CA LYS A 36 0.39 19.40 -12.55
C LYS A 36 0.93 20.61 -11.74
N ALA A 37 1.96 20.33 -10.91
CA ALA A 37 2.73 21.29 -10.07
C ALA A 37 1.93 21.57 -8.81
N THR A 38 1.38 20.47 -8.27
CA THR A 38 0.36 20.52 -7.20
C THR A 38 0.89 19.84 -5.92
N GLN A 39 0.48 20.34 -4.73
CA GLN A 39 1.02 19.90 -3.42
C GLN A 39 -0.01 19.07 -2.61
N ARG A 40 -1.25 19.58 -2.47
CA ARG A 40 -2.28 18.98 -1.61
C ARG A 40 -3.00 17.83 -2.34
N GLN A 41 -3.30 16.77 -1.58
CA GLN A 41 -3.63 15.44 -2.11
C GLN A 41 -4.85 14.84 -1.40
N GLU A 42 -5.45 13.82 -2.03
CA GLU A 42 -6.68 13.17 -1.52
C GLU A 42 -6.33 12.04 -0.54
N ARG A 43 -5.01 11.70 -0.52
CA ARG A 43 -4.35 10.77 0.41
C ARG A 43 -4.92 10.91 1.83
N PHE A 44 -4.95 12.16 2.30
CA PHE A 44 -5.56 12.52 3.60
C PHE A 44 -6.05 13.98 3.54
N ASP B 1 -3.11 -31.73 4.11
CA ASP B 1 -4.33 -31.46 3.36
C ASP B 1 -4.62 -29.96 3.33
N PHE B 2 -4.48 -29.35 4.51
CA PHE B 2 -4.64 -27.91 4.72
C PHE B 2 -3.26 -27.21 4.75
N LYS B 3 -2.18 -28.02 4.68
CA LYS B 3 -0.81 -27.50 4.61
C LYS B 3 -0.66 -26.62 3.36
N LYS B 4 -1.39 -27.00 2.30
CA LYS B 4 -1.41 -26.29 1.03
C LYS B 4 -2.11 -24.95 1.18
N LEU B 5 -3.20 -24.85 2.01
CA LEU B 5 -3.91 -23.56 2.22
C LEU B 5 -2.91 -22.56 2.82
N TYR B 6 -2.10 -23.06 3.77
CA TYR B 6 -1.05 -22.28 4.42
C TYR B 6 -0.05 -21.73 3.36
N GLU B 7 0.36 -22.62 2.45
CA GLU B 7 1.32 -22.30 1.38
C GLU B 7 0.75 -21.28 0.38
N GLN B 8 -0.53 -21.46 -0.01
CA GLN B 8 -1.16 -20.63 -1.06
C GLN B 8 -1.31 -19.16 -0.59
N ILE B 9 -1.93 -18.97 0.60
CA ILE B 9 -2.24 -17.62 1.12
C ILE B 9 -0.94 -16.89 1.56
N LEU B 10 0.01 -17.64 2.18
CA LEU B 10 1.28 -17.05 2.67
C LEU B 10 2.27 -16.77 1.52
N ALA B 11 2.12 -17.52 0.40
CA ALA B 11 2.80 -17.20 -0.87
C ALA B 11 2.31 -15.85 -1.38
N GLU B 12 0.97 -15.66 -1.32
CA GLU B 12 0.31 -14.41 -1.74
C GLU B 12 0.70 -13.27 -0.77
N ASN B 13 0.78 -13.60 0.53
CA ASN B 13 1.08 -12.64 1.62
C ASN B 13 2.51 -12.11 1.50
N GLU B 14 3.43 -13.01 1.07
CA GLU B 14 4.82 -12.68 0.72
C GLU B 14 4.83 -11.66 -0.42
N LYS B 15 4.13 -12.01 -1.52
CA LYS B 15 4.05 -11.15 -2.71
C LYS B 15 3.51 -9.76 -2.32
N LEU B 16 2.47 -9.78 -1.46
CA LEU B 16 1.79 -8.57 -0.98
C LEU B 16 2.73 -7.70 -0.13
N LYS B 17 3.69 -8.34 0.55
CA LYS B 17 4.68 -7.66 1.39
C LYS B 17 5.68 -6.88 0.50
N ALA B 18 6.09 -7.52 -0.62
CA ALA B 18 7.08 -6.95 -1.56
C ALA B 18 6.46 -5.85 -2.44
N GLN B 19 5.26 -6.12 -3.00
CA GLN B 19 4.55 -5.18 -3.89
C GLN B 19 4.14 -3.92 -3.13
N LEU B 20 3.75 -4.07 -1.83
CA LEU B 20 3.40 -2.91 -1.01
C LEU B 20 4.64 -2.05 -0.77
N HIS B 21 5.78 -2.69 -0.42
CA HIS B 21 7.05 -1.97 -0.14
C HIS B 21 7.55 -1.25 -1.42
N ASP B 22 7.29 -1.90 -2.57
CA ASP B 22 7.60 -1.37 -3.90
C ASP B 22 6.75 -0.12 -4.18
N THR B 23 5.43 -0.24 -3.96
CA THR B 23 4.46 0.86 -4.18
C THR B 23 4.67 1.99 -3.13
N ASN B 24 5.20 1.62 -1.95
CA ASN B 24 5.48 2.56 -0.84
C ASN B 24 6.72 3.39 -1.18
N MET B 25 7.72 2.78 -1.85
CA MET B 25 8.96 3.49 -2.23
C MET B 25 8.73 4.31 -3.52
N GLU B 26 7.75 3.90 -4.35
CA GLU B 26 7.29 4.70 -5.50
C GLU B 26 6.56 5.95 -4.98
N LEU B 27 5.75 5.74 -3.95
CA LEU B 27 5.07 6.81 -3.20
C LEU B 27 6.10 7.79 -2.59
N THR B 28 7.18 7.22 -2.01
CA THR B 28 8.29 7.99 -1.43
C THR B 28 9.04 8.80 -2.52
N ASP B 29 9.16 8.18 -3.70
CA ASP B 29 9.77 8.78 -4.90
C ASP B 29 8.96 10.00 -5.37
N LEU B 30 7.62 9.85 -5.35
CA LEU B 30 6.69 10.88 -5.84
C LEU B 30 6.56 12.06 -4.87
N LYS B 31 6.60 11.79 -3.53
CA LYS B 31 6.51 12.87 -2.51
C LYS B 31 7.82 13.65 -2.39
N LEU B 32 8.94 12.96 -2.72
CA LEU B 32 10.28 13.59 -2.85
C LEU B 32 10.24 14.58 -4.03
N GLN B 33 9.73 14.10 -5.17
CA GLN B 33 9.54 14.94 -6.35
C GLN B 33 8.49 16.05 -6.09
N LEU B 34 7.51 15.77 -5.21
CA LEU B 34 6.38 16.68 -4.90
C LEU B 34 6.91 17.99 -4.33
N GLU B 35 7.80 17.85 -3.32
CA GLU B 35 8.47 18.98 -2.67
C GLU B 35 9.49 19.64 -3.62
N LYS B 36 10.09 18.85 -4.53
CA LYS B 36 11.00 19.38 -5.57
C LYS B 36 10.24 20.18 -6.67
N ALA B 37 8.99 19.81 -6.96
CA ALA B 37 8.19 20.43 -8.03
C ALA B 37 7.62 21.77 -7.55
N THR B 38 6.72 21.69 -6.57
CA THR B 38 6.11 22.86 -5.93
C THR B 38 6.91 23.22 -4.65
N GLN B 39 6.64 22.50 -3.54
CA GLN B 39 7.30 22.68 -2.22
C GLN B 39 6.71 21.68 -1.19
N ARG B 40 5.45 21.25 -1.42
CA ARG B 40 4.69 20.28 -0.58
C ARG B 40 4.32 20.91 0.79
N GLN B 41 3.06 20.72 1.25
CA GLN B 41 2.63 21.19 2.59
C GLN B 41 3.26 20.30 3.69
N GLU B 42 3.43 20.90 4.87
CA GLU B 42 4.13 20.27 6.01
C GLU B 42 3.13 19.98 7.13
N ARG B 43 2.41 18.86 6.96
CA ARG B 43 1.44 18.35 7.94
C ARG B 43 2.13 18.06 9.30
N PHE B 44 3.29 17.36 9.22
CA PHE B 44 4.18 17.10 10.36
C PHE B 44 5.54 16.60 9.80
N ASP A 1 -9.37 -26.91 15.24
CA ASP A 1 -8.12 -26.12 15.37
C ASP A 1 -7.76 -25.41 14.04
N PHE A 2 -7.67 -26.19 12.96
CA PHE A 2 -7.21 -25.71 11.63
C PHE A 2 -8.18 -24.71 10.95
N LYS A 3 -9.41 -24.57 11.47
CA LYS A 3 -10.39 -23.60 10.95
C LYS A 3 -9.89 -22.17 11.22
N LYS A 4 -9.25 -21.99 12.39
CA LYS A 4 -8.73 -20.70 12.83
C LYS A 4 -7.35 -20.46 12.20
N LEU A 5 -6.61 -21.56 11.89
CA LEU A 5 -5.29 -21.48 11.22
C LEU A 5 -5.42 -20.71 9.90
N TYR A 6 -6.48 -21.10 9.16
CA TYR A 6 -6.91 -20.43 7.93
C TYR A 6 -7.18 -18.93 8.22
N GLU A 7 -7.99 -18.69 9.25
CA GLU A 7 -8.41 -17.33 9.67
C GLU A 7 -7.21 -16.43 10.04
N GLN A 8 -6.16 -17.00 10.66
CA GLN A 8 -4.99 -16.22 11.16
C GLN A 8 -4.20 -15.59 10.00
N ILE A 9 -3.60 -16.44 9.12
CA ILE A 9 -2.83 -15.92 7.97
C ILE A 9 -3.74 -15.13 7.00
N LEU A 10 -4.98 -15.62 6.76
CA LEU A 10 -5.94 -14.99 5.79
C LEU A 10 -6.40 -13.61 6.32
N ALA A 11 -6.46 -13.43 7.65
CA ALA A 11 -6.78 -12.12 8.27
C ALA A 11 -5.71 -11.09 7.84
N GLU A 12 -4.44 -11.51 7.99
CA GLU A 12 -3.29 -10.72 7.57
C GLU A 12 -3.26 -10.56 6.03
N ASN A 13 -3.61 -11.63 5.31
CA ASN A 13 -3.46 -11.75 3.84
C ASN A 13 -4.46 -10.81 3.13
N GLU A 14 -5.68 -10.76 3.67
CA GLU A 14 -6.77 -9.91 3.16
C GLU A 14 -6.50 -8.45 3.58
N LYS A 15 -5.82 -8.29 4.75
CA LYS A 15 -5.38 -6.98 5.23
C LYS A 15 -4.36 -6.41 4.23
N LEU A 16 -3.45 -7.31 3.76
CA LEU A 16 -2.40 -6.97 2.78
C LEU A 16 -3.00 -6.61 1.41
N LYS A 17 -4.15 -7.22 1.09
CA LYS A 17 -4.94 -6.90 -0.11
C LYS A 17 -5.54 -5.47 0.00
N ALA A 18 -5.96 -5.11 1.21
CA ALA A 18 -6.65 -3.84 1.51
C ALA A 18 -5.66 -2.65 1.50
N GLN A 19 -4.52 -2.83 2.18
CA GLN A 19 -3.46 -1.80 2.31
C GLN A 19 -2.67 -1.63 1.01
N LEU A 20 -2.57 -2.70 0.18
CA LEU A 20 -1.94 -2.58 -1.15
C LEU A 20 -2.81 -1.68 -2.01
N HIS A 21 -4.14 -1.93 -1.96
CA HIS A 21 -5.11 -1.16 -2.75
C HIS A 21 -5.06 0.33 -2.37
N ASP A 22 -4.95 0.58 -1.05
CA ASP A 22 -4.82 1.93 -0.48
C ASP A 22 -3.55 2.63 -1.03
N THR A 23 -2.40 1.93 -0.90
CA THR A 23 -1.07 2.47 -1.28
C THR A 23 -0.95 2.60 -2.82
N ASN A 24 -1.63 1.73 -3.58
CA ASN A 24 -1.59 1.75 -5.06
C ASN A 24 -2.33 2.98 -5.60
N MET A 25 -3.58 3.16 -5.11
CA MET A 25 -4.46 4.24 -5.57
C MET A 25 -3.98 5.62 -5.11
N GLU A 26 -3.51 5.72 -3.83
CA GLU A 26 -2.99 7.00 -3.31
C GLU A 26 -1.71 7.41 -4.05
N LEU A 27 -0.89 6.38 -4.42
CA LEU A 27 0.29 6.56 -5.27
C LEU A 27 -0.13 7.12 -6.63
N THR A 28 -1.17 6.52 -7.25
CA THR A 28 -1.68 6.90 -8.59
C THR A 28 -2.04 8.40 -8.65
N ASP A 29 -2.79 8.83 -7.62
CA ASP A 29 -3.21 10.25 -7.43
C ASP A 29 -1.97 11.16 -7.25
N LEU A 30 -1.08 10.73 -6.35
CA LEU A 30 0.05 11.54 -5.87
C LEU A 30 1.11 11.71 -7.00
N LYS A 31 1.32 10.66 -7.83
CA LYS A 31 2.32 10.68 -8.94
C LYS A 31 1.78 11.42 -10.16
N LEU A 32 0.44 11.36 -10.32
CA LEU A 32 -0.28 12.09 -11.36
C LEU A 32 0.02 13.58 -11.25
N GLN A 33 -0.38 14.17 -10.11
CA GLN A 33 -0.19 15.60 -9.83
C GLN A 33 1.31 15.98 -9.76
N LEU A 34 2.15 15.01 -9.26
CA LEU A 34 3.64 15.18 -9.15
C LEU A 34 4.20 15.74 -10.45
N GLU A 35 4.16 14.88 -11.50
CA GLU A 35 4.80 15.13 -12.80
C GLU A 35 4.02 16.13 -13.67
N LYS A 36 2.72 16.35 -13.34
CA LYS A 36 1.96 17.53 -13.84
C LYS A 36 2.50 18.83 -13.20
N ALA A 37 3.33 18.65 -12.15
CA ALA A 37 4.12 19.70 -11.47
C ALA A 37 3.22 20.42 -10.48
N THR A 38 2.77 19.61 -9.50
CA THR A 38 1.74 20.02 -8.53
C THR A 38 2.10 21.31 -7.75
N GLN A 39 1.04 22.04 -7.38
CA GLN A 39 1.11 23.28 -6.60
C GLN A 39 0.49 23.09 -5.20
N ARG A 40 -0.21 21.96 -5.03
CA ARG A 40 -0.93 21.60 -3.80
C ARG A 40 -1.51 20.19 -3.98
N GLN A 41 -1.44 19.37 -2.91
CA GLN A 41 -2.14 18.07 -2.85
C GLN A 41 -3.16 18.14 -1.70
N GLU A 42 -2.66 18.52 -0.50
CA GLU A 42 -3.43 18.71 0.75
C GLU A 42 -4.48 17.59 0.97
N ARG A 43 -4.06 16.32 0.72
CA ARG A 43 -4.93 15.13 0.77
C ARG A 43 -5.48 14.93 2.20
N PHE A 44 -4.58 15.07 3.18
CA PHE A 44 -4.95 15.15 4.62
C PHE A 44 -4.29 16.39 5.24
N ASP B 1 -3.81 -32.79 6.26
CA ASP B 1 -3.71 -32.21 4.91
C ASP B 1 -3.71 -30.67 4.94
N PHE B 2 -4.04 -30.09 6.08
CA PHE B 2 -4.15 -28.63 6.26
C PHE B 2 -2.78 -27.89 6.27
N LYS B 3 -1.68 -28.66 6.20
CA LYS B 3 -0.30 -28.11 6.13
C LYS B 3 -0.17 -27.22 4.87
N LYS B 4 -0.91 -27.61 3.82
CA LYS B 4 -0.93 -26.92 2.53
C LYS B 4 -1.68 -25.59 2.66
N LEU B 5 -2.77 -25.53 3.48
CA LEU B 5 -3.55 -24.27 3.65
C LEU B 5 -2.60 -23.21 4.21
N TYR B 6 -1.79 -23.64 5.21
CA TYR B 6 -0.77 -22.78 5.82
C TYR B 6 0.21 -22.27 4.74
N GLU B 7 0.68 -23.19 3.89
CA GLU B 7 1.65 -22.89 2.81
C GLU B 7 1.09 -21.93 1.74
N GLN B 8 -0.17 -22.15 1.33
CA GLN B 8 -0.77 -21.39 0.19
C GLN B 8 -0.99 -19.92 0.58
N ILE B 9 -1.67 -19.72 1.73
CA ILE B 9 -2.01 -18.36 2.19
C ILE B 9 -0.74 -17.59 2.60
N LEU B 10 0.26 -18.32 3.17
CA LEU B 10 1.57 -17.74 3.59
C LEU B 10 2.44 -17.43 2.35
N ALA B 11 2.31 -18.24 1.27
CA ALA B 11 3.00 -17.99 -0.02
C ALA B 11 2.48 -16.70 -0.66
N GLU B 12 1.13 -16.55 -0.66
CA GLU B 12 0.46 -15.33 -1.13
C GLU B 12 0.78 -14.14 -0.19
N ASN B 13 0.90 -14.41 1.13
CA ASN B 13 1.23 -13.40 2.18
C ASN B 13 2.62 -12.79 1.93
N GLU B 14 3.58 -13.66 1.56
CA GLU B 14 4.97 -13.27 1.22
C GLU B 14 4.98 -12.46 -0.10
N LYS B 15 4.25 -12.98 -1.10
CA LYS B 15 4.08 -12.33 -2.41
C LYS B 15 3.50 -10.90 -2.23
N LEU B 16 2.53 -10.80 -1.30
CA LEU B 16 1.86 -9.56 -0.93
C LEU B 16 2.82 -8.63 -0.19
N LYS B 17 3.71 -9.22 0.61
CA LYS B 17 4.73 -8.48 1.38
C LYS B 17 5.73 -7.79 0.41
N ALA B 18 6.04 -8.51 -0.68
CA ALA B 18 7.02 -8.09 -1.70
C ALA B 18 6.44 -7.00 -2.61
N GLN B 19 5.19 -7.20 -3.08
CA GLN B 19 4.50 -6.27 -4.00
C GLN B 19 4.16 -4.93 -3.30
N LEU B 20 3.73 -5.01 -2.02
CA LEU B 20 3.39 -3.81 -1.23
C LEU B 20 4.66 -3.03 -0.94
N HIS B 21 5.75 -3.78 -0.63
CA HIS B 21 7.07 -3.21 -0.40
C HIS B 21 7.49 -2.37 -1.62
N ASP B 22 7.33 -2.95 -2.82
CA ASP B 22 7.64 -2.29 -4.09
C ASP B 22 6.82 -0.98 -4.22
N THR B 23 5.50 -1.07 -3.97
CA THR B 23 4.57 0.08 -4.06
C THR B 23 4.96 1.20 -3.06
N ASN B 24 5.43 0.78 -1.86
CA ASN B 24 5.83 1.72 -0.79
C ASN B 24 7.15 2.41 -1.17
N MET B 25 8.06 1.69 -1.86
CA MET B 25 9.33 2.25 -2.37
C MET B 25 9.05 3.35 -3.39
N GLU B 26 8.11 3.09 -4.34
CA GLU B 26 7.73 4.07 -5.39
C GLU B 26 7.12 5.29 -4.70
N LEU B 27 6.25 5.02 -3.70
CA LEU B 27 5.55 6.05 -2.90
C LEU B 27 6.56 6.88 -2.05
N THR B 28 7.72 6.28 -1.67
CA THR B 28 8.79 7.00 -0.92
C THR B 28 9.54 7.98 -1.84
N ASP B 29 9.86 7.51 -3.06
CA ASP B 29 10.49 8.33 -4.11
C ASP B 29 9.56 9.48 -4.50
N LEU B 30 8.28 9.13 -4.66
CA LEU B 30 7.19 10.01 -5.05
C LEU B 30 6.99 11.10 -4.00
N LYS B 31 6.96 10.67 -2.73
CA LYS B 31 6.88 11.53 -1.54
C LYS B 31 7.97 12.63 -1.57
N LEU B 32 9.20 12.21 -1.90
CA LEU B 32 10.36 13.11 -2.01
C LEU B 32 10.19 14.08 -3.20
N GLN B 33 9.84 13.53 -4.37
CA GLN B 33 9.71 14.29 -5.62
C GLN B 33 8.51 15.25 -5.57
N LEU B 34 7.49 14.89 -4.77
CA LEU B 34 6.23 15.65 -4.64
C LEU B 34 6.51 16.93 -3.86
N GLU B 35 7.22 16.80 -2.72
CA GLU B 35 7.60 17.97 -1.90
C GLU B 35 8.67 18.83 -2.61
N LYS B 36 9.41 18.22 -3.56
CA LYS B 36 10.32 18.96 -4.47
C LYS B 36 9.52 19.72 -5.56
N ALA B 37 8.38 19.14 -5.98
CA ALA B 37 7.49 19.75 -7.00
C ALA B 37 6.74 20.96 -6.42
N THR B 38 6.14 20.76 -5.23
CA THR B 38 5.27 21.76 -4.59
C THR B 38 6.00 22.48 -3.43
N GLN B 39 5.46 23.66 -3.06
CA GLN B 39 5.83 24.42 -1.86
C GLN B 39 4.88 24.07 -0.70
N ARG B 40 3.72 23.48 -1.06
CA ARG B 40 2.67 23.04 -0.10
C ARG B 40 3.19 21.87 0.78
N GLN B 41 2.48 21.55 1.90
CA GLN B 41 3.00 20.67 2.99
C GLN B 41 3.69 19.40 2.46
N GLU B 42 4.85 19.14 3.04
CA GLU B 42 5.76 18.04 2.65
C GLU B 42 5.41 16.75 3.41
N ARG B 43 4.36 16.84 4.27
CA ARG B 43 3.87 15.75 5.12
C ARG B 43 3.36 14.56 4.28
N PHE B 44 2.21 14.76 3.61
CA PHE B 44 1.51 13.69 2.88
C PHE B 44 0.39 14.31 1.99
N ASP A 1 -10.24 -25.62 14.99
CA ASP A 1 -9.06 -24.72 15.12
C ASP A 1 -8.78 -24.00 13.78
N PHE A 2 -8.70 -24.80 12.71
CA PHE A 2 -8.22 -24.35 11.40
C PHE A 2 -9.23 -23.46 10.64
N LYS A 3 -10.49 -23.42 11.11
CA LYS A 3 -11.53 -22.58 10.47
C LYS A 3 -11.24 -21.09 10.78
N LYS A 4 -10.75 -20.86 12.02
CA LYS A 4 -10.44 -19.53 12.51
C LYS A 4 -9.03 -19.15 12.06
N LEU A 5 -8.17 -20.17 11.78
CA LEU A 5 -6.84 -19.96 11.18
C LEU A 5 -6.97 -19.12 9.89
N TYR A 6 -7.99 -19.52 9.08
CA TYR A 6 -8.40 -18.77 7.90
C TYR A 6 -8.76 -17.34 8.29
N GLU A 7 -9.67 -17.20 9.30
CA GLU A 7 -10.15 -15.89 9.81
C GLU A 7 -8.99 -14.96 10.21
N GLN A 8 -7.93 -15.53 10.82
CA GLN A 8 -6.79 -14.77 11.39
C GLN A 8 -6.00 -14.04 10.30
N ILE A 9 -5.28 -14.81 9.46
CA ILE A 9 -4.47 -14.22 8.37
C ILE A 9 -5.36 -13.40 7.41
N LEU A 10 -6.56 -13.93 7.08
CA LEU A 10 -7.49 -13.30 6.10
C LEU A 10 -8.03 -11.96 6.65
N ALA A 11 -8.21 -11.83 7.98
CA ALA A 11 -8.62 -10.56 8.61
C ALA A 11 -7.55 -9.49 8.40
N GLU A 12 -6.28 -9.87 8.62
CA GLU A 12 -5.12 -8.99 8.39
C GLU A 12 -4.97 -8.68 6.89
N ASN A 13 -5.15 -9.73 6.07
CA ASN A 13 -4.99 -9.71 4.59
C ASN A 13 -6.02 -8.76 3.96
N GLU A 14 -7.26 -8.84 4.46
CA GLU A 14 -8.38 -7.98 4.06
C GLU A 14 -8.05 -6.52 4.38
N LYS A 15 -7.59 -6.30 5.62
CA LYS A 15 -7.17 -4.99 6.10
C LYS A 15 -6.07 -4.44 5.17
N LEU A 16 -5.10 -5.32 4.80
CA LEU A 16 -3.93 -4.96 3.98
C LEU A 16 -4.36 -4.55 2.56
N LYS A 17 -5.47 -5.11 2.06
CA LYS A 17 -6.07 -4.73 0.77
C LYS A 17 -6.76 -3.35 0.87
N ALA A 18 -7.36 -3.06 2.04
CA ALA A 18 -8.10 -1.80 2.29
C ALA A 18 -7.13 -0.62 2.38
N GLN A 19 -6.08 -0.78 3.21
CA GLN A 19 -5.06 0.26 3.44
C GLN A 19 -4.16 0.47 2.21
N LEU A 20 -3.89 -0.61 1.42
CA LEU A 20 -3.15 -0.46 0.14
C LEU A 20 -4.00 0.35 -0.83
N HIS A 21 -5.32 0.06 -0.84
CA HIS A 21 -6.30 0.71 -1.73
C HIS A 21 -6.33 2.23 -1.46
N ASP A 22 -6.17 2.60 -0.16
CA ASP A 22 -6.08 4.00 0.27
C ASP A 22 -4.76 4.64 -0.14
N THR A 23 -3.64 3.91 0.07
CA THR A 23 -2.30 4.44 -0.27
C THR A 23 -2.12 4.57 -1.79
N ASN A 24 -2.82 3.71 -2.56
CA ASN A 24 -2.79 3.70 -4.03
C ASN A 24 -3.61 4.88 -4.58
N MET A 25 -4.82 5.07 -4.00
CA MET A 25 -5.76 6.10 -4.50
C MET A 25 -5.22 7.50 -4.19
N GLU A 26 -4.56 7.65 -3.02
CA GLU A 26 -4.02 8.93 -2.56
C GLU A 26 -2.69 9.22 -3.28
N LEU A 27 -1.93 8.15 -3.64
CA LEU A 27 -0.72 8.26 -4.48
C LEU A 27 -1.05 8.84 -5.87
N THR A 28 -2.09 8.28 -6.51
CA THR A 28 -2.57 8.71 -7.84
C THR A 28 -3.12 10.16 -7.77
N ASP A 29 -3.87 10.44 -6.69
CA ASP A 29 -4.47 11.76 -6.42
C ASP A 29 -3.38 12.80 -6.07
N LEU A 30 -2.31 12.32 -5.40
CA LEU A 30 -1.17 13.16 -4.99
C LEU A 30 -0.42 13.61 -6.24
N LYS A 31 -0.24 12.66 -7.19
CA LYS A 31 0.46 12.86 -8.48
C LYS A 31 -0.40 13.76 -9.41
N LEU A 32 -1.72 13.65 -9.25
CA LEU A 32 -2.70 14.39 -10.05
C LEU A 32 -2.56 15.90 -9.78
N GLN A 33 -2.72 16.30 -8.51
CA GLN A 33 -2.61 17.72 -8.10
C GLN A 33 -1.13 18.18 -8.04
N LEU A 34 -0.18 17.21 -7.96
CA LEU A 34 1.28 17.48 -8.10
C LEU A 34 1.54 18.25 -9.39
N GLU A 35 1.20 17.60 -10.53
CA GLU A 35 1.45 18.15 -11.88
C GLU A 35 0.51 19.34 -12.18
N LYS A 36 -0.66 19.39 -11.50
CA LYS A 36 -1.53 20.60 -11.52
C LYS A 36 -0.88 21.76 -10.71
N ALA A 37 0.23 21.44 -10.04
CA ALA A 37 1.10 22.40 -9.34
C ALA A 37 0.50 22.69 -7.98
N THR A 38 0.55 21.62 -7.17
CA THR A 38 0.05 21.58 -5.75
C THR A 38 0.25 22.88 -4.90
N GLN A 39 -0.37 22.87 -3.72
CA GLN A 39 -0.14 23.87 -2.67
C GLN A 39 -0.20 23.17 -1.28
N ARG A 40 -1.09 22.15 -1.20
CA ARG A 40 -1.36 21.36 0.01
C ARG A 40 -2.00 20.03 -0.42
N GLN A 41 -1.77 18.99 0.39
CA GLN A 41 -2.38 17.67 0.21
C GLN A 41 -3.22 17.33 1.44
N GLU A 42 -4.26 16.53 1.24
CA GLU A 42 -5.13 16.04 2.30
C GLU A 42 -5.24 14.51 2.17
N ARG A 43 -4.31 13.82 2.85
CA ARG A 43 -4.29 12.35 2.91
C ARG A 43 -5.34 11.86 3.92
N PHE A 44 -5.27 12.43 5.13
CA PHE A 44 -6.21 12.17 6.22
C PHE A 44 -6.51 13.47 6.96
N ASP B 1 -4.67 -30.70 6.20
CA ASP B 1 -5.50 -30.36 5.04
C ASP B 1 -5.69 -28.83 4.95
N PHE B 2 -5.33 -28.14 6.04
CA PHE B 2 -5.49 -26.68 6.17
C PHE B 2 -4.13 -25.98 6.37
N LYS B 3 -3.03 -26.77 6.43
CA LYS B 3 -1.67 -26.22 6.47
C LYS B 3 -1.43 -25.43 5.18
N LYS B 4 -2.04 -25.93 4.07
CA LYS B 4 -2.05 -25.25 2.79
C LYS B 4 -2.72 -23.87 2.89
N LEU B 5 -3.87 -23.75 3.65
CA LEU B 5 -4.64 -22.47 3.73
C LEU B 5 -3.74 -21.42 4.37
N TYR B 6 -2.99 -21.85 5.43
CA TYR B 6 -2.04 -20.99 6.13
C TYR B 6 -1.04 -20.42 5.11
N GLU B 7 -0.48 -21.32 4.29
CA GLU B 7 0.51 -20.96 3.28
C GLU B 7 -0.05 -20.01 2.19
N GLN B 8 -1.29 -20.26 1.73
CA GLN B 8 -1.90 -19.50 0.61
C GLN B 8 -2.10 -18.03 0.99
N ILE B 9 -2.87 -17.81 2.08
CA ILE B 9 -3.22 -16.47 2.55
C ILE B 9 -1.97 -15.73 3.09
N LEU B 10 -1.07 -16.45 3.79
CA LEU B 10 0.18 -15.89 4.38
C LEU B 10 1.17 -15.49 3.26
N ALA B 11 1.18 -16.25 2.15
CA ALA B 11 2.01 -15.92 0.97
C ALA B 11 1.56 -14.58 0.36
N GLU B 12 0.22 -14.39 0.30
CA GLU B 12 -0.38 -13.14 -0.17
C GLU B 12 -0.17 -12.02 0.86
N ASN B 13 -0.27 -12.36 2.16
CA ASN B 13 -0.15 -11.42 3.31
C ASN B 13 1.27 -10.81 3.35
N GLU B 14 2.26 -11.70 3.14
CA GLU B 14 3.69 -11.36 2.98
C GLU B 14 3.86 -10.33 1.85
N LYS B 15 3.32 -10.70 0.68
CA LYS B 15 3.38 -9.88 -0.52
C LYS B 15 2.72 -8.51 -0.26
N LEU B 16 1.60 -8.53 0.50
CA LEU B 16 0.82 -7.33 0.82
C LEU B 16 1.58 -6.36 1.73
N LYS B 17 2.46 -6.90 2.58
CA LYS B 17 3.33 -6.09 3.44
C LYS B 17 4.45 -5.41 2.62
N ALA B 18 4.96 -6.16 1.63
CA ALA B 18 6.07 -5.68 0.77
C ALA B 18 5.58 -4.62 -0.24
N GLN B 19 4.37 -4.84 -0.80
CA GLN B 19 3.80 -3.94 -1.82
C GLN B 19 3.29 -2.64 -1.17
N LEU B 20 2.74 -2.73 0.07
CA LEU B 20 2.27 -1.54 0.78
C LEU B 20 3.46 -0.65 1.15
N HIS B 21 4.57 -1.28 1.60
CA HIS B 21 5.83 -0.56 1.90
C HIS B 21 6.32 0.15 0.64
N ASP B 22 6.33 -0.61 -0.46
CA ASP B 22 6.74 -0.16 -1.80
C ASP B 22 5.88 1.05 -2.29
N THR B 23 4.55 0.98 -2.04
CA THR B 23 3.59 2.03 -2.45
C THR B 23 3.72 3.28 -1.54
N ASN B 24 4.06 3.05 -0.26
CA ASN B 24 4.32 4.12 0.72
C ASN B 24 5.69 4.79 0.44
N MET B 25 6.61 4.04 -0.21
CA MET B 25 7.87 4.60 -0.72
C MET B 25 7.59 5.50 -1.93
N GLU B 26 6.69 5.05 -2.84
CA GLU B 26 6.21 5.86 -3.98
C GLU B 26 5.54 7.15 -3.48
N LEU B 27 4.77 6.99 -2.39
CA LEU B 27 4.01 8.06 -1.74
C LEU B 27 4.96 9.09 -1.08
N THR B 28 6.03 8.60 -0.43
CA THR B 28 7.08 9.45 0.19
C THR B 28 7.87 10.20 -0.90
N ASP B 29 8.14 9.47 -1.99
CA ASP B 29 8.85 9.98 -3.16
C ASP B 29 8.00 11.07 -3.85
N LEU B 30 6.68 10.84 -3.89
CA LEU B 30 5.73 11.71 -4.58
C LEU B 30 5.58 13.03 -3.80
N LYS B 31 5.38 12.92 -2.46
CA LYS B 31 5.23 14.11 -1.60
C LYS B 31 6.55 14.91 -1.54
N LEU B 32 7.66 14.23 -1.90
CA LEU B 32 8.96 14.89 -2.11
C LEU B 32 8.92 15.79 -3.37
N GLN B 33 8.40 15.28 -4.51
CA GLN B 33 8.18 16.14 -5.71
C GLN B 33 7.13 17.23 -5.42
N LEU B 34 6.20 16.95 -4.49
CA LEU B 34 5.09 17.84 -4.12
C LEU B 34 5.65 19.11 -3.42
N GLU B 35 6.55 18.89 -2.44
CA GLU B 35 7.21 19.97 -1.69
C GLU B 35 8.24 20.71 -2.58
N LYS B 36 8.74 20.02 -3.63
CA LYS B 36 9.59 20.65 -4.67
C LYS B 36 8.74 21.50 -5.64
N ALA B 37 7.50 21.05 -5.91
CA ALA B 37 6.57 21.73 -6.84
C ALA B 37 6.17 23.11 -6.29
N THR B 38 6.04 23.20 -4.96
CA THR B 38 5.82 24.50 -4.29
C THR B 38 6.53 24.54 -2.90
N GLN B 39 6.07 23.69 -1.95
CA GLN B 39 6.53 23.65 -0.53
C GLN B 39 5.61 22.72 0.29
N ARG B 40 4.39 22.44 -0.24
CA ARG B 40 3.30 21.65 0.41
C ARG B 40 2.76 22.43 1.64
N GLN B 41 1.81 21.82 2.38
CA GLN B 41 1.22 22.45 3.59
C GLN B 41 2.26 22.81 4.69
N GLU B 42 3.47 22.22 4.57
CA GLU B 42 4.70 22.54 5.37
C GLU B 42 4.52 22.40 6.89
N ARG B 43 3.44 21.70 7.28
CA ARG B 43 3.10 21.42 8.69
C ARG B 43 4.11 20.43 9.28
N PHE B 44 4.46 19.42 8.48
CA PHE B 44 5.46 18.40 8.81
C PHE B 44 6.31 18.13 7.55
N ASP A 1 -9.59 -26.49 14.30
CA ASP A 1 -8.89 -25.18 14.44
C ASP A 1 -8.36 -24.67 13.10
N PHE A 2 -8.44 -25.48 12.05
CA PHE A 2 -7.97 -25.08 10.70
C PHE A 2 -8.84 -23.98 10.06
N LYS A 3 -10.03 -23.70 10.65
CA LYS A 3 -10.89 -22.59 10.21
C LYS A 3 -10.22 -21.25 10.51
N LYS A 4 -9.67 -21.11 11.76
CA LYS A 4 -9.05 -19.87 12.22
C LYS A 4 -7.71 -19.69 11.55
N LEU A 5 -7.01 -20.81 11.24
CA LEU A 5 -5.74 -20.79 10.48
C LEU A 5 -5.90 -19.98 9.18
N TYR A 6 -6.96 -20.37 8.44
CA TYR A 6 -7.39 -19.71 7.21
C TYR A 6 -7.72 -18.23 7.47
N GLU A 7 -8.46 -17.99 8.57
CA GLU A 7 -8.93 -16.64 8.96
C GLU A 7 -7.76 -15.70 9.35
N GLN A 8 -6.70 -16.22 10.00
CA GLN A 8 -5.57 -15.39 10.49
C GLN A 8 -4.82 -14.74 9.34
N ILE A 9 -4.21 -15.59 8.47
CA ILE A 9 -3.43 -15.09 7.34
C ILE A 9 -4.31 -14.32 6.32
N LEU A 10 -5.54 -14.83 6.06
CA LEU A 10 -6.44 -14.22 5.05
C LEU A 10 -7.05 -12.90 5.53
N ALA A 11 -7.22 -12.73 6.85
CA ALA A 11 -7.64 -11.45 7.45
C ALA A 11 -6.55 -10.41 7.21
N GLU A 12 -5.30 -10.83 7.40
CA GLU A 12 -4.12 -9.98 7.15
C GLU A 12 -3.99 -9.71 5.65
N ASN A 13 -4.26 -10.75 4.83
CA ASN A 13 -4.15 -10.73 3.36
C ASN A 13 -5.13 -9.70 2.76
N GLU A 14 -6.37 -9.72 3.28
CA GLU A 14 -7.44 -8.75 2.94
C GLU A 14 -6.98 -7.33 3.25
N LYS A 15 -6.47 -7.15 4.48
CA LYS A 15 -5.99 -5.87 4.97
C LYS A 15 -4.84 -5.35 4.09
N LEU A 16 -3.92 -6.27 3.72
CA LEU A 16 -2.74 -5.96 2.88
C LEU A 16 -3.18 -5.54 1.48
N LYS A 17 -4.28 -6.14 1.02
CA LYS A 17 -4.91 -5.82 -0.27
C LYS A 17 -5.57 -4.42 -0.21
N ALA A 18 -6.08 -4.05 0.97
CA ALA A 18 -6.80 -2.78 1.18
C ALA A 18 -5.81 -1.60 1.28
N GLN A 19 -4.77 -1.77 2.12
CA GLN A 19 -3.76 -0.75 2.37
C GLN A 19 -2.87 -0.52 1.14
N LEU A 20 -2.63 -1.60 0.36
CA LEU A 20 -1.88 -1.48 -0.90
C LEU A 20 -2.71 -0.67 -1.88
N HIS A 21 -4.03 -1.00 -1.96
CA HIS A 21 -4.98 -0.32 -2.86
C HIS A 21 -4.93 1.18 -2.63
N ASP A 22 -4.92 1.56 -1.35
CA ASP A 22 -4.85 2.95 -0.90
C ASP A 22 -3.51 3.60 -1.31
N THR A 23 -2.38 2.91 -1.02
CA THR A 23 -1.02 3.41 -1.31
C THR A 23 -0.78 3.51 -2.84
N ASN A 24 -1.43 2.62 -3.61
CA ASN A 24 -1.30 2.54 -5.08
C ASN A 24 -2.08 3.69 -5.73
N MET A 25 -3.32 3.89 -5.26
CA MET A 25 -4.21 4.96 -5.75
C MET A 25 -3.60 6.33 -5.48
N GLU A 26 -3.15 6.57 -4.23
CA GLU A 26 -2.57 7.88 -3.85
C GLU A 26 -1.27 8.12 -4.61
N LEU A 27 -0.46 7.05 -4.86
CA LEU A 27 0.76 7.10 -5.68
C LEU A 27 0.44 7.60 -7.11
N THR A 28 -0.67 7.09 -7.67
CA THR A 28 -1.11 7.39 -9.04
C THR A 28 -1.61 8.86 -9.15
N ASP A 29 -2.40 9.28 -8.16
CA ASP A 29 -2.89 10.66 -8.04
C ASP A 29 -1.72 11.62 -7.78
N LEU A 30 -0.72 11.14 -6.99
CA LEU A 30 0.43 11.95 -6.56
C LEU A 30 1.39 12.15 -7.73
N LYS A 31 1.60 11.10 -8.55
CA LYS A 31 2.50 11.17 -9.72
C LYS A 31 1.88 12.08 -10.79
N LEU A 32 0.53 12.06 -10.86
CA LEU A 32 -0.23 12.85 -11.81
C LEU A 32 -0.07 14.35 -11.53
N GLN A 33 -0.31 14.78 -10.27
CA GLN A 33 -0.16 16.19 -9.89
C GLN A 33 1.34 16.61 -9.86
N LEU A 34 2.23 15.64 -9.55
CA LEU A 34 3.70 15.84 -9.56
C LEU A 34 4.12 16.48 -10.89
N GLU A 35 3.87 15.70 -11.97
CA GLU A 35 4.28 16.01 -13.34
C GLU A 35 3.52 17.22 -13.90
N LYS A 36 2.27 17.43 -13.42
CA LYS A 36 1.50 18.67 -13.66
C LYS A 36 2.23 19.90 -13.05
N ALA A 37 3.17 19.60 -12.13
CA ALA A 37 4.03 20.58 -11.44
C ALA A 37 3.22 21.16 -10.32
N THR A 38 2.88 20.24 -9.41
CA THR A 38 1.96 20.52 -8.28
C THR A 38 2.42 21.69 -7.38
N GLN A 39 1.49 22.12 -6.52
CA GLN A 39 1.75 23.01 -5.40
C GLN A 39 1.32 22.32 -4.10
N ARG A 40 0.11 21.73 -4.12
CA ARG A 40 -0.49 21.06 -2.96
C ARG A 40 -1.69 20.20 -3.40
N GLN A 41 -1.73 18.94 -2.92
CA GLN A 41 -2.87 18.00 -3.14
C GLN A 41 -3.70 17.90 -1.86
N GLU A 42 -2.96 17.88 -0.73
CA GLU A 42 -3.45 17.70 0.63
C GLU A 42 -4.00 16.27 0.86
N ARG A 43 -3.34 15.54 1.79
CA ARG A 43 -3.65 14.14 2.11
C ARG A 43 -4.21 14.04 3.54
N PHE A 44 -3.68 14.88 4.45
CA PHE A 44 -4.14 14.97 5.85
C PHE A 44 -4.65 16.39 6.13
N ASP B 1 -3.86 -31.40 4.06
CA ASP B 1 -4.79 -30.74 3.14
C ASP B 1 -5.03 -29.28 3.57
N PHE B 2 -4.56 -28.95 4.77
CA PHE B 2 -4.70 -27.61 5.37
C PHE B 2 -3.34 -26.93 5.57
N LYS B 3 -2.26 -27.74 5.63
CA LYS B 3 -0.89 -27.19 5.70
C LYS B 3 -0.61 -26.34 4.43
N LYS B 4 -1.25 -26.78 3.32
CA LYS B 4 -1.17 -26.09 2.03
C LYS B 4 -1.91 -24.75 2.08
N LEU B 5 -3.07 -24.64 2.82
CA LEU B 5 -3.82 -23.36 2.92
C LEU B 5 -2.90 -22.32 3.55
N TYR B 6 -2.18 -22.76 4.61
CA TYR B 6 -1.21 -21.93 5.31
C TYR B 6 -0.16 -21.40 4.30
N GLU B 7 0.33 -22.31 3.44
CA GLU B 7 1.34 -21.99 2.42
C GLU B 7 0.82 -21.02 1.34
N GLN B 8 -0.40 -21.27 0.82
CA GLN B 8 -0.95 -20.51 -0.34
C GLN B 8 -1.19 -19.06 0.02
N ILE B 9 -1.94 -18.84 1.12
CA ILE B 9 -2.31 -17.49 1.57
C ILE B 9 -1.06 -16.73 2.08
N LEU B 10 -0.15 -17.44 2.79
CA LEU B 10 1.08 -16.83 3.37
C LEU B 10 2.08 -16.45 2.28
N ALA B 11 2.13 -17.23 1.19
CA ALA B 11 2.98 -16.93 0.02
C ALA B 11 2.50 -15.63 -0.64
N GLU B 12 1.17 -15.51 -0.79
CA GLU B 12 0.53 -14.30 -1.28
C GLU B 12 0.74 -13.13 -0.28
N ASN B 13 0.69 -13.46 1.02
CA ASN B 13 0.79 -12.49 2.15
C ASN B 13 2.20 -11.85 2.19
N GLU B 14 3.23 -12.68 1.91
CA GLU B 14 4.65 -12.25 1.86
C GLU B 14 4.88 -11.40 0.60
N LYS B 15 4.17 -11.79 -0.49
CA LYS B 15 4.23 -11.08 -1.77
C LYS B 15 3.61 -9.68 -1.58
N LEU B 16 2.50 -9.65 -0.81
CA LEU B 16 1.79 -8.41 -0.47
C LEU B 16 2.66 -7.53 0.45
N LYS B 17 3.46 -8.20 1.29
CA LYS B 17 4.40 -7.53 2.22
C LYS B 17 5.49 -6.79 1.42
N ALA B 18 5.99 -7.47 0.38
CA ALA B 18 7.11 -7.01 -0.45
C ALA B 18 6.67 -5.86 -1.39
N GLN B 19 5.51 -6.07 -2.05
CA GLN B 19 4.97 -5.10 -3.03
C GLN B 19 4.56 -3.79 -2.35
N LEU B 20 3.99 -3.89 -1.10
CA LEU B 20 3.56 -2.69 -0.35
C LEU B 20 4.77 -1.87 0.07
N HIS B 21 5.84 -2.58 0.49
CA HIS B 21 7.13 -1.99 0.83
C HIS B 21 7.66 -1.20 -0.38
N ASP B 22 7.56 -1.83 -1.56
CA ASP B 22 8.02 -1.28 -2.83
C ASP B 22 7.14 -0.07 -3.27
N THR B 23 5.82 -0.14 -2.98
CA THR B 23 4.86 0.93 -3.32
C THR B 23 5.12 2.16 -2.44
N ASN B 24 5.47 1.91 -1.16
CA ASN B 24 5.83 2.96 -0.20
C ASN B 24 7.16 3.60 -0.60
N MET B 25 8.05 2.81 -1.22
CA MET B 25 9.33 3.31 -1.75
C MET B 25 9.11 4.28 -2.91
N GLU B 26 8.14 3.96 -3.80
CA GLU B 26 7.80 4.84 -4.93
C GLU B 26 7.06 6.09 -4.41
N LEU B 27 6.26 5.89 -3.33
CA LEU B 27 5.50 6.97 -2.67
C LEU B 27 6.45 7.95 -1.95
N THR B 28 7.56 7.43 -1.38
CA THR B 28 8.61 8.23 -0.72
C THR B 28 9.47 8.96 -1.77
N ASP B 29 9.69 8.25 -2.89
CA ASP B 29 10.39 8.78 -4.07
C ASP B 29 9.57 9.90 -4.72
N LEU B 30 8.25 9.71 -4.74
CA LEU B 30 7.30 10.65 -5.32
C LEU B 30 7.26 11.91 -4.46
N LYS B 31 7.16 11.67 -3.15
CA LYS B 31 7.21 12.68 -2.10
C LYS B 31 8.52 13.50 -2.18
N LEU B 32 9.63 12.83 -2.55
CA LEU B 32 10.94 13.47 -2.76
C LEU B 32 10.90 14.37 -4.02
N GLN B 33 10.29 13.84 -5.09
CA GLN B 33 10.11 14.58 -6.35
C GLN B 33 9.18 15.80 -6.14
N LEU B 34 8.25 15.72 -5.16
CA LEU B 34 7.35 16.84 -4.81
C LEU B 34 8.13 17.96 -4.11
N GLU B 35 8.91 17.61 -3.07
CA GLU B 35 9.69 18.59 -2.29
C GLU B 35 10.87 19.17 -3.12
N LYS B 36 11.09 18.59 -4.32
CA LYS B 36 11.91 19.21 -5.38
C LYS B 36 11.05 20.13 -6.28
N ALA B 37 9.91 19.60 -6.76
CA ALA B 37 9.05 20.28 -7.78
C ALA B 37 8.28 21.48 -7.23
N THR B 38 8.13 21.53 -5.90
CA THR B 38 7.30 22.54 -5.22
C THR B 38 7.67 22.66 -3.75
N GLN B 39 7.04 23.65 -3.09
CA GLN B 39 7.20 23.90 -1.65
C GLN B 39 6.33 22.95 -0.82
N ARG B 40 5.28 22.39 -1.48
CA ARG B 40 4.24 21.48 -0.91
C ARG B 40 3.64 21.98 0.45
N GLN B 41 2.76 21.15 1.04
CA GLN B 41 2.19 21.44 2.39
C GLN B 41 2.98 20.67 3.45
N GLU B 42 3.28 19.39 3.14
CA GLU B 42 3.87 18.40 4.05
C GLU B 42 3.24 18.43 5.46
N ARG B 43 2.06 17.84 5.60
CA ARG B 43 1.41 17.63 6.90
C ARG B 43 2.07 16.41 7.57
N PHE B 44 2.01 15.28 6.87
CA PHE B 44 2.65 14.04 7.28
C PHE B 44 2.93 13.21 6.01
N ASP A 1 -8.18 -24.00 16.55
CA ASP A 1 -7.14 -24.69 15.74
C ASP A 1 -7.15 -24.18 14.29
N PHE A 2 -6.88 -25.06 13.30
CA PHE A 2 -6.68 -24.69 11.89
C PHE A 2 -7.86 -23.87 11.28
N LYS A 3 -9.06 -23.92 11.88
CA LYS A 3 -10.21 -23.13 11.39
C LYS A 3 -9.94 -21.62 11.64
N LYS A 4 -9.40 -21.26 12.83
CA LYS A 4 -9.11 -19.87 13.16
C LYS A 4 -7.88 -19.43 12.38
N LEU A 5 -6.93 -20.38 12.12
CA LEU A 5 -5.72 -20.13 11.30
C LEU A 5 -6.10 -19.54 9.94
N TYR A 6 -7.11 -20.17 9.30
CA TYR A 6 -7.69 -19.72 8.03
C TYR A 6 -8.13 -18.26 8.12
N GLU A 7 -8.81 -17.95 9.23
CA GLU A 7 -9.35 -16.62 9.49
C GLU A 7 -8.27 -15.57 9.80
N GLN A 8 -7.20 -15.97 10.51
CA GLN A 8 -6.15 -15.04 10.97
C GLN A 8 -5.36 -14.47 9.81
N ILE A 9 -4.72 -15.37 9.02
CA ILE A 9 -3.96 -14.97 7.82
C ILE A 9 -4.86 -14.15 6.86
N LEU A 10 -6.08 -14.67 6.62
CA LEU A 10 -7.03 -14.12 5.62
C LEU A 10 -7.62 -12.77 6.07
N ALA A 11 -7.72 -12.55 7.40
CA ALA A 11 -8.11 -11.24 7.94
C ALA A 11 -7.02 -10.22 7.63
N GLU A 12 -5.75 -10.63 7.87
CA GLU A 12 -4.57 -9.82 7.52
C GLU A 12 -4.41 -9.69 6.00
N ASN A 13 -4.89 -10.70 5.24
CA ASN A 13 -4.75 -10.74 3.78
C ASN A 13 -5.68 -9.70 3.14
N GLU A 14 -6.96 -9.71 3.60
CA GLU A 14 -7.98 -8.74 3.16
C GLU A 14 -7.58 -7.33 3.61
N LYS A 15 -6.92 -7.27 4.80
CA LYS A 15 -6.48 -6.02 5.41
C LYS A 15 -5.40 -5.38 4.53
N LEU A 16 -4.45 -6.24 4.08
CA LEU A 16 -3.33 -5.81 3.21
C LEU A 16 -3.82 -5.41 1.81
N LYS A 17 -4.97 -5.97 1.39
CA LYS A 17 -5.64 -5.58 0.14
C LYS A 17 -6.41 -4.27 0.30
N ALA A 18 -6.85 -3.98 1.54
CA ALA A 18 -7.56 -2.73 1.87
C ALA A 18 -6.58 -1.56 1.90
N GLN A 19 -5.51 -1.68 2.70
CA GLN A 19 -4.48 -0.64 2.84
C GLN A 19 -3.71 -0.41 1.54
N LEU A 20 -3.52 -1.48 0.70
CA LEU A 20 -2.92 -1.31 -0.64
C LEU A 20 -3.86 -0.45 -1.51
N HIS A 21 -5.18 -0.77 -1.48
CA HIS A 21 -6.22 0.00 -2.22
C HIS A 21 -6.07 1.50 -1.99
N ASP A 22 -5.90 1.88 -0.71
CA ASP A 22 -5.70 3.26 -0.29
C ASP A 22 -4.39 3.83 -0.81
N THR A 23 -3.27 3.09 -0.62
CA THR A 23 -1.93 3.54 -1.03
C THR A 23 -1.80 3.64 -2.57
N ASN A 24 -2.63 2.85 -3.29
CA ASN A 24 -2.63 2.80 -4.78
C ASN A 24 -3.38 4.01 -5.35
N MET A 25 -4.59 4.28 -4.81
CA MET A 25 -5.44 5.39 -5.29
C MET A 25 -4.78 6.74 -4.97
N GLU A 26 -4.12 6.83 -3.80
CA GLU A 26 -3.46 8.05 -3.36
C GLU A 26 -2.11 8.21 -4.05
N LEU A 27 -1.49 7.07 -4.48
CA LEU A 27 -0.29 7.11 -5.34
C LEU A 27 -0.66 7.78 -6.66
N THR A 28 -1.79 7.36 -7.23
CA THR A 28 -2.28 7.84 -8.53
C THR A 28 -2.64 9.34 -8.47
N ASP A 29 -3.12 9.78 -7.28
CA ASP A 29 -3.43 11.20 -6.98
C ASP A 29 -2.15 12.03 -6.88
N LEU A 30 -1.21 11.56 -6.02
CA LEU A 30 0.11 12.17 -5.81
C LEU A 30 0.82 12.39 -7.15
N LYS A 31 0.86 11.33 -7.97
CA LYS A 31 1.41 11.31 -9.34
C LYS A 31 0.80 12.44 -10.24
N LEU A 32 -0.55 12.43 -10.29
CA LEU A 32 -1.35 13.31 -11.16
C LEU A 32 -1.05 14.80 -10.91
N GLN A 33 -1.30 15.26 -9.67
CA GLN A 33 -1.13 16.66 -9.31
C GLN A 33 0.36 17.05 -9.22
N LEU A 34 1.24 16.04 -8.97
CA LEU A 34 2.73 16.22 -8.90
C LEU A 34 3.16 16.99 -10.14
N GLU A 35 2.97 16.31 -11.29
CA GLU A 35 3.41 16.80 -12.61
C GLU A 35 2.55 17.98 -13.14
N LYS A 36 1.30 18.13 -12.61
CA LYS A 36 0.53 19.39 -12.78
C LYS A 36 1.23 20.58 -12.07
N ALA A 37 2.22 20.22 -11.24
CA ALA A 37 3.20 21.13 -10.61
C ALA A 37 2.56 21.78 -9.41
N THR A 38 2.15 20.92 -8.48
CA THR A 38 1.40 21.35 -7.26
C THR A 38 2.26 21.17 -6.01
N GLN A 39 1.59 21.23 -4.83
CA GLN A 39 2.22 21.03 -3.52
C GLN A 39 1.26 20.27 -2.57
N ARG A 40 0.02 20.78 -2.42
CA ARG A 40 -1.00 20.19 -1.52
C ARG A 40 -1.81 19.10 -2.24
N GLN A 41 -2.16 18.03 -1.51
CA GLN A 41 -3.03 16.95 -2.00
C GLN A 41 -3.99 16.48 -0.91
N GLU A 42 -5.04 15.76 -1.35
CA GLU A 42 -6.04 15.13 -0.48
C GLU A 42 -5.68 13.65 -0.24
N ARG A 43 -4.80 13.11 -1.11
CA ARG A 43 -4.41 11.68 -1.17
C ARG A 43 -5.66 10.80 -1.47
N PHE A 44 -6.45 10.50 -0.42
CA PHE A 44 -7.69 9.72 -0.54
C PHE A 44 -8.77 10.58 -1.20
N ASP B 1 -3.34 -31.32 5.63
CA ASP B 1 -4.66 -31.05 5.06
C ASP B 1 -4.93 -29.54 5.09
N PHE B 2 -4.60 -28.95 6.23
CA PHE B 2 -4.74 -27.53 6.51
C PHE B 2 -3.37 -26.81 6.43
N LYS B 3 -2.29 -27.60 6.34
CA LYS B 3 -0.92 -27.07 6.20
C LYS B 3 -0.83 -26.23 4.91
N LYS B 4 -1.63 -26.66 3.91
CA LYS B 4 -1.70 -26.02 2.61
C LYS B 4 -2.48 -24.71 2.68
N LEU B 5 -3.53 -24.62 3.58
CA LEU B 5 -4.30 -23.37 3.75
C LEU B 5 -3.34 -22.28 4.20
N TYR B 6 -2.41 -22.66 5.13
CA TYR B 6 -1.38 -21.75 5.62
C TYR B 6 -0.53 -21.27 4.45
N GLU B 7 -0.03 -22.22 3.65
CA GLU B 7 0.86 -21.93 2.50
C GLU B 7 0.22 -21.01 1.45
N GLN B 8 -1.08 -21.22 1.14
CA GLN B 8 -1.80 -20.47 0.09
C GLN B 8 -1.99 -19.00 0.49
N ILE B 9 -2.67 -18.78 1.62
CA ILE B 9 -3.05 -17.43 2.07
C ILE B 9 -1.81 -16.63 2.51
N LEU B 10 -0.83 -17.32 3.14
CA LEU B 10 0.44 -16.70 3.61
C LEU B 10 1.33 -16.32 2.40
N ALA B 11 1.29 -17.14 1.32
CA ALA B 11 2.01 -16.83 0.06
C ALA B 11 1.50 -15.51 -0.54
N GLU B 12 0.16 -15.36 -0.54
CA GLU B 12 -0.50 -14.14 -1.01
C GLU B 12 -0.18 -12.96 -0.06
N ASN B 13 -0.19 -13.24 1.26
CA ASN B 13 0.09 -12.27 2.34
C ASN B 13 1.52 -11.69 2.20
N GLU B 14 2.46 -12.57 1.84
CA GLU B 14 3.87 -12.22 1.56
C GLU B 14 3.93 -11.23 0.39
N LYS B 15 3.27 -11.62 -0.71
CA LYS B 15 3.20 -10.83 -1.94
C LYS B 15 2.63 -9.43 -1.64
N LEU B 16 1.62 -9.41 -0.73
CA LEU B 16 0.93 -8.19 -0.31
C LEU B 16 1.86 -7.26 0.49
N LYS B 17 2.77 -7.83 1.28
CA LYS B 17 3.75 -7.05 2.04
C LYS B 17 4.82 -6.45 1.12
N ALA B 18 5.16 -7.19 0.06
CA ALA B 18 6.19 -6.81 -0.91
C ALA B 18 5.69 -5.67 -1.81
N GLN B 19 4.47 -5.84 -2.35
CA GLN B 19 3.84 -4.87 -3.25
C GLN B 19 3.53 -3.56 -2.51
N LEU B 20 3.08 -3.66 -1.22
CA LEU B 20 2.75 -2.48 -0.42
C LEU B 20 4.03 -1.68 -0.15
N HIS B 21 5.15 -2.40 0.15
CA HIS B 21 6.49 -1.80 0.36
C HIS B 21 6.88 -0.91 -0.83
N ASP B 22 6.69 -1.46 -2.04
CA ASP B 22 6.95 -0.76 -3.30
C ASP B 22 6.03 0.46 -3.45
N THR B 23 4.71 0.23 -3.31
CA THR B 23 3.69 1.30 -3.43
C THR B 23 3.88 2.40 -2.36
N ASN B 24 4.47 2.03 -1.20
CA ASN B 24 4.77 2.94 -0.09
C ASN B 24 5.96 3.84 -0.44
N MET B 25 7.05 3.23 -0.94
CA MET B 25 8.27 3.98 -1.30
C MET B 25 8.03 4.86 -2.54
N GLU B 26 7.10 4.43 -3.43
CA GLU B 26 6.64 5.25 -4.56
C GLU B 26 5.90 6.48 -4.02
N LEU B 27 4.94 6.25 -3.10
CA LEU B 27 4.14 7.30 -2.44
C LEU B 27 5.05 8.34 -1.73
N THR B 28 6.13 7.83 -1.09
CA THR B 28 7.13 8.63 -0.38
C THR B 28 7.99 9.42 -1.39
N ASP B 29 8.27 8.79 -2.54
CA ASP B 29 9.10 9.37 -3.62
C ASP B 29 8.30 10.46 -4.39
N LEU B 30 6.96 10.29 -4.43
CA LEU B 30 6.04 11.22 -5.09
C LEU B 30 5.94 12.51 -4.28
N LYS B 31 5.66 12.36 -2.96
CA LYS B 31 5.54 13.51 -2.04
C LYS B 31 6.92 14.21 -1.91
N LEU B 32 8.01 13.41 -2.07
CA LEU B 32 9.38 13.92 -2.13
C LEU B 32 9.57 14.79 -3.39
N GLN B 33 8.94 14.38 -4.49
CA GLN B 33 8.98 15.13 -5.76
C GLN B 33 7.99 16.33 -5.75
N LEU B 34 7.03 16.35 -4.80
CA LEU B 34 6.19 17.55 -4.54
C LEU B 34 7.04 18.65 -3.89
N GLU B 35 7.87 18.24 -2.91
CA GLU B 35 8.79 19.15 -2.22
C GLU B 35 10.03 19.48 -3.08
N LYS B 36 10.31 18.62 -4.09
CA LYS B 36 11.31 18.93 -5.15
C LYS B 36 10.72 19.93 -6.17
N ALA B 37 9.40 19.77 -6.46
CA ALA B 37 8.66 20.62 -7.42
C ALA B 37 8.64 22.08 -6.96
N THR B 38 8.32 22.29 -5.67
CA THR B 38 8.19 23.63 -5.07
C THR B 38 8.61 23.60 -3.58
N GLN B 39 7.86 22.84 -2.72
CA GLN B 39 8.17 22.68 -1.26
C GLN B 39 7.18 21.73 -0.58
N ARG B 40 5.98 21.52 -1.20
CA ARG B 40 4.87 20.67 -0.67
C ARG B 40 4.22 21.33 0.59
N GLN B 41 2.99 20.90 0.94
CA GLN B 41 2.31 21.36 2.17
C GLN B 41 3.06 20.78 3.39
N GLU B 42 3.20 21.58 4.44
CA GLU B 42 3.97 21.22 5.64
C GLU B 42 3.04 20.63 6.73
N ARG B 43 2.79 19.32 6.61
CA ARG B 43 2.06 18.54 7.62
C ARG B 43 3.05 17.85 8.56
N PHE B 44 3.95 17.03 7.96
CA PHE B 44 4.91 16.20 8.70
C PHE B 44 6.30 16.27 7.99
N ASP A 1 -10.29 -27.34 13.43
CA ASP A 1 -9.25 -26.33 13.68
C ASP A 1 -8.92 -25.54 12.41
N PHE A 2 -8.34 -26.23 11.41
CA PHE A 2 -7.61 -25.60 10.29
C PHE A 2 -8.44 -24.65 9.38
N LYS A 3 -9.77 -24.59 9.56
CA LYS A 3 -10.63 -23.68 8.78
C LYS A 3 -10.39 -22.21 9.21
N LYS A 4 -10.08 -22.03 10.52
CA LYS A 4 -9.81 -20.71 11.11
C LYS A 4 -8.37 -20.30 10.81
N LEU A 5 -7.46 -21.28 10.69
CA LEU A 5 -6.05 -21.04 10.28
C LEU A 5 -6.03 -20.33 8.91
N TYR A 6 -6.87 -20.86 7.99
CA TYR A 6 -7.13 -20.27 6.68
C TYR A 6 -7.57 -18.79 6.82
N GLU A 7 -8.54 -18.59 7.70
CA GLU A 7 -9.17 -17.28 7.94
C GLU A 7 -8.21 -16.26 8.59
N GLN A 8 -7.31 -16.71 9.48
CA GLN A 8 -6.38 -15.80 10.20
C GLN A 8 -5.41 -15.12 9.25
N ILE A 9 -4.55 -15.92 8.56
CA ILE A 9 -3.59 -15.37 7.58
C ILE A 9 -4.33 -14.58 6.46
N LEU A 10 -5.47 -15.14 5.99
CA LEU A 10 -6.27 -14.53 4.90
C LEU A 10 -6.99 -13.24 5.35
N ALA A 11 -7.23 -13.11 6.67
CA ALA A 11 -7.78 -11.86 7.26
C ALA A 11 -6.78 -10.73 7.13
N GLU A 12 -5.51 -11.02 7.47
CA GLU A 12 -4.41 -10.05 7.35
C GLU A 12 -3.97 -9.91 5.88
N ASN A 13 -4.24 -10.95 5.07
CA ASN A 13 -4.03 -10.91 3.60
C ASN A 13 -5.01 -9.88 2.98
N GLU A 14 -6.24 -9.83 3.52
CA GLU A 14 -7.25 -8.80 3.20
C GLU A 14 -6.80 -7.42 3.71
N LYS A 15 -6.32 -7.37 4.97
CA LYS A 15 -5.84 -6.14 5.61
C LYS A 15 -4.70 -5.49 4.80
N LEU A 16 -3.76 -6.35 4.35
CA LEU A 16 -2.60 -5.95 3.55
C LEU A 16 -3.04 -5.55 2.13
N LYS A 17 -4.14 -6.17 1.67
CA LYS A 17 -4.78 -5.82 0.40
C LYS A 17 -5.45 -4.44 0.53
N ALA A 18 -5.96 -4.12 1.73
CA ALA A 18 -6.68 -2.87 2.01
C ALA A 18 -5.70 -1.69 2.04
N GLN A 19 -4.68 -1.80 2.93
CA GLN A 19 -3.65 -0.76 3.10
C GLN A 19 -2.81 -0.56 1.83
N LEU A 20 -2.55 -1.65 1.06
CA LEU A 20 -1.83 -1.53 -0.24
C LEU A 20 -2.71 -0.75 -1.22
N HIS A 21 -4.02 -1.09 -1.22
CA HIS A 21 -5.00 -0.48 -2.13
C HIS A 21 -5.02 1.04 -1.93
N ASP A 22 -5.03 1.46 -0.64
CA ASP A 22 -4.94 2.87 -0.26
C ASP A 22 -3.63 3.50 -0.75
N THR A 23 -2.50 2.78 -0.52
CA THR A 23 -1.16 3.28 -0.88
C THR A 23 -1.00 3.39 -2.42
N ASN A 24 -1.73 2.52 -3.16
CA ASN A 24 -1.70 2.48 -4.64
C ASN A 24 -2.49 3.67 -5.21
N MET A 25 -3.69 3.91 -4.64
CA MET A 25 -4.58 5.01 -5.05
C MET A 25 -3.91 6.37 -4.78
N GLU A 26 -3.37 6.54 -3.56
CA GLU A 26 -2.75 7.80 -3.13
C GLU A 26 -1.40 8.03 -3.83
N LEU A 27 -0.73 6.94 -4.28
CA LEU A 27 0.51 7.03 -5.10
C LEU A 27 0.16 7.62 -6.48
N THR A 28 -0.84 6.98 -7.15
CA THR A 28 -1.25 7.32 -8.53
C THR A 28 -1.90 8.71 -8.60
N ASP A 29 -2.61 9.06 -7.52
CA ASP A 29 -3.18 10.39 -7.29
C ASP A 29 -2.05 11.43 -7.19
N LEU A 30 -1.15 11.17 -6.21
CA LEU A 30 0.01 12.03 -5.88
C LEU A 30 0.88 12.30 -7.14
N LYS A 31 1.00 11.26 -7.97
CA LYS A 31 1.76 11.23 -9.24
C LYS A 31 1.11 12.14 -10.30
N LEU A 32 -0.21 11.94 -10.49
CA LEU A 32 -0.99 12.65 -11.51
C LEU A 32 -0.93 14.18 -11.28
N GLN A 33 -1.33 14.59 -10.07
CA GLN A 33 -1.32 16.01 -9.67
C GLN A 33 0.13 16.57 -9.59
N LEU A 34 1.12 15.70 -9.22
CA LEU A 34 2.56 16.07 -9.12
C LEU A 34 2.97 16.83 -10.37
N GLU A 35 2.88 16.11 -11.51
CA GLU A 35 3.33 16.59 -12.83
C GLU A 35 2.34 17.59 -13.46
N LYS A 36 1.10 17.66 -12.94
CA LYS A 36 0.20 18.83 -13.20
C LYS A 36 0.75 20.10 -12.50
N ALA A 37 1.69 19.87 -11.58
CA ALA A 37 2.47 20.89 -10.84
C ALA A 37 1.63 21.38 -9.68
N THR A 38 1.27 20.41 -8.83
CA THR A 38 0.39 20.67 -7.67
C THR A 38 1.19 21.33 -6.53
N GLN A 39 0.47 21.89 -5.55
CA GLN A 39 1.11 22.53 -4.40
C GLN A 39 0.94 21.68 -3.11
N ARG A 40 0.05 20.65 -3.13
CA ARG A 40 0.01 19.61 -2.07
C ARG A 40 -0.93 18.44 -2.49
N GLN A 41 -1.01 17.42 -1.62
CA GLN A 41 -1.95 16.29 -1.76
C GLN A 41 -3.07 16.38 -0.72
N GLU A 42 -4.16 15.63 -0.98
CA GLU A 42 -5.33 15.55 -0.09
C GLU A 42 -5.37 14.17 0.58
N ARG A 43 -4.58 14.04 1.65
CA ARG A 43 -4.61 12.87 2.55
C ARG A 43 -5.68 13.10 3.63
N PHE A 44 -5.72 14.34 4.12
CA PHE A 44 -6.76 14.85 5.03
C PHE A 44 -7.27 16.21 4.51
N ASP B 1 -1.61 -32.20 5.97
CA ASP B 1 -2.36 -31.85 4.76
C ASP B 1 -2.48 -30.34 4.66
N PHE B 2 -2.80 -29.72 5.79
CA PHE B 2 -3.06 -28.28 5.89
C PHE B 2 -1.78 -27.47 6.18
N LYS B 3 -0.62 -28.17 6.27
CA LYS B 3 0.68 -27.52 6.39
C LYS B 3 0.92 -26.58 5.18
N LYS B 4 0.47 -27.06 3.99
CA LYS B 4 0.58 -26.30 2.75
C LYS B 4 -0.28 -25.04 2.83
N LEU B 5 -1.49 -25.16 3.44
CA LEU B 5 -2.43 -24.03 3.56
C LEU B 5 -1.75 -22.86 4.26
N TYR B 6 -1.13 -23.18 5.41
CA TYR B 6 -0.40 -22.20 6.21
C TYR B 6 0.63 -21.48 5.33
N GLU B 7 1.41 -22.28 4.59
CA GLU B 7 2.51 -21.81 3.73
C GLU B 7 2.03 -20.99 2.52
N GLN B 8 0.90 -21.38 1.89
CA GLN B 8 0.42 -20.74 0.63
C GLN B 8 -0.08 -19.32 0.88
N ILE B 9 -1.02 -19.18 1.84
CA ILE B 9 -1.59 -17.86 2.17
C ILE B 9 -0.50 -16.98 2.82
N LEU B 10 0.41 -17.59 3.61
CA LEU B 10 1.56 -16.87 4.24
C LEU B 10 2.58 -16.41 3.18
N ALA B 11 2.75 -17.20 2.10
CA ALA B 11 3.62 -16.81 0.96
C ALA B 11 3.02 -15.61 0.20
N GLU B 12 1.67 -15.59 0.12
CA GLU B 12 0.92 -14.50 -0.52
C GLU B 12 0.94 -13.25 0.39
N ASN B 13 0.84 -13.50 1.70
CA ASN B 13 0.87 -12.47 2.78
C ASN B 13 2.27 -11.83 2.83
N GLU B 14 3.29 -12.70 2.65
CA GLU B 14 4.72 -12.32 2.55
C GLU B 14 4.91 -11.34 1.39
N LYS B 15 4.36 -11.75 0.23
CA LYS B 15 4.41 -10.98 -1.01
C LYS B 15 3.82 -9.58 -0.77
N LEU B 16 2.75 -9.54 0.05
CA LEU B 16 2.05 -8.30 0.42
C LEU B 16 2.94 -7.35 1.27
N LYS B 17 3.81 -7.91 2.14
CA LYS B 17 4.81 -7.06 2.88
C LYS B 17 5.86 -6.48 1.91
N ALA B 18 6.25 -7.27 0.90
CA ALA B 18 7.29 -6.87 -0.06
C ALA B 18 6.78 -5.75 -0.97
N GLN B 19 5.58 -5.97 -1.54
CA GLN B 19 4.96 -5.06 -2.51
C GLN B 19 4.57 -3.73 -1.83
N LEU B 20 4.05 -3.80 -0.56
CA LEU B 20 3.63 -2.57 0.16
C LEU B 20 4.85 -1.71 0.44
N HIS B 21 5.97 -2.38 0.82
CA HIS B 21 7.24 -1.71 1.11
C HIS B 21 7.69 -0.90 -0.12
N ASP B 22 7.62 -1.54 -1.30
CA ASP B 22 8.04 -0.93 -2.57
C ASP B 22 7.08 0.20 -3.00
N THR B 23 5.76 -0.01 -2.80
CA THR B 23 4.71 0.98 -3.13
C THR B 23 4.86 2.23 -2.23
N ASN B 24 5.34 2.01 -0.98
CA ASN B 24 5.65 3.09 -0.03
C ASN B 24 6.92 3.83 -0.45
N MET B 25 7.91 3.11 -1.01
CA MET B 25 9.16 3.72 -1.54
C MET B 25 8.88 4.66 -2.72
N GLU B 26 7.94 4.25 -3.60
CA GLU B 26 7.49 5.08 -4.74
C GLU B 26 6.77 6.32 -4.21
N LEU B 27 5.88 6.07 -3.22
CA LEU B 27 5.07 7.10 -2.53
C LEU B 27 5.97 8.13 -1.79
N THR B 28 7.07 7.64 -1.19
CA THR B 28 8.03 8.48 -0.44
C THR B 28 8.82 9.37 -1.40
N ASP B 29 9.27 8.77 -2.52
CA ASP B 29 9.98 9.48 -3.59
C ASP B 29 9.04 10.51 -4.25
N LEU B 30 7.75 10.15 -4.33
CA LEU B 30 6.73 10.96 -5.00
C LEU B 30 6.41 12.20 -4.17
N LYS B 31 6.20 12.01 -2.85
CA LYS B 31 5.87 13.12 -1.93
C LYS B 31 7.11 14.02 -1.74
N LEU B 32 8.31 13.43 -1.99
CA LEU B 32 9.58 14.16 -2.02
C LEU B 32 9.64 15.05 -3.28
N GLN B 33 9.22 14.48 -4.44
CA GLN B 33 9.08 15.23 -5.71
C GLN B 33 8.01 16.32 -5.56
N LEU B 34 7.01 16.04 -4.71
CA LEU B 34 5.85 16.92 -4.46
C LEU B 34 6.36 18.21 -3.79
N GLU B 35 7.11 18.02 -2.67
CA GLU B 35 7.72 19.13 -1.92
C GLU B 35 8.93 19.73 -2.68
N LYS B 36 9.34 19.10 -3.79
CA LYS B 36 10.27 19.71 -4.79
C LYS B 36 9.48 20.50 -5.87
N ALA B 37 8.22 20.09 -6.13
CA ALA B 37 7.34 20.75 -7.13
C ALA B 37 6.62 21.97 -6.52
N THR B 38 6.64 22.06 -5.18
CA THR B 38 6.02 23.16 -4.42
C THR B 38 6.92 23.64 -3.27
N GLN B 39 6.62 24.84 -2.74
CA GLN B 39 7.26 25.37 -1.53
C GLN B 39 6.58 24.78 -0.27
N ARG B 40 5.33 24.31 -0.47
CA ARG B 40 4.47 23.74 0.58
C ARG B 40 5.01 22.36 1.04
N GLN B 41 4.44 21.83 2.14
CA GLN B 41 4.74 20.51 2.70
C GLN B 41 6.10 20.51 3.44
N GLU B 42 7.22 20.46 2.66
CA GLU B 42 8.63 20.44 3.15
C GLU B 42 8.83 19.70 4.50
N ARG B 43 8.81 18.37 4.46
CA ARG B 43 8.94 17.53 5.65
C ARG B 43 10.36 16.97 5.77
N PHE B 44 10.69 16.00 4.91
CA PHE B 44 11.96 15.25 4.98
C PHE B 44 12.28 14.68 3.58
N ASP A 1 -8.23 -26.00 15.20
CA ASP A 1 -6.76 -25.93 14.96
C ASP A 1 -6.46 -25.42 13.53
N PHE A 2 -6.72 -26.24 12.51
CA PHE A 2 -6.38 -25.92 11.12
C PHE A 2 -7.45 -25.09 10.40
N LYS A 3 -8.69 -25.09 10.93
CA LYS A 3 -9.80 -24.33 10.32
C LYS A 3 -9.62 -22.85 10.65
N LYS A 4 -9.17 -22.59 11.90
CA LYS A 4 -8.89 -21.24 12.38
C LYS A 4 -7.56 -20.77 11.77
N LEU A 5 -6.64 -21.73 11.48
CA LEU A 5 -5.35 -21.44 10.80
C LEU A 5 -5.61 -20.72 9.47
N TYR A 6 -6.55 -21.29 8.68
CA TYR A 6 -7.00 -20.74 7.39
C TYR A 6 -7.51 -19.30 7.59
N GLU A 7 -8.29 -19.09 8.66
CA GLU A 7 -8.86 -17.79 9.03
C GLU A 7 -7.78 -16.76 9.43
N GLN A 8 -6.73 -17.21 10.19
CA GLN A 8 -5.70 -16.30 10.74
C GLN A 8 -4.87 -15.65 9.64
N ILE A 9 -4.21 -16.49 8.80
CA ILE A 9 -3.36 -16.01 7.71
C ILE A 9 -4.16 -15.13 6.74
N LEU A 10 -5.33 -15.66 6.31
CA LEU A 10 -6.18 -15.05 5.28
C LEU A 10 -6.87 -13.76 5.76
N ALA A 11 -7.09 -13.63 7.08
CA ALA A 11 -7.57 -12.37 7.69
C ALA A 11 -6.57 -11.23 7.44
N GLU A 12 -5.28 -11.49 7.76
CA GLU A 12 -4.20 -10.54 7.52
C GLU A 12 -3.99 -10.33 6.00
N ASN A 13 -4.00 -11.46 5.26
CA ASN A 13 -3.74 -11.52 3.81
C ASN A 13 -4.75 -10.64 3.03
N GLU A 14 -6.03 -10.73 3.44
CA GLU A 14 -7.13 -9.92 2.89
C GLU A 14 -6.86 -8.44 3.15
N LYS A 15 -6.60 -8.11 4.43
CA LYS A 15 -6.25 -6.74 4.86
C LYS A 15 -5.12 -6.19 3.98
N LEU A 16 -4.12 -7.05 3.68
CA LEU A 16 -2.93 -6.69 2.90
C LEU A 16 -3.29 -6.32 1.45
N LYS A 17 -4.32 -6.99 0.87
CA LYS A 17 -4.87 -6.62 -0.46
C LYS A 17 -5.58 -5.25 -0.41
N ALA A 18 -6.23 -4.96 0.72
CA ALA A 18 -7.00 -3.71 0.90
C ALA A 18 -6.05 -2.51 0.99
N GLN A 19 -5.15 -2.56 1.99
CA GLN A 19 -4.18 -1.49 2.27
C GLN A 19 -3.20 -1.26 1.12
N LEU A 20 -2.85 -2.34 0.36
CA LEU A 20 -2.01 -2.19 -0.83
C LEU A 20 -2.79 -1.41 -1.87
N HIS A 21 -4.09 -1.74 -2.05
CA HIS A 21 -4.93 -1.13 -3.10
C HIS A 21 -5.08 0.38 -2.85
N ASP A 22 -5.13 0.76 -1.56
CA ASP A 22 -5.10 2.18 -1.13
C ASP A 22 -3.78 2.83 -1.55
N THR A 23 -2.65 2.24 -1.10
CA THR A 23 -1.30 2.79 -1.30
C THR A 23 -0.89 2.77 -2.79
N ASN A 24 -1.46 1.84 -3.58
CA ASN A 24 -1.15 1.68 -5.01
C ASN A 24 -1.89 2.75 -5.81
N MET A 25 -3.21 2.92 -5.53
CA MET A 25 -4.05 3.88 -6.27
C MET A 25 -3.62 5.32 -5.95
N GLU A 26 -3.28 5.58 -4.66
CA GLU A 26 -2.90 6.91 -4.20
C GLU A 26 -1.49 7.24 -4.66
N LEU A 27 -0.63 6.21 -4.83
CA LEU A 27 0.69 6.36 -5.47
C LEU A 27 0.52 6.76 -6.95
N THR A 28 -0.43 6.11 -7.65
CA THR A 28 -0.72 6.35 -9.08
C THR A 28 -1.16 7.82 -9.29
N ASP A 29 -2.12 8.26 -8.46
CA ASP A 29 -2.58 9.67 -8.41
C ASP A 29 -1.42 10.60 -8.06
N LEU A 30 -0.60 10.20 -7.05
CA LEU A 30 0.42 11.07 -6.46
C LEU A 30 1.55 11.34 -7.44
N LYS A 31 1.97 10.30 -8.21
CA LYS A 31 3.07 10.43 -9.19
C LYS A 31 2.61 11.18 -10.43
N LEU A 32 1.33 10.98 -10.81
CA LEU A 32 0.71 11.59 -11.99
C LEU A 32 0.78 13.13 -11.88
N GLN A 33 0.18 13.64 -10.80
CA GLN A 33 0.11 15.08 -10.54
C GLN A 33 1.48 15.67 -10.18
N LEU A 34 2.31 14.86 -9.49
CA LEU A 34 3.64 15.26 -9.04
C LEU A 34 4.44 15.81 -10.21
N GLU A 35 4.60 14.95 -11.27
CA GLU A 35 5.37 15.26 -12.49
C GLU A 35 4.66 16.26 -13.41
N LYS A 36 3.32 16.43 -13.26
CA LYS A 36 2.61 17.62 -13.80
C LYS A 36 3.12 18.92 -13.12
N ALA A 37 3.78 18.71 -11.98
CA ALA A 37 4.56 19.72 -11.23
C ALA A 37 3.62 20.53 -10.37
N THR A 38 2.95 19.82 -9.47
CA THR A 38 1.88 20.43 -8.62
C THR A 38 1.72 19.68 -7.28
N GLN A 39 0.80 20.20 -6.42
CA GLN A 39 0.48 19.60 -5.11
C GLN A 39 -0.66 18.59 -5.24
N ARG A 40 -1.75 19.01 -5.93
CA ARG A 40 -3.06 18.31 -5.93
C ARG A 40 -3.63 18.22 -4.49
N GLN A 41 -4.88 17.72 -4.35
CA GLN A 41 -5.50 17.26 -3.07
C GLN A 41 -5.58 18.35 -1.97
N GLU A 42 -6.39 18.03 -0.96
CA GLU A 42 -6.59 18.86 0.24
C GLU A 42 -7.31 17.99 1.28
N ARG A 43 -6.54 17.01 1.81
CA ARG A 43 -7.02 16.08 2.86
C ARG A 43 -7.41 16.85 4.14
N PHE A 44 -6.56 17.83 4.50
CA PHE A 44 -6.83 18.81 5.57
C PHE A 44 -6.60 20.22 5.02
N ASP B 1 -3.05 -32.36 4.62
CA ASP B 1 -3.77 -31.58 3.60
C ASP B 1 -3.89 -30.10 4.02
N PHE B 2 -3.64 -29.84 5.30
CA PHE B 2 -3.71 -28.48 5.89
C PHE B 2 -2.33 -27.82 5.93
N LYS B 3 -1.26 -28.63 5.85
CA LYS B 3 0.13 -28.13 5.80
C LYS B 3 0.29 -27.16 4.60
N LYS B 4 -0.36 -27.53 3.48
CA LYS B 4 -0.30 -26.78 2.24
C LYS B 4 -1.16 -25.51 2.33
N LEU B 5 -2.30 -25.54 3.11
CA LEU B 5 -3.15 -24.33 3.29
C LEU B 5 -2.29 -23.23 3.89
N TYR B 6 -1.47 -23.64 4.92
CA TYR B 6 -0.54 -22.72 5.59
C TYR B 6 0.40 -22.11 4.57
N GLU B 7 1.04 -22.98 3.78
CA GLU B 7 2.07 -22.58 2.81
C GLU B 7 1.54 -21.66 1.70
N GLN B 8 0.32 -21.94 1.18
CA GLN B 8 -0.25 -21.18 0.04
C GLN B 8 -0.56 -19.74 0.46
N ILE B 9 -1.38 -19.59 1.53
CA ILE B 9 -1.84 -18.27 1.98
C ILE B 9 -0.66 -17.45 2.55
N LEU B 10 0.25 -18.14 3.26
CA LEU B 10 1.44 -17.50 3.91
C LEU B 10 2.46 -17.05 2.85
N ALA B 11 2.60 -17.80 1.75
CA ALA B 11 3.52 -17.43 0.64
C ALA B 11 3.01 -16.16 -0.06
N GLU B 12 1.68 -16.08 -0.27
CA GLU B 12 1.03 -14.89 -0.82
C GLU B 12 1.20 -13.71 0.18
N ASN B 13 0.95 -14.02 1.47
CA ASN B 13 1.02 -13.05 2.60
C ASN B 13 2.43 -12.41 2.68
N GLU B 14 3.46 -13.26 2.51
CA GLU B 14 4.89 -12.85 2.48
C GLU B 14 5.12 -11.83 1.38
N LYS B 15 4.67 -12.19 0.16
CA LYS B 15 4.75 -11.33 -1.02
C LYS B 15 4.08 -9.98 -0.75
N LEU B 16 2.94 -10.04 -0.03
CA LEU B 16 2.12 -8.87 0.28
C LEU B 16 2.84 -7.88 1.21
N LYS B 17 3.69 -8.39 2.14
CA LYS B 17 4.55 -7.50 2.97
C LYS B 17 5.64 -6.85 2.12
N ALA B 18 6.21 -7.63 1.18
CA ALA B 18 7.33 -7.19 0.34
C ALA B 18 6.89 -6.06 -0.62
N GLN B 19 5.73 -6.28 -1.25
CA GLN B 19 5.18 -5.37 -2.27
C GLN B 19 4.67 -4.07 -1.62
N LEU B 20 4.02 -4.18 -0.43
CA LEU B 20 3.49 -3.00 0.27
C LEU B 20 4.64 -2.14 0.76
N HIS B 21 5.73 -2.81 1.23
CA HIS B 21 6.95 -2.14 1.72
C HIS B 21 7.52 -1.24 0.62
N ASP B 22 7.62 -1.83 -0.59
CA ASP B 22 8.07 -1.12 -1.80
C ASP B 22 7.15 0.08 -2.09
N THR B 23 5.83 -0.18 -2.19
CA THR B 23 4.82 0.84 -2.57
C THR B 23 4.71 1.96 -1.51
N ASN B 24 5.03 1.64 -0.25
CA ASN B 24 5.05 2.62 0.84
C ASN B 24 6.26 3.53 0.69
N MET B 25 7.44 2.94 0.40
CA MET B 25 8.68 3.70 0.14
C MET B 25 8.60 4.50 -1.18
N GLU B 26 7.76 4.04 -2.12
CA GLU B 26 7.40 4.79 -3.33
C GLU B 26 6.59 6.04 -2.92
N LEU B 27 5.58 5.82 -2.07
CA LEU B 27 4.66 6.87 -1.57
C LEU B 27 5.44 7.89 -0.70
N THR B 28 6.49 7.41 -0.01
CA THR B 28 7.37 8.23 0.85
C THR B 28 8.29 9.12 -0.02
N ASP B 29 8.89 8.48 -1.05
CA ASP B 29 9.72 9.16 -2.06
C ASP B 29 8.91 10.25 -2.78
N LEU B 30 7.66 9.90 -3.11
CA LEU B 30 6.75 10.77 -3.84
C LEU B 30 6.35 11.98 -3.01
N LYS B 31 6.08 11.78 -1.71
CA LYS B 31 5.69 12.88 -0.80
C LYS B 31 6.91 13.82 -0.58
N LEU B 32 8.12 13.24 -0.68
CA LEU B 32 9.39 13.99 -0.69
C LEU B 32 9.51 14.82 -2.00
N GLN B 33 9.13 14.21 -3.14
CA GLN B 33 9.15 14.92 -4.45
C GLN B 33 8.10 16.05 -4.46
N LEU B 34 6.99 15.83 -3.75
CA LEU B 34 5.90 16.82 -3.64
C LEU B 34 6.41 18.10 -2.95
N GLU B 35 7.03 17.97 -1.77
CA GLU B 35 7.57 19.12 -1.00
C GLU B 35 8.74 19.81 -1.75
N LYS B 36 9.39 19.06 -2.66
CA LYS B 36 10.40 19.63 -3.58
C LYS B 36 9.74 20.52 -4.66
N ALA B 37 8.57 20.08 -5.16
CA ALA B 37 7.83 20.76 -6.25
C ALA B 37 6.94 21.91 -5.73
N THR B 38 6.51 21.81 -4.46
CA THR B 38 5.44 22.65 -3.89
C THR B 38 5.43 22.48 -2.34
N GLN B 39 4.30 22.78 -1.66
CA GLN B 39 4.18 22.71 -0.19
C GLN B 39 3.67 21.33 0.31
N ARG B 40 3.20 20.49 -0.65
CA ARG B 40 2.72 19.09 -0.44
C ARG B 40 1.47 18.98 0.49
N GLN B 41 1.03 17.71 0.71
CA GLN B 41 -0.03 17.36 1.67
C GLN B 41 0.56 17.10 3.06
N GLU B 42 -0.30 17.19 4.07
CA GLU B 42 0.10 17.22 5.50
C GLU B 42 -0.17 15.86 6.17
N ARG B 43 0.25 14.77 5.50
CA ARG B 43 0.28 13.42 6.12
C ARG B 43 1.31 13.44 7.26
N PHE B 44 2.52 13.83 6.88
CA PHE B 44 3.64 14.04 7.76
C PHE B 44 4.48 15.19 7.16
N ASP A 1 -8.18 -27.88 13.98
CA ASP A 1 -8.20 -26.39 14.01
C ASP A 1 -7.80 -25.79 12.65
N PHE A 2 -7.31 -26.63 11.71
CA PHE A 2 -6.81 -26.17 10.39
C PHE A 2 -7.84 -25.35 9.54
N LYS A 3 -9.16 -25.38 9.90
CA LYS A 3 -10.14 -24.51 9.22
C LYS A 3 -9.88 -23.03 9.59
N LYS A 4 -9.55 -22.77 10.89
CA LYS A 4 -9.25 -21.43 11.37
C LYS A 4 -7.84 -21.01 10.90
N LEU A 5 -6.94 -21.99 10.60
CA LEU A 5 -5.63 -21.71 9.98
C LEU A 5 -5.81 -20.90 8.69
N TYR A 6 -6.75 -21.37 7.84
CA TYR A 6 -7.14 -20.68 6.61
C TYR A 6 -7.55 -19.24 6.93
N GLU A 7 -8.46 -19.09 7.92
CA GLU A 7 -9.00 -17.80 8.37
C GLU A 7 -7.90 -16.84 8.89
N GLN A 8 -6.86 -17.39 9.54
CA GLN A 8 -5.77 -16.59 10.14
C GLN A 8 -4.93 -15.88 9.07
N ILE A 9 -4.29 -16.67 8.20
CA ILE A 9 -3.48 -16.12 7.10
C ILE A 9 -4.33 -15.24 6.17
N LEU A 10 -5.56 -15.74 5.83
CA LEU A 10 -6.49 -15.06 4.89
C LEU A 10 -7.01 -13.73 5.48
N ALA A 11 -7.15 -13.66 6.81
CA ALA A 11 -7.52 -12.39 7.49
C ALA A 11 -6.44 -11.33 7.25
N GLU A 12 -5.17 -11.77 7.37
CA GLU A 12 -4.01 -10.93 7.09
C GLU A 12 -3.89 -10.64 5.58
N ASN A 13 -4.23 -11.65 4.75
CA ASN A 13 -4.07 -11.63 3.28
C ASN A 13 -5.00 -10.58 2.65
N GLU A 14 -6.25 -10.58 3.12
CA GLU A 14 -7.28 -9.62 2.71
C GLU A 14 -6.93 -8.22 3.20
N LYS A 15 -6.51 -8.14 4.48
CA LYS A 15 -6.01 -6.89 5.07
C LYS A 15 -4.89 -6.29 4.20
N LEU A 16 -3.97 -7.17 3.73
CA LEU A 16 -2.82 -6.80 2.88
C LEU A 16 -3.28 -6.37 1.48
N LYS A 17 -4.37 -6.98 1.01
CA LYS A 17 -5.01 -6.62 -0.26
C LYS A 17 -5.67 -5.22 -0.14
N ALA A 18 -6.17 -4.89 1.06
CA ALA A 18 -6.87 -3.62 1.33
C ALA A 18 -5.87 -2.44 1.38
N GLN A 19 -4.82 -2.60 2.21
CA GLN A 19 -3.77 -1.58 2.39
C GLN A 19 -2.94 -1.37 1.13
N LEU A 20 -2.66 -2.46 0.37
CA LEU A 20 -1.94 -2.33 -0.91
C LEU A 20 -2.78 -1.52 -1.89
N HIS A 21 -4.09 -1.85 -1.96
CA HIS A 21 -5.02 -1.24 -2.90
C HIS A 21 -5.11 0.28 -2.66
N ASP A 22 -5.16 0.66 -1.37
CA ASP A 22 -5.24 2.06 -0.95
C ASP A 22 -3.92 2.80 -1.23
N THR A 23 -2.78 2.10 -1.03
CA THR A 23 -1.43 2.68 -1.29
C THR A 23 -1.18 2.80 -2.80
N ASN A 24 -1.80 1.89 -3.59
CA ASN A 24 -1.69 1.89 -5.07
C ASN A 24 -2.48 3.08 -5.62
N MET A 25 -3.69 3.30 -5.07
CA MET A 25 -4.55 4.42 -5.47
C MET A 25 -3.90 5.75 -5.13
N GLU A 26 -3.41 5.92 -3.88
CA GLU A 26 -2.81 7.18 -3.44
C GLU A 26 -1.47 7.43 -4.15
N LEU A 27 -0.78 6.34 -4.57
CA LEU A 27 0.44 6.43 -5.38
C LEU A 27 0.12 6.91 -6.80
N THR A 28 -0.99 6.40 -7.39
CA THR A 28 -1.45 6.81 -8.73
C THR A 28 -1.82 8.30 -8.72
N ASP A 29 -2.54 8.70 -7.65
CA ASP A 29 -2.87 10.10 -7.39
C ASP A 29 -1.59 10.92 -7.25
N LEU A 30 -0.67 10.46 -6.36
CA LEU A 30 0.52 11.22 -5.95
C LEU A 30 1.44 11.41 -7.16
N LYS A 31 1.61 10.37 -7.98
CA LYS A 31 2.53 10.41 -9.12
C LYS A 31 1.99 11.37 -10.19
N LEU A 32 0.65 11.37 -10.36
CA LEU A 32 -0.04 12.22 -11.34
C LEU A 32 0.10 13.70 -10.96
N GLN A 33 -0.33 14.08 -9.74
CA GLN A 33 -0.26 15.48 -9.27
C GLN A 33 1.20 15.96 -9.12
N LEU A 34 2.10 15.04 -8.70
CA LEU A 34 3.54 15.33 -8.54
C LEU A 34 4.09 15.92 -9.82
N GLU A 35 4.00 15.12 -10.93
CA GLU A 35 4.54 15.46 -12.27
C GLU A 35 3.85 16.70 -12.87
N LYS A 36 2.57 16.94 -12.49
CA LYS A 36 1.84 18.19 -12.82
C LYS A 36 2.45 19.40 -12.07
N ALA A 37 3.32 19.09 -11.10
CA ALA A 37 4.19 20.04 -10.36
C ALA A 37 3.38 20.68 -9.26
N THR A 38 2.75 19.80 -8.47
CA THR A 38 1.70 20.22 -7.50
C THR A 38 2.29 20.83 -6.21
N GLN A 39 1.39 21.11 -5.25
CA GLN A 39 1.72 21.51 -3.89
C GLN A 39 0.99 20.60 -2.90
N ARG A 40 -0.29 20.30 -3.19
CA ARG A 40 -1.18 19.55 -2.29
C ARG A 40 -1.81 18.35 -3.02
N GLN A 41 -2.69 17.65 -2.30
CA GLN A 41 -3.50 16.53 -2.81
C GLN A 41 -4.85 16.56 -2.09
N GLU A 42 -5.72 15.59 -2.41
CA GLU A 42 -7.00 15.40 -1.70
C GLU A 42 -6.91 14.06 -0.96
N ARG A 43 -6.15 14.09 0.15
CA ARG A 43 -5.86 12.90 0.95
C ARG A 43 -6.07 13.19 2.45
N PHE A 44 -5.44 14.29 2.92
CA PHE A 44 -5.58 14.78 4.29
C PHE A 44 -5.25 16.27 4.36
N ASP B 1 -3.51 -32.54 4.39
CA ASP B 1 -4.21 -31.88 3.28
C ASP B 1 -4.00 -30.37 3.37
N PHE B 2 -4.07 -29.86 4.60
CA PHE B 2 -4.14 -28.42 4.91
C PHE B 2 -2.76 -27.75 4.90
N LYS B 3 -1.70 -28.56 4.79
CA LYS B 3 -0.33 -28.05 4.68
C LYS B 3 -0.20 -27.14 3.44
N LYS B 4 -0.91 -27.53 2.35
CA LYS B 4 -0.93 -26.76 1.10
C LYS B 4 -1.64 -25.43 1.29
N LEU B 5 -2.72 -25.37 2.13
CA LEU B 5 -3.47 -24.10 2.34
C LEU B 5 -2.53 -23.08 2.97
N TYR B 6 -1.68 -23.57 3.92
CA TYR B 6 -0.67 -22.75 4.56
C TYR B 6 0.32 -22.25 3.50
N GLU B 7 0.71 -23.14 2.58
CA GLU B 7 1.64 -22.82 1.50
C GLU B 7 1.07 -21.75 0.55
N GLN B 8 -0.21 -21.89 0.15
CA GLN B 8 -0.82 -21.02 -0.88
C GLN B 8 -0.97 -19.58 -0.37
N ILE B 9 -1.68 -19.43 0.76
CA ILE B 9 -2.05 -18.10 1.29
C ILE B 9 -0.82 -17.38 1.88
N LEU B 10 0.09 -18.13 2.55
CA LEU B 10 1.31 -17.56 3.18
C LEU B 10 2.36 -17.21 2.09
N ALA B 11 2.40 -17.97 0.99
CA ALA B 11 3.27 -17.64 -0.18
C ALA B 11 2.81 -16.31 -0.81
N GLU B 12 1.48 -16.20 -0.98
CA GLU B 12 0.83 -14.96 -1.44
C GLU B 12 1.04 -13.83 -0.42
N ASN B 13 0.96 -14.16 0.89
CA ASN B 13 1.12 -13.20 2.01
C ASN B 13 2.53 -12.58 2.03
N GLU B 14 3.53 -13.42 1.72
CA GLU B 14 4.93 -13.01 1.58
C GLU B 14 5.09 -12.09 0.35
N LYS B 15 4.46 -12.49 -0.76
CA LYS B 15 4.42 -11.68 -1.98
C LYS B 15 3.81 -10.30 -1.68
N LEU B 16 2.72 -10.32 -0.88
CA LEU B 16 1.97 -9.13 -0.47
C LEU B 16 2.83 -8.22 0.41
N LYS B 17 3.65 -8.84 1.26
CA LYS B 17 4.60 -8.13 2.13
C LYS B 17 5.66 -7.38 1.27
N ALA B 18 6.14 -8.06 0.22
CA ALA B 18 7.22 -7.55 -0.63
C ALA B 18 6.73 -6.43 -1.58
N GLN B 19 5.49 -6.59 -2.11
CA GLN B 19 4.89 -5.65 -3.07
C GLN B 19 4.43 -4.37 -2.36
N LEU B 20 3.87 -4.52 -1.13
CA LEU B 20 3.43 -3.35 -0.33
C LEU B 20 4.64 -2.52 0.02
N HIS B 21 5.74 -3.23 0.36
CA HIS B 21 7.02 -2.62 0.69
C HIS B 21 7.48 -1.73 -0.46
N ASP B 22 7.44 -2.31 -1.69
CA ASP B 22 7.82 -1.61 -2.92
C ASP B 22 6.93 -0.37 -3.15
N THR B 23 5.59 -0.56 -3.01
CA THR B 23 4.59 0.50 -3.29
C THR B 23 4.70 1.66 -2.27
N ASN B 24 5.06 1.31 -1.02
CA ASN B 24 5.29 2.27 0.07
C ASN B 24 6.58 3.06 -0.20
N MET B 25 7.61 2.35 -0.73
CA MET B 25 8.89 2.94 -1.12
C MET B 25 8.74 3.85 -2.36
N GLU B 26 7.80 3.49 -3.26
CA GLU B 26 7.45 4.34 -4.41
C GLU B 26 6.84 5.65 -3.89
N LEU B 27 5.92 5.51 -2.91
CA LEU B 27 5.23 6.65 -2.28
C LEU B 27 6.22 7.54 -1.47
N THR B 28 7.24 6.90 -0.86
CA THR B 28 8.29 7.62 -0.09
C THR B 28 9.24 8.37 -1.05
N ASP B 29 9.51 7.76 -2.21
CA ASP B 29 10.28 8.38 -3.30
C ASP B 29 9.45 9.52 -3.93
N LEU B 30 8.13 9.31 -4.00
CA LEU B 30 7.18 10.23 -4.61
C LEU B 30 6.99 11.49 -3.74
N LYS B 31 7.02 11.31 -2.40
CA LYS B 31 6.92 12.44 -1.45
C LYS B 31 8.23 13.22 -1.46
N LEU B 32 9.36 12.51 -1.72
CA LEU B 32 10.67 13.14 -1.88
C LEU B 32 10.68 14.04 -3.13
N GLN B 33 10.14 13.52 -4.24
CA GLN B 33 9.99 14.29 -5.48
C GLN B 33 9.01 15.46 -5.23
N LEU B 34 7.99 15.21 -4.38
CA LEU B 34 6.91 16.17 -4.07
C LEU B 34 7.53 17.43 -3.47
N GLU B 35 8.21 17.26 -2.31
CA GLU B 35 8.84 18.36 -1.56
C GLU B 35 9.89 19.10 -2.42
N LYS B 36 10.64 18.34 -3.27
CA LYS B 36 11.66 18.91 -4.17
C LYS B 36 11.03 19.71 -5.33
N ALA B 37 9.84 19.30 -5.78
CA ALA B 37 9.15 19.93 -6.92
C ALA B 37 8.17 21.03 -6.45
N THR B 38 7.96 21.15 -5.12
CA THR B 38 7.03 22.16 -4.58
C THR B 38 7.68 23.06 -3.51
N GLN B 39 6.92 24.06 -3.12
CA GLN B 39 7.23 25.01 -2.04
C GLN B 39 6.42 24.65 -0.77
N ARG B 40 5.45 23.71 -0.93
CA ARG B 40 4.52 23.27 0.13
C ARG B 40 5.22 22.29 1.11
N GLN B 41 4.40 21.53 1.87
CA GLN B 41 4.88 20.58 2.90
C GLN B 41 5.87 19.51 2.35
N GLU B 42 6.57 18.89 3.30
CA GLU B 42 7.51 17.77 3.06
C GLU B 42 6.69 16.47 2.90
N ARG B 43 5.47 16.52 3.49
CA ARG B 43 4.44 15.47 3.42
C ARG B 43 4.74 14.38 4.47
N PHE B 44 5.75 13.56 4.21
CA PHE B 44 6.11 12.40 5.05
C PHE B 44 7.50 12.64 5.69
N ASP A 1 -9.40 -27.07 14.13
CA ASP A 1 -8.85 -25.69 14.30
C ASP A 1 -8.64 -25.00 12.95
N PHE A 2 -8.51 -25.77 11.88
CA PHE A 2 -8.10 -25.26 10.55
C PHE A 2 -9.08 -24.25 9.91
N LYS A 3 -10.31 -24.16 10.46
CA LYS A 3 -11.30 -23.14 10.03
C LYS A 3 -10.74 -21.74 10.33
N LYS A 4 -10.15 -21.58 11.55
CA LYS A 4 -9.61 -20.31 12.01
C LYS A 4 -8.22 -20.10 11.42
N LEU A 5 -7.48 -21.20 11.09
CA LEU A 5 -6.14 -21.11 10.43
C LEU A 5 -6.24 -20.27 9.17
N TYR A 6 -7.26 -20.63 8.34
CA TYR A 6 -7.64 -19.91 7.14
C TYR A 6 -7.91 -18.43 7.49
N GLU A 7 -8.76 -18.22 8.50
CA GLU A 7 -9.19 -16.88 8.94
C GLU A 7 -8.02 -16.00 9.40
N GLN A 8 -7.01 -16.60 10.06
CA GLN A 8 -5.87 -15.84 10.63
C GLN A 8 -5.07 -15.16 9.52
N ILE A 9 -4.45 -15.96 8.62
CA ILE A 9 -3.68 -15.39 7.50
C ILE A 9 -4.58 -14.53 6.58
N LEU A 10 -5.83 -15.00 6.30
CA LEU A 10 -6.77 -14.32 5.38
C LEU A 10 -7.21 -12.96 5.97
N ALA A 11 -7.26 -12.84 7.32
CA ALA A 11 -7.65 -11.59 7.99
C ALA A 11 -6.64 -10.47 7.68
N GLU A 12 -5.34 -10.78 7.87
CA GLU A 12 -4.26 -9.83 7.54
C GLU A 12 -4.18 -9.63 6.02
N ASN A 13 -4.39 -10.73 5.27
CA ASN A 13 -4.36 -10.75 3.78
C ASN A 13 -5.42 -9.79 3.19
N GLU A 14 -6.59 -9.75 3.85
CA GLU A 14 -7.70 -8.85 3.53
C GLU A 14 -7.29 -7.39 3.76
N LYS A 15 -6.73 -7.15 4.97
CA LYS A 15 -6.21 -5.84 5.36
C LYS A 15 -5.17 -5.36 4.32
N LEU A 16 -4.31 -6.30 3.89
CA LEU A 16 -3.20 -6.04 2.95
C LEU A 16 -3.72 -5.63 1.57
N LYS A 17 -4.82 -6.26 1.16
CA LYS A 17 -5.49 -5.93 -0.10
C LYS A 17 -6.09 -4.51 -0.02
N ALA A 18 -6.58 -4.16 1.18
CA ALA A 18 -7.28 -2.89 1.43
C ALA A 18 -6.29 -1.70 1.47
N GLN A 19 -5.22 -1.86 2.28
CA GLN A 19 -4.18 -0.81 2.46
C GLN A 19 -3.38 -0.59 1.20
N LEU A 20 -3.15 -1.66 0.41
CA LEU A 20 -2.45 -1.54 -0.88
C LEU A 20 -3.33 -0.75 -1.83
N HIS A 21 -4.65 -1.06 -1.82
CA HIS A 21 -5.64 -0.40 -2.68
C HIS A 21 -5.62 1.13 -2.41
N ASP A 22 -5.53 1.51 -1.13
CA ASP A 22 -5.41 2.92 -0.73
C ASP A 22 -4.14 3.53 -1.28
N THR A 23 -2.99 2.92 -0.94
CA THR A 23 -1.65 3.42 -1.27
C THR A 23 -1.44 3.51 -2.80
N ASN A 24 -2.11 2.61 -3.56
CA ASN A 24 -2.04 2.59 -5.04
C ASN A 24 -2.88 3.75 -5.61
N MET A 25 -4.12 3.89 -5.11
CA MET A 25 -5.07 4.94 -5.55
C MET A 25 -4.54 6.35 -5.24
N GLU A 26 -4.00 6.55 -4.02
CA GLU A 26 -3.51 7.86 -3.58
C GLU A 26 -2.14 8.17 -4.19
N LEU A 27 -1.40 7.12 -4.61
CA LEU A 27 -0.20 7.27 -5.46
C LEU A 27 -0.64 7.84 -6.82
N THR A 28 -1.77 7.32 -7.35
CA THR A 28 -2.32 7.77 -8.64
C THR A 28 -2.73 9.26 -8.57
N ASP A 29 -3.36 9.65 -7.44
CA ASP A 29 -3.65 11.05 -7.11
C ASP A 29 -2.34 11.85 -7.04
N LEU A 30 -1.37 11.28 -6.30
CA LEU A 30 -0.09 11.94 -6.00
C LEU A 30 0.72 12.24 -7.26
N LYS A 31 0.73 11.30 -8.23
CA LYS A 31 1.51 11.46 -9.47
C LYS A 31 0.83 12.43 -10.44
N LEU A 32 -0.51 12.41 -10.43
CA LEU A 32 -1.34 13.26 -11.33
C LEU A 32 -1.18 14.74 -10.94
N GLN A 33 -1.35 15.02 -9.65
CA GLN A 33 -1.22 16.37 -9.10
C GLN A 33 0.25 16.83 -9.18
N LEU A 34 1.20 15.91 -8.86
CA LEU A 34 2.64 16.21 -8.82
C LEU A 34 3.07 16.85 -10.13
N GLU A 35 2.80 16.14 -11.25
CA GLU A 35 3.14 16.55 -12.62
C GLU A 35 2.39 17.84 -13.06
N LYS A 36 1.17 18.09 -12.49
CA LYS A 36 0.49 19.42 -12.62
C LYS A 36 1.27 20.54 -11.89
N ALA A 37 2.19 20.11 -11.03
CA ALA A 37 3.12 20.95 -10.23
C ALA A 37 2.38 21.43 -9.00
N THR A 38 1.87 20.44 -8.25
CA THR A 38 0.95 20.71 -7.11
C THR A 38 1.67 21.02 -5.80
N GLN A 39 1.17 22.05 -5.09
CA GLN A 39 1.68 22.48 -3.78
C GLN A 39 0.82 21.90 -2.64
N ARG A 40 -0.50 22.10 -2.74
CA ARG A 40 -1.46 21.61 -1.73
C ARG A 40 -2.43 20.60 -2.35
N GLN A 41 -2.71 19.54 -1.61
CA GLN A 41 -3.68 18.50 -1.97
C GLN A 41 -4.52 18.15 -0.73
N GLU A 42 -5.23 17.00 -0.78
CA GLU A 42 -6.00 16.48 0.37
C GLU A 42 -5.91 14.95 0.43
N ARG A 43 -5.97 14.30 -0.76
CA ARG A 43 -6.00 12.82 -0.96
C ARG A 43 -7.39 12.23 -0.56
N PHE A 44 -7.81 12.49 0.68
CA PHE A 44 -9.12 12.05 1.22
C PHE A 44 -10.26 12.99 0.76
N ASP B 1 -4.27 -31.76 3.71
CA ASP B 1 -5.24 -31.05 2.86
C ASP B 1 -5.35 -29.58 3.28
N PHE B 2 -4.88 -29.27 4.50
CA PHE B 2 -4.97 -27.93 5.11
C PHE B 2 -3.60 -27.23 5.20
N LYS B 3 -2.52 -28.03 5.16
CA LYS B 3 -1.14 -27.49 5.12
C LYS B 3 -0.98 -26.54 3.93
N LYS B 4 -1.63 -26.93 2.81
CA LYS B 4 -1.63 -26.16 1.59
C LYS B 4 -2.39 -24.84 1.75
N LEU B 5 -3.50 -24.81 2.56
CA LEU B 5 -4.28 -23.56 2.78
C LEU B 5 -3.36 -22.53 3.44
N TYR B 6 -2.56 -23.01 4.43
CA TYR B 6 -1.58 -22.19 5.14
C TYR B 6 -0.59 -21.57 4.14
N GLU B 7 -0.07 -22.42 3.23
CA GLU B 7 0.93 -22.03 2.22
C GLU B 7 0.37 -21.06 1.16
N GLN B 8 -0.85 -21.31 0.66
CA GLN B 8 -1.45 -20.53 -0.45
C GLN B 8 -1.70 -19.07 -0.03
N ILE B 9 -2.40 -18.91 1.11
CA ILE B 9 -2.75 -17.59 1.63
C ILE B 9 -1.50 -16.83 2.11
N LEU B 10 -0.55 -17.56 2.75
CA LEU B 10 0.69 -16.95 3.28
C LEU B 10 1.68 -16.59 2.17
N ALA B 11 1.61 -17.32 1.03
CA ALA B 11 2.38 -16.97 -0.19
C ALA B 11 1.86 -15.64 -0.77
N GLU B 12 0.53 -15.50 -0.78
CA GLU B 12 -0.14 -14.27 -1.21
C GLU B 12 0.14 -13.12 -0.22
N ASN B 13 0.11 -13.45 1.10
CA ASN B 13 0.31 -12.48 2.20
C ASN B 13 1.75 -11.92 2.18
N GLU B 14 2.71 -12.83 1.93
CA GLU B 14 4.13 -12.50 1.74
C GLU B 14 4.30 -11.55 0.55
N LYS B 15 3.63 -11.89 -0.58
CA LYS B 15 3.64 -11.06 -1.78
C LYS B 15 3.09 -9.68 -1.47
N LEU B 16 1.95 -9.65 -0.74
CA LEU B 16 1.23 -8.42 -0.40
C LEU B 16 2.09 -7.53 0.51
N LYS B 17 2.96 -8.17 1.30
CA LYS B 17 3.91 -7.49 2.18
C LYS B 17 4.99 -6.77 1.35
N ALA B 18 5.50 -7.48 0.33
CA ALA B 18 6.59 -7.01 -0.53
C ALA B 18 6.13 -5.86 -1.44
N GLN B 19 4.95 -6.05 -2.06
CA GLN B 19 4.38 -5.11 -3.05
C GLN B 19 3.86 -3.83 -2.38
N LEU B 20 3.38 -3.94 -1.12
CA LEU B 20 2.95 -2.75 -0.36
C LEU B 20 4.17 -1.89 -0.04
N HIS B 21 5.27 -2.57 0.39
CA HIS B 21 6.54 -1.89 0.74
C HIS B 21 7.09 -1.13 -0.49
N ASP B 22 6.91 -1.77 -1.67
CA ASP B 22 7.20 -1.16 -2.97
C ASP B 22 6.36 0.12 -3.17
N THR B 23 5.02 -0.02 -3.16
CA THR B 23 4.09 1.10 -3.41
C THR B 23 4.26 2.24 -2.36
N ASN B 24 4.72 1.88 -1.15
CA ASN B 24 4.98 2.84 -0.06
C ASN B 24 6.22 3.70 -0.38
N MET B 25 7.29 3.07 -0.91
CA MET B 25 8.52 3.83 -1.27
C MET B 25 8.30 4.66 -2.54
N GLU B 26 7.37 4.20 -3.41
CA GLU B 26 6.96 4.96 -4.60
C GLU B 26 6.17 6.21 -4.15
N LEU B 27 5.28 6.03 -3.15
CA LEU B 27 4.49 7.13 -2.56
C LEU B 27 5.44 8.15 -1.88
N THR B 28 6.50 7.63 -1.23
CA THR B 28 7.55 8.45 -0.59
C THR B 28 8.32 9.28 -1.65
N ASP B 29 8.55 8.67 -2.83
CA ASP B 29 9.16 9.35 -3.99
C ASP B 29 8.26 10.52 -4.44
N LEU B 30 6.95 10.23 -4.57
CA LEU B 30 5.95 11.21 -5.01
C LEU B 30 5.88 12.40 -4.04
N LYS B 31 6.00 12.12 -2.71
CA LYS B 31 6.08 13.18 -1.71
C LYS B 31 7.29 14.05 -1.96
N LEU B 32 8.45 13.38 -2.04
CA LEU B 32 9.77 14.03 -2.22
C LEU B 32 9.76 14.99 -3.42
N GLN B 33 9.08 14.58 -4.52
CA GLN B 33 8.96 15.41 -5.72
C GLN B 33 8.06 16.63 -5.46
N LEU B 34 6.98 16.46 -4.65
CA LEU B 34 6.12 17.59 -4.22
C LEU B 34 6.93 18.61 -3.39
N GLU B 35 7.84 18.08 -2.54
CA GLU B 35 8.69 18.89 -1.64
C GLU B 35 9.71 19.71 -2.46
N LYS B 36 10.23 19.04 -3.51
CA LYS B 36 11.21 19.62 -4.46
C LYS B 36 10.56 20.67 -5.40
N ALA B 37 9.50 20.26 -6.10
CA ALA B 37 8.79 21.08 -7.12
C ALA B 37 8.21 22.36 -6.50
N THR B 38 7.82 22.27 -5.22
CA THR B 38 7.26 23.40 -4.47
C THR B 38 7.65 23.29 -2.98
N GLN B 39 6.89 22.51 -2.17
CA GLN B 39 7.10 22.42 -0.71
C GLN B 39 6.35 21.25 -0.08
N ARG B 40 5.23 20.80 -0.74
CA ARG B 40 4.33 19.73 -0.20
C ARG B 40 3.54 20.25 1.02
N GLN B 41 2.29 19.78 1.19
CA GLN B 41 1.45 20.13 2.35
C GLN B 41 2.10 19.72 3.69
N GLU B 42 1.73 20.43 4.76
CA GLU B 42 2.36 20.30 6.08
C GLU B 42 1.66 19.20 6.91
N ARG B 43 1.92 17.95 6.52
CA ARG B 43 1.49 16.75 7.27
C ARG B 43 2.59 16.33 8.26
N PHE B 44 3.68 15.77 7.72
CA PHE B 44 4.86 15.37 8.51
C PHE B 44 6.08 15.35 7.55
N ASP A 1 -9.00 -28.32 13.98
CA ASP A 1 -8.28 -27.03 14.09
C ASP A 1 -7.88 -26.50 12.72
N PHE A 2 -7.99 -27.33 11.67
CA PHE A 2 -7.49 -26.99 10.33
C PHE A 2 -8.50 -26.22 9.47
N LYS A 3 -9.81 -26.41 9.72
CA LYS A 3 -10.85 -25.66 8.96
C LYS A 3 -10.78 -24.17 9.32
N LYS A 4 -10.55 -23.91 10.63
CA LYS A 4 -10.40 -22.55 11.15
C LYS A 4 -8.98 -22.05 10.86
N LEU A 5 -7.97 -22.96 10.79
CA LEU A 5 -6.58 -22.60 10.39
C LEU A 5 -6.59 -21.88 9.04
N TYR A 6 -7.36 -22.46 8.09
CA TYR A 6 -7.58 -21.90 6.76
C TYR A 6 -8.13 -20.47 6.88
N GLU A 7 -9.17 -20.31 7.72
CA GLU A 7 -9.83 -19.03 8.00
C GLU A 7 -8.86 -17.99 8.59
N GLN A 8 -7.94 -18.45 9.47
CA GLN A 8 -7.01 -17.54 10.19
C GLN A 8 -5.99 -16.91 9.23
N ILE A 9 -5.31 -17.77 8.44
CA ILE A 9 -4.31 -17.28 7.45
C ILE A 9 -5.02 -16.40 6.40
N LEU A 10 -6.14 -16.95 5.85
CA LEU A 10 -6.94 -16.30 4.79
C LEU A 10 -7.55 -14.97 5.28
N ALA A 11 -7.79 -14.85 6.60
CA ALA A 11 -8.23 -13.59 7.24
C ALA A 11 -7.20 -12.48 6.99
N GLU A 12 -5.96 -12.75 7.42
CA GLU A 12 -4.84 -11.83 7.24
C GLU A 12 -4.49 -11.66 5.74
N ASN A 13 -4.67 -12.75 4.98
CA ASN A 13 -4.31 -12.83 3.54
C ASN A 13 -5.23 -11.91 2.71
N GLU A 14 -6.56 -11.99 3.00
CA GLU A 14 -7.59 -11.17 2.33
C GLU A 14 -7.34 -9.69 2.66
N LYS A 15 -6.91 -9.46 3.93
CA LYS A 15 -6.58 -8.12 4.41
C LYS A 15 -5.42 -7.55 3.59
N LEU A 16 -4.41 -8.42 3.32
CA LEU A 16 -3.19 -8.05 2.59
C LEU A 16 -3.48 -7.69 1.11
N LYS A 17 -4.52 -8.33 0.51
CA LYS A 17 -4.98 -7.93 -0.86
C LYS A 17 -5.73 -6.58 -0.83
N ALA A 18 -6.46 -6.33 0.26
CA ALA A 18 -7.26 -5.10 0.40
C ALA A 18 -6.34 -3.88 0.55
N GLN A 19 -5.41 -3.96 1.52
CA GLN A 19 -4.47 -2.88 1.83
C GLN A 19 -3.45 -2.65 0.72
N LEU A 20 -3.06 -3.73 -0.02
CA LEU A 20 -2.15 -3.57 -1.18
C LEU A 20 -2.85 -2.75 -2.26
N HIS A 21 -4.15 -3.08 -2.46
CA HIS A 21 -4.99 -2.40 -3.46
C HIS A 21 -5.04 -0.91 -3.16
N ASP A 22 -5.29 -0.57 -1.88
CA ASP A 22 -5.30 0.81 -1.39
C ASP A 22 -3.97 1.52 -1.68
N THR A 23 -2.86 0.87 -1.27
CA THR A 23 -1.50 1.42 -1.43
C THR A 23 -1.13 1.60 -2.92
N ASN A 24 -1.71 0.73 -3.79
CA ASN A 24 -1.51 0.81 -5.25
C ASN A 24 -2.26 2.03 -5.82
N MET A 25 -3.56 2.17 -5.47
CA MET A 25 -4.41 3.30 -5.88
C MET A 25 -3.78 4.64 -5.52
N GLU A 26 -3.49 4.82 -4.22
CA GLU A 26 -3.00 6.09 -3.69
C GLU A 26 -1.61 6.44 -4.26
N LEU A 27 -0.74 5.42 -4.49
CA LEU A 27 0.55 5.58 -5.18
C LEU A 27 0.35 6.12 -6.62
N THR A 28 -0.68 5.59 -7.31
CA THR A 28 -1.02 5.99 -8.69
C THR A 28 -1.50 7.45 -8.74
N ASP A 29 -2.30 7.84 -7.73
CA ASP A 29 -2.75 9.23 -7.55
C ASP A 29 -1.54 10.16 -7.34
N LEU A 30 -0.60 9.66 -6.47
CA LEU A 30 0.61 10.40 -6.11
C LEU A 30 1.44 10.71 -7.36
N LYS A 31 1.88 9.64 -8.08
CA LYS A 31 2.77 9.77 -9.26
C LYS A 31 2.14 10.56 -10.41
N LEU A 32 0.79 10.50 -10.51
CA LEU A 32 0.04 11.20 -11.56
C LEU A 32 0.23 12.71 -11.42
N GLN A 33 -0.34 13.31 -10.34
CA GLN A 33 -0.26 14.78 -10.14
C GLN A 33 1.18 15.23 -9.78
N LEU A 34 2.00 14.28 -9.26
CA LEU A 34 3.43 14.50 -8.96
C LEU A 34 4.15 15.07 -10.17
N GLU A 35 4.29 14.23 -11.23
CA GLU A 35 5.07 14.56 -12.42
C GLU A 35 4.35 15.60 -13.30
N LYS A 36 3.00 15.69 -13.17
CA LYS A 36 2.22 16.83 -13.72
C LYS A 36 2.65 18.16 -13.04
N ALA A 37 3.38 18.01 -11.91
CA ALA A 37 4.12 19.08 -11.23
C ALA A 37 3.17 19.83 -10.34
N THR A 38 2.67 19.05 -9.37
CA THR A 38 1.62 19.50 -8.42
C THR A 38 2.04 20.70 -7.55
N GLN A 39 1.02 21.33 -6.92
CA GLN A 39 1.15 22.55 -6.12
C GLN A 39 0.70 22.30 -4.66
N ARG A 40 -0.25 21.35 -4.50
CA ARG A 40 -0.66 20.82 -3.18
C ARG A 40 -1.23 19.39 -3.39
N GLN A 41 -1.43 18.67 -2.28
CA GLN A 41 -1.87 17.26 -2.31
C GLN A 41 -2.76 16.97 -1.09
N GLU A 42 -2.31 17.46 0.09
CA GLU A 42 -3.00 17.28 1.39
C GLU A 42 -3.44 15.81 1.59
N ARG A 43 -2.44 14.92 1.66
CA ARG A 43 -2.68 13.46 1.80
C ARG A 43 -3.35 13.17 3.15
N PHE A 44 -2.73 13.67 4.23
CA PHE A 44 -3.24 13.53 5.59
C PHE A 44 -3.34 14.92 6.24
N ASP B 1 -3.00 -32.46 3.27
CA ASP B 1 -3.95 -31.49 2.73
C ASP B 1 -3.97 -30.24 3.59
N PHE B 2 -3.89 -30.46 4.90
CA PHE B 2 -3.95 -29.42 5.91
C PHE B 2 -2.56 -28.82 6.19
N LYS B 3 -1.52 -29.66 6.04
CA LYS B 3 -0.12 -29.20 6.17
C LYS B 3 0.18 -28.24 5.00
N LYS B 4 -0.29 -28.62 3.79
CA LYS B 4 -0.09 -27.82 2.58
C LYS B 4 -1.03 -26.64 2.55
N LEU B 5 -2.22 -26.71 3.24
CA LEU B 5 -3.14 -25.54 3.30
C LEU B 5 -2.38 -24.39 3.95
N TYR B 6 -1.68 -24.71 5.08
CA TYR B 6 -0.87 -23.73 5.79
C TYR B 6 0.25 -23.22 4.86
N GLU B 7 0.92 -24.15 4.14
CA GLU B 7 2.04 -23.81 3.25
C GLU B 7 1.61 -22.84 2.14
N GLN B 8 0.44 -23.08 1.50
CA GLN B 8 0.01 -22.31 0.30
C GLN B 8 -0.37 -20.87 0.67
N ILE B 9 -1.26 -20.73 1.66
CA ILE B 9 -1.81 -19.42 2.03
C ILE B 9 -0.75 -18.56 2.75
N LEU B 10 0.11 -19.22 3.57
CA LEU B 10 1.22 -18.53 4.29
C LEU B 10 2.34 -18.13 3.29
N ALA B 11 2.56 -18.96 2.24
CA ALA B 11 3.49 -18.62 1.14
C ALA B 11 3.00 -17.37 0.41
N GLU B 12 1.68 -17.34 0.17
CA GLU B 12 1.02 -16.20 -0.48
C GLU B 12 1.14 -14.95 0.44
N ASN B 13 0.93 -15.17 1.76
CA ASN B 13 1.02 -14.14 2.82
C ASN B 13 2.43 -13.50 2.87
N GLU B 14 3.45 -14.35 2.68
CA GLU B 14 4.87 -13.95 2.58
C GLU B 14 5.09 -13.04 1.37
N LYS B 15 4.57 -13.49 0.21
CA LYS B 15 4.67 -12.76 -1.06
C LYS B 15 3.96 -11.40 -0.95
N LEU B 16 2.79 -11.42 -0.26
CA LEU B 16 1.95 -10.24 -0.04
C LEU B 16 2.67 -9.22 0.86
N LYS B 17 3.47 -9.73 1.80
CA LYS B 17 4.29 -8.90 2.69
C LYS B 17 5.43 -8.21 1.92
N ALA B 18 6.05 -8.96 0.99
CA ALA B 18 7.21 -8.47 0.21
C ALA B 18 6.78 -7.40 -0.81
N GLN B 19 5.65 -7.67 -1.49
CA GLN B 19 5.11 -6.77 -2.52
C GLN B 19 4.55 -5.48 -1.89
N LEU B 20 3.84 -5.61 -0.72
CA LEU B 20 3.25 -4.43 -0.05
C LEU B 20 4.36 -3.53 0.47
N HIS B 21 5.44 -4.15 1.00
CA HIS B 21 6.60 -3.42 1.53
C HIS B 21 7.21 -2.57 0.41
N ASP B 22 7.32 -3.16 -0.80
CA ASP B 22 7.81 -2.48 -2.02
C ASP B 22 6.91 -1.28 -2.35
N THR B 23 5.58 -1.52 -2.41
CA THR B 23 4.58 -0.51 -2.76
C THR B 23 4.56 0.65 -1.71
N ASN B 24 4.92 0.32 -0.46
CA ASN B 24 5.00 1.29 0.66
C ASN B 24 6.28 2.14 0.54
N MET B 25 7.38 1.51 0.07
CA MET B 25 8.65 2.21 -0.23
C MET B 25 8.46 3.26 -1.32
N GLU B 26 7.66 2.91 -2.35
CA GLU B 26 7.36 3.80 -3.48
C GLU B 26 6.39 4.89 -3.02
N LEU B 27 5.48 4.54 -2.08
CA LEU B 27 4.51 5.49 -1.50
C LEU B 27 5.26 6.60 -0.71
N THR B 28 6.34 6.19 -0.02
CA THR B 28 7.25 7.10 0.72
C THR B 28 8.11 7.94 -0.28
N ASP B 29 8.55 7.28 -1.37
CA ASP B 29 9.35 7.90 -2.47
C ASP B 29 8.53 8.99 -3.17
N LEU B 30 7.28 8.66 -3.47
CA LEU B 30 6.38 9.53 -4.22
C LEU B 30 6.01 10.76 -3.40
N LYS B 31 5.69 10.56 -2.10
CA LYS B 31 5.31 11.68 -1.21
C LYS B 31 6.50 12.64 -0.99
N LEU B 32 7.74 12.09 -1.06
CA LEU B 32 8.99 12.88 -1.00
C LEU B 32 9.11 13.80 -2.22
N GLN B 33 8.98 13.21 -3.42
CA GLN B 33 9.02 13.94 -4.69
C GLN B 33 7.92 15.01 -4.71
N LEU B 34 6.76 14.64 -4.12
CA LEU B 34 5.55 15.46 -4.04
C LEU B 34 5.77 16.71 -3.19
N GLU B 35 6.30 16.55 -1.96
CA GLU B 35 6.47 17.66 -1.01
C GLU B 35 7.51 18.68 -1.51
N LYS B 36 8.44 18.19 -2.35
CA LYS B 36 9.41 19.04 -3.07
C LYS B 36 8.76 19.71 -4.30
N ALA B 37 7.85 18.99 -4.98
CA ALA B 37 7.08 19.51 -6.14
C ALA B 37 6.10 20.59 -5.68
N THR B 38 5.55 20.40 -4.47
CA THR B 38 4.55 21.29 -3.89
C THR B 38 5.22 22.39 -3.09
N GLN B 39 4.62 23.58 -3.16
CA GLN B 39 4.99 24.73 -2.31
C GLN B 39 4.40 24.53 -0.91
N ARG B 40 3.38 23.63 -0.83
CA ARG B 40 2.67 23.30 0.41
C ARG B 40 3.42 22.19 1.20
N GLN B 41 3.44 22.34 2.54
CA GLN B 41 4.02 21.40 3.55
C GLN B 41 5.57 21.43 3.59
N GLU B 42 6.25 21.13 2.44
CA GLU B 42 7.74 21.12 2.29
C GLU B 42 8.44 20.37 3.47
N ARG B 43 8.55 19.04 3.34
CA ARG B 43 9.09 18.16 4.42
C ARG B 43 10.62 18.15 4.45
N PHE B 44 11.22 18.21 3.26
CA PHE B 44 12.66 18.43 3.10
C PHE B 44 13.00 19.90 3.42
N ASP A 1 -9.90 -26.93 14.13
CA ASP A 1 -9.10 -25.74 14.52
C ASP A 1 -8.54 -25.02 13.29
N PHE A 2 -7.99 -25.78 12.36
CA PHE A 2 -7.39 -25.29 11.10
C PHE A 2 -8.31 -24.39 10.22
N LYS A 3 -9.64 -24.36 10.48
CA LYS A 3 -10.55 -23.44 9.77
C LYS A 3 -10.23 -21.97 10.15
N LYS A 4 -9.93 -21.74 11.45
CA LYS A 4 -9.56 -20.42 11.94
C LYS A 4 -8.13 -20.06 11.49
N LEU A 5 -7.26 -21.08 11.27
CA LEU A 5 -5.88 -20.87 10.79
C LEU A 5 -5.90 -20.05 9.48
N TYR A 6 -6.81 -20.46 8.58
CA TYR A 6 -7.11 -19.76 7.34
C TYR A 6 -7.48 -18.31 7.65
N GLU A 7 -8.48 -18.15 8.54
CA GLU A 7 -9.04 -16.85 8.95
C GLU A 7 -7.98 -15.90 9.56
N GLN A 8 -6.96 -16.47 10.22
CA GLN A 8 -5.88 -15.68 10.89
C GLN A 8 -5.03 -14.91 9.87
N ILE A 9 -4.29 -15.66 9.01
CA ILE A 9 -3.46 -15.02 7.98
C ILE A 9 -4.33 -14.23 6.98
N LEU A 10 -5.51 -14.80 6.62
CA LEU A 10 -6.45 -14.19 5.62
C LEU A 10 -7.04 -12.88 6.16
N ALA A 11 -7.15 -12.74 7.51
CA ALA A 11 -7.58 -11.47 8.15
C ALA A 11 -6.56 -10.36 7.81
N GLU A 12 -5.27 -10.69 8.02
CA GLU A 12 -4.15 -9.78 7.73
C GLU A 12 -4.00 -9.58 6.21
N ASN A 13 -4.23 -10.65 5.44
CA ASN A 13 -4.00 -10.70 3.97
C ASN A 13 -5.05 -9.87 3.23
N GLU A 14 -6.28 -9.92 3.76
CA GLU A 14 -7.42 -9.11 3.29
C GLU A 14 -7.15 -7.63 3.55
N LYS A 15 -6.68 -7.33 4.78
CA LYS A 15 -6.22 -6.00 5.15
C LYS A 15 -5.13 -5.53 4.16
N LEU A 16 -4.20 -6.46 3.79
CA LEU A 16 -3.06 -6.17 2.90
C LEU A 16 -3.53 -5.82 1.47
N LYS A 17 -4.65 -6.45 1.05
CA LYS A 17 -5.29 -6.13 -0.26
C LYS A 17 -5.93 -4.74 -0.22
N ALA A 18 -6.47 -4.36 0.95
CA ALA A 18 -7.16 -3.08 1.14
C ALA A 18 -6.14 -1.92 1.13
N GLN A 19 -5.13 -2.01 2.00
CA GLN A 19 -4.11 -0.96 2.17
C GLN A 19 -3.22 -0.80 0.94
N LEU A 20 -2.96 -1.90 0.20
CA LEU A 20 -2.20 -1.81 -1.07
C LEU A 20 -3.04 -1.07 -2.09
N HIS A 21 -4.36 -1.39 -2.15
CA HIS A 21 -5.32 -0.76 -3.06
C HIS A 21 -5.25 0.77 -2.90
N ASP A 22 -5.44 1.25 -1.66
CA ASP A 22 -5.40 2.69 -1.33
C ASP A 22 -4.05 3.33 -1.66
N THR A 23 -2.94 2.68 -1.26
CA THR A 23 -1.58 3.22 -1.48
C THR A 23 -1.23 3.25 -2.99
N ASN A 24 -1.83 2.33 -3.79
CA ASN A 24 -1.63 2.26 -5.25
C ASN A 24 -2.39 3.41 -5.94
N MET A 25 -3.66 3.63 -5.52
CA MET A 25 -4.49 4.76 -5.97
C MET A 25 -3.77 6.09 -5.73
N GLU A 26 -3.44 6.33 -4.44
CA GLU A 26 -2.89 7.60 -3.99
C GLU A 26 -1.44 7.79 -4.48
N LEU A 27 -0.74 6.70 -4.88
CA LEU A 27 0.55 6.80 -5.59
C LEU A 27 0.33 7.42 -6.98
N THR A 28 -0.62 6.84 -7.74
CA THR A 28 -0.93 7.26 -9.11
C THR A 28 -1.43 8.72 -9.12
N ASP A 29 -2.28 9.06 -8.13
CA ASP A 29 -2.75 10.42 -7.87
C ASP A 29 -1.57 11.34 -7.54
N LEU A 30 -0.75 10.94 -6.55
CA LEU A 30 0.38 11.74 -6.01
C LEU A 30 1.35 12.14 -7.12
N LYS A 31 1.71 11.18 -7.99
CA LYS A 31 2.68 11.43 -9.07
C LYS A 31 2.06 12.33 -10.14
N LEU A 32 0.76 12.12 -10.41
CA LEU A 32 -0.01 12.87 -11.41
C LEU A 32 -0.03 14.36 -11.05
N GLN A 33 -0.58 14.65 -9.85
CA GLN A 33 -0.71 16.02 -9.33
C GLN A 33 0.68 16.65 -9.08
N LEU A 34 1.68 15.82 -8.68
CA LEU A 34 3.05 16.28 -8.37
C LEU A 34 3.59 17.08 -9.55
N GLU A 35 3.68 16.39 -10.71
CA GLU A 35 4.24 16.96 -11.95
C GLU A 35 3.31 18.04 -12.56
N LYS A 36 1.99 17.98 -12.24
CA LYS A 36 1.03 19.09 -12.53
C LYS A 36 1.38 20.34 -11.67
N ALA A 37 2.24 20.13 -10.66
CA ALA A 37 2.82 21.13 -9.77
C ALA A 37 1.81 21.44 -8.67
N THR A 38 1.49 20.36 -7.91
CA THR A 38 0.44 20.44 -6.85
C THR A 38 0.96 21.11 -5.58
N GLN A 39 0.03 21.51 -4.70
CA GLN A 39 0.36 22.11 -3.41
C GLN A 39 0.14 21.13 -2.23
N ARG A 40 -0.83 20.18 -2.37
CA ARG A 40 -1.17 19.24 -1.27
C ARG A 40 -2.01 18.04 -1.78
N GLN A 41 -2.20 17.03 -0.90
CA GLN A 41 -3.10 15.90 -1.12
C GLN A 41 -3.98 15.66 0.11
N GLU A 42 -4.91 14.70 -0.02
CA GLU A 42 -5.79 14.26 1.06
C GLU A 42 -5.61 12.74 1.23
N ARG A 43 -4.82 12.37 2.27
CA ARG A 43 -4.55 10.97 2.62
C ARG A 43 -5.82 10.31 3.17
N PHE A 44 -6.31 10.84 4.31
CA PHE A 44 -7.56 10.38 4.94
C PHE A 44 -8.66 11.43 4.71
N ASP B 1 -2.61 -31.44 5.97
CA ASP B 1 -3.50 -31.21 4.83
C ASP B 1 -3.81 -29.71 4.72
N PHE B 2 -3.95 -29.07 5.89
CA PHE B 2 -4.19 -27.61 6.02
C PHE B 2 -2.85 -26.85 6.23
N LYS B 3 -1.75 -27.60 6.42
CA LYS B 3 -0.39 -27.04 6.57
C LYS B 3 -0.04 -26.19 5.33
N LYS B 4 -0.53 -26.66 4.18
CA LYS B 4 -0.28 -26.05 2.88
C LYS B 4 -1.09 -24.74 2.76
N LEU B 5 -2.30 -24.65 3.41
CA LEU B 5 -3.11 -23.40 3.39
C LEU B 5 -2.31 -22.31 4.07
N TYR B 6 -1.62 -22.68 5.20
CA TYR B 6 -0.73 -21.77 5.91
C TYR B 6 0.32 -21.20 4.95
N GLU B 7 0.97 -22.10 4.19
CA GLU B 7 1.96 -21.71 3.16
C GLU B 7 1.35 -20.88 2.00
N GLN B 8 0.09 -21.17 1.59
CA GLN B 8 -0.57 -20.46 0.46
C GLN B 8 -0.79 -18.98 0.80
N ILE B 9 -1.53 -18.75 1.90
CA ILE B 9 -1.94 -17.39 2.32
C ILE B 9 -0.72 -16.58 2.82
N LEU B 10 0.21 -17.24 3.53
CA LEU B 10 1.44 -16.59 4.08
C LEU B 10 2.43 -16.25 2.93
N ALA B 11 2.46 -17.07 1.85
CA ALA B 11 3.30 -16.76 0.66
C ALA B 11 2.77 -15.49 -0.03
N GLU B 12 1.43 -15.41 -0.14
CA GLU B 12 0.74 -14.23 -0.65
C GLU B 12 0.96 -13.03 0.31
N ASN B 13 0.91 -13.30 1.63
CA ASN B 13 1.05 -12.29 2.71
C ASN B 13 2.45 -11.66 2.70
N GLU B 14 3.46 -12.50 2.46
CA GLU B 14 4.87 -12.09 2.33
C GLU B 14 5.06 -11.25 1.07
N LYS B 15 4.49 -11.74 -0.05
CA LYS B 15 4.49 -11.01 -1.31
C LYS B 15 3.84 -9.64 -1.14
N LEU B 16 2.68 -9.63 -0.43
CA LEU B 16 1.89 -8.42 -0.19
C LEU B 16 2.66 -7.45 0.71
N LYS B 17 3.52 -8.02 1.58
CA LYS B 17 4.41 -7.25 2.46
C LYS B 17 5.47 -6.51 1.63
N ALA B 18 6.04 -7.23 0.65
CA ALA B 18 7.13 -6.76 -0.20
C ALA B 18 6.66 -5.67 -1.17
N GLN B 19 5.50 -5.93 -1.83
CA GLN B 19 4.93 -5.05 -2.84
C GLN B 19 4.42 -3.74 -2.23
N LEU B 20 3.77 -3.83 -1.03
CA LEU B 20 3.24 -2.64 -0.32
C LEU B 20 4.40 -1.76 0.13
N HIS B 21 5.48 -2.40 0.62
CA HIS B 21 6.69 -1.72 1.10
C HIS B 21 7.29 -0.90 -0.05
N ASP B 22 7.38 -1.56 -1.22
CA ASP B 22 7.85 -0.94 -2.46
C ASP B 22 6.96 0.27 -2.83
N THR B 23 5.62 0.06 -2.77
CA THR B 23 4.60 1.07 -3.13
C THR B 23 4.69 2.31 -2.21
N ASN B 24 5.02 2.07 -0.91
CA ASN B 24 5.20 3.15 0.08
C ASN B 24 6.51 3.91 -0.17
N MET B 25 7.54 3.19 -0.66
CA MET B 25 8.84 3.81 -1.01
C MET B 25 8.68 4.73 -2.22
N GLU B 26 7.89 4.29 -3.23
CA GLU B 26 7.58 5.10 -4.42
C GLU B 26 6.81 6.36 -3.98
N LEU B 27 5.87 6.14 -3.04
CA LEU B 27 5.06 7.21 -2.44
C LEU B 27 5.96 8.15 -1.56
N THR B 28 7.08 7.62 -1.01
CA THR B 28 8.08 8.42 -0.24
C THR B 28 8.82 9.39 -1.19
N ASP B 29 9.13 8.91 -2.42
CA ASP B 29 9.67 9.76 -3.50
C ASP B 29 8.67 10.89 -3.79
N LEU B 30 7.40 10.52 -3.99
CA LEU B 30 6.33 11.44 -4.42
C LEU B 30 6.08 12.55 -3.40
N LYS B 31 6.17 12.23 -2.09
CA LYS B 31 5.93 13.22 -1.01
C LYS B 31 7.19 14.09 -0.77
N LEU B 32 8.39 13.53 -1.12
CA LEU B 32 9.67 14.29 -1.09
C LEU B 32 9.65 15.35 -2.18
N GLN B 33 9.38 14.90 -3.42
CA GLN B 33 9.24 15.78 -4.59
C GLN B 33 8.06 16.76 -4.42
N LEU B 34 7.03 16.32 -3.65
CA LEU B 34 5.83 17.14 -3.35
C LEU B 34 6.25 18.41 -2.60
N GLU B 35 6.94 18.20 -1.46
CA GLU B 35 7.39 19.30 -0.59
C GLU B 35 8.48 20.16 -1.25
N LYS B 36 9.19 19.59 -2.26
CA LYS B 36 10.13 20.34 -3.13
C LYS B 36 9.37 21.26 -4.10
N ALA B 37 8.20 20.78 -4.57
CA ALA B 37 7.36 21.50 -5.55
C ALA B 37 6.61 22.67 -4.89
N THR B 38 6.06 22.43 -3.68
CA THR B 38 5.03 23.28 -3.07
C THR B 38 5.59 24.28 -2.01
N GLN B 39 4.69 25.18 -1.58
CA GLN B 39 4.89 26.10 -0.44
C GLN B 39 4.42 25.44 0.89
N ARG B 40 3.60 24.37 0.75
CA ARG B 40 3.13 23.51 1.87
C ARG B 40 4.34 22.80 2.52
N GLN B 41 4.09 22.11 3.67
CA GLN B 41 5.15 21.56 4.59
C GLN B 41 6.38 20.96 3.85
N GLU B 42 7.58 21.19 4.41
CA GLU B 42 8.83 20.63 3.92
C GLU B 42 9.55 19.98 5.12
N ARG B 43 9.27 18.68 5.30
CA ARG B 43 9.49 17.96 6.55
C ARG B 43 10.57 16.88 6.41
N PHE B 44 10.46 16.07 5.36
CA PHE B 44 11.27 14.84 5.19
C PHE B 44 11.72 14.70 3.71
N ASP A 1 -7.08 -26.38 12.99
CA ASP A 1 -6.66 -24.97 12.79
C ASP A 1 -7.03 -24.44 11.39
N PHE A 2 -7.51 -25.32 10.49
CA PHE A 2 -7.78 -24.98 9.08
C PHE A 2 -8.76 -23.79 8.91
N LYS A 3 -9.96 -23.87 9.54
CA LYS A 3 -11.01 -22.85 9.35
C LYS A 3 -10.51 -21.44 9.77
N LYS A 4 -9.75 -21.42 10.88
CA LYS A 4 -9.30 -20.18 11.51
C LYS A 4 -8.02 -19.66 10.82
N LEU A 5 -7.14 -20.59 10.33
CA LEU A 5 -5.89 -20.19 9.64
C LEU A 5 -6.23 -19.50 8.33
N TYR A 6 -7.32 -20.00 7.71
CA TYR A 6 -7.91 -19.40 6.52
C TYR A 6 -8.28 -17.94 6.82
N GLU A 7 -8.84 -17.72 8.02
CA GLU A 7 -9.16 -16.38 8.52
C GLU A 7 -7.91 -15.56 8.89
N GLN A 8 -6.88 -16.20 9.51
CA GLN A 8 -5.68 -15.48 10.03
C GLN A 8 -4.91 -14.80 8.90
N ILE A 9 -4.40 -15.60 7.94
CA ILE A 9 -3.67 -15.09 6.77
C ILE A 9 -4.56 -14.12 5.95
N LEU A 10 -5.81 -14.54 5.64
CA LEU A 10 -6.74 -13.79 4.78
C LEU A 10 -7.24 -12.48 5.44
N ALA A 11 -7.20 -12.40 6.77
CA ALA A 11 -7.54 -11.16 7.52
C ALA A 11 -6.51 -10.08 7.19
N GLU A 12 -5.23 -10.48 7.25
CA GLU A 12 -4.10 -9.63 6.86
C GLU A 12 -4.16 -9.35 5.34
N ASN A 13 -4.44 -10.40 4.54
CA ASN A 13 -4.47 -10.36 3.06
C ASN A 13 -5.53 -9.37 2.52
N GLU A 14 -6.71 -9.38 3.18
CA GLU A 14 -7.85 -8.48 2.87
C GLU A 14 -7.46 -7.04 3.20
N LYS A 15 -6.90 -6.87 4.41
CA LYS A 15 -6.40 -5.57 4.87
C LYS A 15 -5.38 -5.01 3.87
N LEU A 16 -4.48 -5.90 3.41
CA LEU A 16 -3.39 -5.58 2.47
C LEU A 16 -3.96 -5.20 1.10
N LYS A 17 -5.09 -5.81 0.74
CA LYS A 17 -5.82 -5.52 -0.51
C LYS A 17 -6.38 -4.09 -0.48
N ALA A 18 -6.84 -3.68 0.72
CA ALA A 18 -7.47 -2.38 0.95
C ALA A 18 -6.43 -1.25 0.91
N GLN A 19 -5.38 -1.39 1.74
CA GLN A 19 -4.31 -0.39 1.88
C GLN A 19 -3.46 -0.27 0.61
N LEU A 20 -3.27 -1.39 -0.13
CA LEU A 20 -2.54 -1.34 -1.42
C LEU A 20 -3.33 -0.55 -2.43
N HIS A 21 -4.65 -0.85 -2.51
CA HIS A 21 -5.57 -0.21 -3.46
C HIS A 21 -5.57 1.30 -3.22
N ASP A 22 -5.56 1.66 -1.92
CA ASP A 22 -5.58 3.05 -1.44
C ASP A 22 -4.28 3.78 -1.80
N THR A 23 -3.12 3.08 -1.64
CA THR A 23 -1.79 3.65 -1.94
C THR A 23 -1.58 3.78 -3.47
N ASN A 24 -2.20 2.86 -4.26
CA ASN A 24 -2.11 2.85 -5.73
C ASN A 24 -2.96 3.98 -6.32
N MET A 25 -4.16 4.20 -5.73
CA MET A 25 -5.05 5.29 -6.14
C MET A 25 -4.39 6.65 -5.94
N GLU A 26 -3.88 6.91 -4.72
CA GLU A 26 -3.24 8.20 -4.40
C GLU A 26 -1.89 8.33 -5.11
N LEU A 27 -1.28 7.20 -5.52
CA LEU A 27 -0.10 7.19 -6.41
C LEU A 27 -0.50 7.78 -7.78
N THR A 28 -1.68 7.35 -8.30
CA THR A 28 -2.21 7.84 -9.59
C THR A 28 -2.48 9.36 -9.52
N ASP A 29 -3.14 9.78 -8.43
CA ASP A 29 -3.43 11.20 -8.15
C ASP A 29 -2.11 11.99 -8.07
N LEU A 30 -1.18 11.50 -7.22
CA LEU A 30 0.10 12.18 -6.92
C LEU A 30 0.92 12.39 -8.19
N LYS A 31 1.11 11.32 -8.99
CA LYS A 31 1.97 11.36 -10.20
C LYS A 31 1.37 12.28 -11.27
N LEU A 32 0.02 12.30 -11.34
CA LEU A 32 -0.72 13.10 -12.31
C LEU A 32 -0.48 14.60 -12.06
N GLN A 33 -0.80 15.06 -10.85
CA GLN A 33 -0.66 16.47 -10.46
C GLN A 33 0.83 16.89 -10.43
N LEU A 34 1.67 15.94 -9.97
CA LEU A 34 3.12 16.12 -9.81
C LEU A 34 3.71 16.65 -11.10
N GLU A 35 3.55 15.85 -12.19
CA GLU A 35 4.10 16.11 -13.53
C GLU A 35 3.42 17.32 -14.22
N LYS A 36 2.15 17.64 -13.82
CA LYS A 36 1.50 18.93 -14.20
C LYS A 36 2.19 20.12 -13.49
N ALA A 37 3.03 19.79 -12.50
CA ALA A 37 3.90 20.71 -11.75
C ALA A 37 3.07 21.36 -10.65
N THR A 38 2.50 20.48 -9.79
CA THR A 38 1.58 20.95 -8.70
C THR A 38 2.37 21.38 -7.47
N GLN A 39 1.64 21.85 -6.43
CA GLN A 39 2.24 22.26 -5.15
C GLN A 39 1.86 21.31 -4.00
N ARG A 40 0.57 20.99 -3.87
CA ARG A 40 0.05 20.25 -2.70
C ARG A 40 -1.07 19.26 -3.08
N GLN A 41 -1.08 18.12 -2.37
CA GLN A 41 -2.18 17.13 -2.39
C GLN A 41 -3.14 17.42 -1.21
N GLU A 42 -4.31 16.76 -1.21
CA GLU A 42 -5.25 16.84 -0.07
C GLU A 42 -5.27 15.49 0.68
N ARG A 43 -5.19 14.38 -0.09
CA ARG A 43 -5.29 12.98 0.38
C ARG A 43 -6.67 12.72 1.06
N PHE A 44 -6.80 13.11 2.34
CA PHE A 44 -8.07 13.07 3.10
C PHE A 44 -8.12 14.25 4.07
N ASP B 1 -5.68 -30.08 2.93
CA ASP B 1 -6.28 -28.78 2.67
C ASP B 1 -5.51 -27.68 3.41
N PHE B 2 -5.01 -28.04 4.60
CA PHE B 2 -4.38 -27.10 5.54
C PHE B 2 -2.97 -26.68 5.06
N LYS B 3 -2.22 -27.64 4.48
CA LYS B 3 -0.87 -27.36 3.97
C LYS B 3 -0.94 -26.39 2.78
N LYS B 4 -1.89 -26.68 1.85
CA LYS B 4 -2.06 -25.91 0.62
C LYS B 4 -2.65 -24.55 0.93
N LEU B 5 -3.53 -24.49 1.96
CA LEU B 5 -4.14 -23.23 2.45
C LEU B 5 -3.03 -22.23 2.77
N TYR B 6 -2.08 -22.67 3.62
CA TYR B 6 -0.99 -21.82 4.06
C TYR B 6 -0.18 -21.36 2.83
N GLU B 7 0.04 -22.28 1.89
CA GLU B 7 0.77 -21.98 0.65
C GLU B 7 0.05 -20.93 -0.21
N GLN B 8 -1.27 -21.06 -0.39
CA GLN B 8 -2.03 -20.19 -1.32
C GLN B 8 -2.07 -18.75 -0.79
N ILE B 9 -2.78 -18.55 0.35
CA ILE B 9 -3.04 -17.21 0.87
C ILE B 9 -1.73 -16.53 1.38
N LEU B 10 -0.80 -17.31 2.01
CA LEU B 10 0.47 -16.72 2.55
C LEU B 10 1.43 -16.35 1.41
N ALA B 11 1.47 -17.14 0.31
CA ALA B 11 2.30 -16.79 -0.87
C ALA B 11 1.82 -15.46 -1.47
N GLU B 12 0.49 -15.31 -1.53
CA GLU B 12 -0.16 -14.09 -2.01
C GLU B 12 0.09 -12.92 -1.04
N ASN B 13 0.03 -13.23 0.27
CA ASN B 13 0.17 -12.25 1.38
C ASN B 13 1.59 -11.66 1.40
N GLU B 14 2.55 -12.53 1.09
CA GLU B 14 3.97 -12.19 0.92
C GLU B 14 4.16 -11.26 -0.28
N LYS B 15 3.52 -11.63 -1.40
CA LYS B 15 3.51 -10.80 -2.62
C LYS B 15 2.91 -9.41 -2.30
N LEU B 16 1.86 -9.40 -1.45
CA LEU B 16 1.16 -8.18 -1.02
C LEU B 16 2.07 -7.29 -0.15
N LYS B 17 2.92 -7.94 0.64
CA LYS B 17 3.90 -7.27 1.48
C LYS B 17 4.93 -6.50 0.63
N ALA B 18 5.39 -7.17 -0.44
CA ALA B 18 6.45 -6.66 -1.33
C ALA B 18 5.91 -5.56 -2.26
N GLN B 19 4.69 -5.76 -2.78
CA GLN B 19 4.07 -4.81 -3.72
C GLN B 19 3.68 -3.51 -2.99
N LEU B 20 3.19 -3.64 -1.72
CA LEU B 20 2.75 -2.48 -0.94
C LEU B 20 3.96 -1.61 -0.60
N HIS B 21 5.07 -2.27 -0.18
CA HIS B 21 6.31 -1.60 0.19
C HIS B 21 6.85 -0.84 -1.03
N ASP B 22 6.81 -1.52 -2.20
CA ASP B 22 7.25 -0.97 -3.50
C ASP B 22 6.38 0.26 -3.90
N THR B 23 5.05 0.13 -3.72
CA THR B 23 4.07 1.20 -4.04
C THR B 23 4.31 2.42 -3.13
N ASN B 24 4.70 2.15 -1.87
CA ASN B 24 5.02 3.18 -0.89
C ASN B 24 6.30 3.92 -1.32
N MET B 25 7.29 3.18 -1.89
CA MET B 25 8.51 3.78 -2.46
C MET B 25 8.18 4.71 -3.66
N GLU B 26 7.20 4.30 -4.48
CA GLU B 26 6.73 5.10 -5.63
C GLU B 26 6.02 6.37 -5.13
N LEU B 27 5.22 6.21 -4.08
CA LEU B 27 4.50 7.31 -3.42
C LEU B 27 5.51 8.29 -2.76
N THR B 28 6.61 7.74 -2.20
CA THR B 28 7.69 8.53 -1.58
C THR B 28 8.58 9.19 -2.66
N ASP B 29 8.58 8.58 -3.87
CA ASP B 29 9.25 9.13 -5.05
C ASP B 29 8.53 10.40 -5.52
N LEU B 30 7.19 10.31 -5.64
CA LEU B 30 6.32 11.44 -6.04
C LEU B 30 6.36 12.56 -4.99
N LYS B 31 6.45 12.14 -3.73
CA LYS B 31 6.67 12.99 -2.56
C LYS B 31 7.98 13.78 -2.71
N LEU B 32 9.06 13.06 -3.08
CA LEU B 32 10.41 13.64 -3.25
C LEU B 32 10.45 14.60 -4.46
N GLN B 33 9.75 14.21 -5.54
CA GLN B 33 9.68 15.01 -6.76
C GLN B 33 8.83 16.27 -6.54
N LEU B 34 7.86 16.20 -5.60
CA LEU B 34 6.90 17.31 -5.35
C LEU B 34 7.54 18.40 -4.46
N GLU B 35 8.41 17.98 -3.53
CA GLU B 35 9.18 18.92 -2.70
C GLU B 35 10.31 19.55 -3.53
N LYS B 36 10.79 18.82 -4.55
CA LYS B 36 11.77 19.34 -5.53
C LYS B 36 11.08 20.14 -6.67
N ALA B 37 9.79 19.84 -6.92
CA ALA B 37 8.98 20.59 -7.91
C ALA B 37 8.71 22.00 -7.38
N THR B 38 8.50 22.07 -6.04
CA THR B 38 8.19 23.32 -5.34
C THR B 38 8.55 23.20 -3.83
N GLN B 39 7.70 22.50 -3.05
CA GLN B 39 7.83 22.44 -1.57
C GLN B 39 7.05 21.27 -0.96
N ARG B 40 5.82 21.03 -1.48
CA ARG B 40 4.89 19.98 -0.97
C ARG B 40 4.39 20.31 0.48
N GLN B 41 3.22 19.77 0.87
CA GLN B 41 2.60 20.00 2.20
C GLN B 41 3.56 19.55 3.33
N GLU B 42 3.44 20.19 4.50
CA GLU B 42 4.28 19.87 5.68
C GLU B 42 3.42 19.19 6.74
N ARG B 43 2.35 18.53 6.26
CA ARG B 43 1.45 17.70 7.04
C ARG B 43 2.19 16.49 7.64
N PHE B 44 2.87 15.72 6.77
CA PHE B 44 3.73 14.61 7.17
C PHE B 44 4.89 14.52 6.14
N ASP A 1 -10.38 -26.16 15.50
CA ASP A 1 -9.21 -25.27 15.46
C ASP A 1 -9.02 -24.69 14.05
N PHE A 2 -8.78 -25.57 13.09
CA PHE A 2 -8.31 -25.20 11.74
C PHE A 2 -9.34 -24.41 10.90
N LYS A 3 -10.64 -24.50 11.23
CA LYS A 3 -11.69 -23.74 10.52
C LYS A 3 -11.49 -22.23 10.77
N LYS A 4 -11.16 -21.87 12.05
CA LYS A 4 -10.93 -20.48 12.43
C LYS A 4 -9.53 -20.07 11.97
N LEU A 5 -8.55 -21.03 11.91
CA LEU A 5 -7.17 -20.76 11.40
C LEU A 5 -7.24 -20.13 10.00
N TYR A 6 -8.11 -20.72 9.16
CA TYR A 6 -8.42 -20.23 7.81
C TYR A 6 -8.86 -18.76 7.90
N GLU A 7 -9.85 -18.52 8.77
CA GLU A 7 -10.48 -17.21 8.97
C GLU A 7 -9.49 -16.15 9.51
N GLN A 8 -8.52 -16.55 10.34
CA GLN A 8 -7.55 -15.62 10.97
C GLN A 8 -6.63 -15.01 9.91
N ILE A 9 -5.92 -15.89 9.16
CA ILE A 9 -5.04 -15.45 8.06
C ILE A 9 -5.85 -14.68 6.98
N LEU A 10 -7.01 -15.26 6.60
CA LEU A 10 -7.88 -14.76 5.49
C LEU A 10 -8.50 -13.39 5.82
N ALA A 11 -8.79 -13.12 7.11
CA ALA A 11 -9.33 -11.82 7.56
C ALA A 11 -8.24 -10.74 7.44
N GLU A 12 -7.00 -11.13 7.81
CA GLU A 12 -5.81 -10.27 7.68
C GLU A 12 -5.41 -10.13 6.19
N ASN A 13 -5.69 -11.17 5.39
CA ASN A 13 -5.35 -11.25 3.95
C ASN A 13 -6.30 -10.34 3.15
N GLU A 14 -7.58 -10.36 3.54
CA GLU A 14 -8.64 -9.44 3.05
C GLU A 14 -8.28 -8.01 3.42
N LYS A 15 -7.87 -7.83 4.69
CA LYS A 15 -7.45 -6.53 5.22
C LYS A 15 -6.31 -5.95 4.37
N LEU A 16 -5.31 -6.80 4.05
CA LEU A 16 -4.11 -6.42 3.26
C LEU A 16 -4.48 -6.09 1.81
N LYS A 17 -5.53 -6.75 1.30
CA LYS A 17 -6.10 -6.47 -0.03
C LYS A 17 -6.81 -5.09 -0.02
N ALA A 18 -7.43 -4.76 1.13
CA ALA A 18 -8.23 -3.54 1.30
C ALA A 18 -7.31 -2.31 1.39
N GLN A 19 -6.35 -2.36 2.32
CA GLN A 19 -5.39 -1.28 2.58
C GLN A 19 -4.42 -1.06 1.41
N LEU A 20 -4.15 -2.14 0.62
CA LEU A 20 -3.37 -1.97 -0.63
C LEU A 20 -4.19 -1.13 -1.60
N HIS A 21 -5.51 -1.45 -1.72
CA HIS A 21 -6.42 -0.75 -2.64
C HIS A 21 -6.48 0.75 -2.29
N ASP A 22 -6.46 1.06 -0.99
CA ASP A 22 -6.39 2.44 -0.50
C ASP A 22 -5.09 3.13 -0.96
N THR A 23 -3.92 2.49 -0.63
CA THR A 23 -2.59 3.06 -0.90
C THR A 23 -2.29 3.16 -2.43
N ASN A 24 -2.89 2.25 -3.23
CA ASN A 24 -2.68 2.20 -4.70
C ASN A 24 -3.45 3.34 -5.39
N MET A 25 -4.74 3.49 -5.02
CA MET A 25 -5.60 4.55 -5.55
C MET A 25 -5.09 5.94 -5.16
N GLU A 26 -4.68 6.09 -3.88
CA GLU A 26 -4.23 7.39 -3.36
C GLU A 26 -2.81 7.70 -3.85
N LEU A 27 -1.97 6.66 -4.14
CA LEU A 27 -0.67 6.85 -4.80
C LEU A 27 -0.87 7.47 -6.20
N THR A 28 -1.81 6.89 -6.98
CA THR A 28 -2.13 7.36 -8.34
C THR A 28 -2.72 8.79 -8.30
N ASP A 29 -3.56 9.04 -7.27
CA ASP A 29 -4.19 10.34 -7.00
C ASP A 29 -3.12 11.39 -6.62
N LEU A 30 -2.20 10.97 -5.72
CA LEU A 30 -1.18 11.84 -5.11
C LEU A 30 -0.11 12.21 -6.15
N LYS A 31 0.20 11.26 -7.05
CA LYS A 31 1.23 11.42 -8.10
C LYS A 31 0.65 12.21 -9.29
N LEU A 32 -0.68 12.08 -9.48
CA LEU A 32 -1.41 12.79 -10.53
C LEU A 32 -1.38 14.28 -10.24
N GLN A 33 -1.79 14.66 -9.01
CA GLN A 33 -1.78 16.05 -8.58
C GLN A 33 -0.33 16.57 -8.41
N LEU A 34 0.60 15.65 -7.99
CA LEU A 34 2.06 15.94 -7.86
C LEU A 34 2.56 16.70 -9.09
N GLU A 35 2.46 15.99 -10.24
CA GLU A 35 3.00 16.44 -11.54
C GLU A 35 2.17 17.60 -12.13
N LYS A 36 0.86 17.66 -11.80
CA LYS A 36 0.01 18.85 -12.07
C LYS A 36 0.50 20.07 -11.26
N ALA A 37 1.39 19.80 -10.27
CA ALA A 37 2.10 20.79 -9.44
C ALA A 37 1.19 21.22 -8.31
N THR A 38 0.85 20.23 -7.49
CA THR A 38 -0.15 20.40 -6.41
C THR A 38 0.34 21.33 -5.28
N GLN A 39 -0.53 21.52 -4.27
CA GLN A 39 -0.22 22.27 -3.05
C GLN A 39 -0.36 21.34 -1.83
N ARG A 40 -1.55 20.76 -1.66
CA ARG A 40 -1.87 19.84 -0.54
C ARG A 40 -2.32 18.46 -1.07
N GLN A 41 -2.86 17.68 -0.15
CA GLN A 41 -3.74 16.54 -0.42
C GLN A 41 -4.89 16.61 0.59
N GLU A 42 -5.98 15.95 0.28
CA GLU A 42 -7.22 15.96 1.09
C GLU A 42 -7.71 14.52 1.24
N ARG A 43 -6.69 13.61 1.30
CA ARG A 43 -6.81 12.19 1.62
C ARG A 43 -7.80 11.94 2.79
N PHE A 44 -7.58 12.64 3.91
CA PHE A 44 -8.48 12.62 5.07
C PHE A 44 -8.42 13.97 5.79
N ASP B 1 -3.82 -31.99 6.72
CA ASP B 1 -4.59 -31.51 5.57
C ASP B 1 -4.72 -29.99 5.59
N PHE B 2 -4.89 -29.44 6.79
CA PHE B 2 -5.14 -28.00 7.00
C PHE B 2 -3.84 -27.19 7.19
N LYS B 3 -2.72 -27.90 7.40
CA LYS B 3 -1.39 -27.27 7.56
C LYS B 3 -1.04 -26.47 6.29
N LYS B 4 -1.52 -26.97 5.14
CA LYS B 4 -1.28 -26.37 3.85
C LYS B 4 -2.19 -25.14 3.67
N LEU B 5 -3.40 -25.09 4.34
CA LEU B 5 -4.26 -23.88 4.29
C LEU B 5 -3.47 -22.73 4.89
N TYR B 6 -2.72 -23.06 5.99
CA TYR B 6 -1.81 -22.08 6.61
C TYR B 6 -0.83 -21.58 5.54
N GLU B 7 -0.16 -22.52 4.86
CA GLU B 7 0.84 -22.23 3.82
C GLU B 7 0.28 -21.40 2.64
N GLN B 8 -0.96 -21.70 2.22
CA GLN B 8 -1.59 -21.03 1.05
C GLN B 8 -1.83 -19.55 1.34
N ILE B 9 -2.67 -19.29 2.35
CA ILE B 9 -3.12 -17.95 2.68
C ILE B 9 -1.95 -17.09 3.23
N LEU B 10 -1.03 -17.73 3.98
CA LEU B 10 0.16 -17.07 4.58
C LEU B 10 1.17 -16.67 3.48
N ALA B 11 1.30 -17.50 2.43
CA ALA B 11 2.14 -17.17 1.25
C ALA B 11 1.56 -15.96 0.50
N GLU B 12 0.22 -15.94 0.37
CA GLU B 12 -0.51 -14.81 -0.23
C GLU B 12 -0.42 -13.56 0.68
N ASN B 13 -0.45 -13.80 2.01
CA ASN B 13 -0.42 -12.74 3.06
C ASN B 13 0.97 -12.09 3.12
N GLU B 14 2.01 -12.92 2.88
CA GLU B 14 3.41 -12.50 2.75
C GLU B 14 3.55 -11.56 1.57
N LYS B 15 3.01 -12.02 0.42
CA LYS B 15 3.03 -11.26 -0.83
C LYS B 15 2.35 -9.89 -0.64
N LEU B 16 1.18 -9.90 0.02
CA LEU B 16 0.38 -8.69 0.29
C LEU B 16 1.09 -7.74 1.28
N LYS B 17 1.89 -8.32 2.17
CA LYS B 17 2.71 -7.58 3.14
C LYS B 17 3.87 -6.87 2.38
N ALA B 18 4.42 -7.59 1.38
CA ALA B 18 5.60 -7.16 0.61
C ALA B 18 5.24 -6.02 -0.37
N GLN B 19 4.11 -6.19 -1.07
CA GLN B 19 3.63 -5.23 -2.09
C GLN B 19 3.13 -3.94 -1.44
N LEU B 20 2.48 -4.05 -0.24
CA LEU B 20 2.04 -2.85 0.50
C LEU B 20 3.27 -2.04 0.94
N HIS B 21 4.33 -2.76 1.41
CA HIS B 21 5.62 -2.16 1.79
C HIS B 21 6.16 -1.29 0.65
N ASP B 22 6.15 -1.86 -0.56
CA ASP B 22 6.63 -1.19 -1.77
C ASP B 22 5.78 0.04 -2.11
N THR B 23 4.44 -0.11 -2.10
CA THR B 23 3.50 0.98 -2.46
C THR B 23 3.53 2.13 -1.43
N ASN B 24 3.85 1.78 -0.17
CA ASN B 24 4.01 2.76 0.92
C ASN B 24 5.32 3.53 0.75
N MET B 25 6.39 2.83 0.27
CA MET B 25 7.67 3.47 -0.10
C MET B 25 7.50 4.37 -1.35
N GLU B 26 6.60 3.97 -2.27
CA GLU B 26 6.26 4.80 -3.43
C GLU B 26 5.60 6.09 -2.97
N LEU B 27 4.71 5.96 -1.96
CA LEU B 27 3.98 7.08 -1.35
C LEU B 27 4.93 7.95 -0.47
N THR B 28 5.97 7.32 0.14
CA THR B 28 7.00 8.03 0.92
C THR B 28 7.85 8.92 -0.01
N ASP B 29 8.29 8.31 -1.12
CA ASP B 29 9.03 8.98 -2.19
C ASP B 29 8.16 10.08 -2.81
N LEU B 30 6.85 9.80 -2.91
CA LEU B 30 5.88 10.69 -3.53
C LEU B 30 5.74 11.98 -2.72
N LYS B 31 5.50 11.85 -1.40
CA LYS B 31 5.27 13.02 -0.52
C LYS B 31 6.57 13.86 -0.38
N LEU B 32 7.72 13.20 -0.57
CA LEU B 32 9.02 13.87 -0.67
C LEU B 32 9.08 14.75 -1.96
N GLN B 33 8.76 14.13 -3.12
CA GLN B 33 8.64 14.85 -4.43
C GLN B 33 7.58 15.96 -4.35
N LEU B 34 6.54 15.69 -3.53
CA LEU B 34 5.33 16.52 -3.43
C LEU B 34 5.68 17.88 -2.86
N GLU B 35 6.47 17.87 -1.76
CA GLU B 35 6.93 19.09 -1.08
C GLU B 35 8.03 19.81 -1.88
N LYS B 36 8.75 19.07 -2.75
CA LYS B 36 9.66 19.68 -3.74
C LYS B 36 8.88 20.39 -4.87
N ALA B 37 7.68 19.85 -5.18
CA ALA B 37 6.79 20.38 -6.24
C ALA B 37 5.93 21.54 -5.72
N THR B 38 5.73 21.62 -4.39
CA THR B 38 4.90 22.67 -3.76
C THR B 38 5.72 23.53 -2.80
N GLN B 39 5.10 24.62 -2.36
CA GLN B 39 5.61 25.49 -1.29
C GLN B 39 4.84 25.21 0.03
N ARG B 40 3.63 24.63 -0.12
CA ARG B 40 2.75 24.30 1.02
C ARG B 40 3.28 23.06 1.79
N GLN B 41 2.61 22.73 2.93
CA GLN B 41 2.77 21.50 3.75
C GLN B 41 4.21 21.25 4.26
N GLU B 42 5.16 20.94 3.35
CA GLU B 42 6.58 20.69 3.67
C GLU B 42 6.71 19.38 4.48
N ARG B 43 6.72 18.27 3.75
CA ARG B 43 6.74 16.90 4.29
C ARG B 43 8.12 16.55 4.87
N PHE B 44 9.17 16.95 4.14
CA PHE B 44 10.57 16.79 4.59
C PHE B 44 10.86 17.81 5.72
#